data_4DZD
# 
_entry.id   4DZD 
# 
_audit_conform.dict_name       mmcif_pdbx.dic 
_audit_conform.dict_version    5.381 
_audit_conform.dict_location   http://mmcif.pdb.org/dictionaries/ascii/mmcif_pdbx.dic 
# 
loop_
_database_2.database_id 
_database_2.database_code 
_database_2.pdbx_database_accession 
_database_2.pdbx_DOI 
PDB   4DZD         pdb_00004dzd 10.2210/pdb4dzd/pdb 
RCSB  RCSB070973   ?            ?                   
WWPDB D_1000070973 ?            ?                   
# 
_pdbx_database_status.status_code                     REL 
_pdbx_database_status.entry_id                        4DZD 
_pdbx_database_status.recvd_initial_deposition_date   2012-03-01 
_pdbx_database_status.deposit_site                    RCSB 
_pdbx_database_status.process_site                    PDBJ 
_pdbx_database_status.methods_development_category    ? 
_pdbx_database_status.status_code_sf                  REL 
_pdbx_database_status.status_code_mr                  ? 
_pdbx_database_status.SG_entry                        ? 
_pdbx_database_status.status_code_cs                  ? 
_pdbx_database_status.pdb_format_compatible           Y 
_pdbx_database_status.status_code_nmr_data            ? 
# 
loop_
_audit_author.name 
_audit_author.pdbx_ordinal 
'Wei, J.'   1 
'Huang, G.' 2 
'Wang, Y.'  3 
'Gong, W.'  4 
# 
_citation.id                        primary 
_citation.title                     'Crystal Structure of endoribonuclease Cas6e from Escherichia coli' 
_citation.journal_abbrev            'To be Published' 
_citation.journal_volume            ? 
_citation.page_first                ? 
_citation.page_last                 ? 
_citation.year                      ? 
_citation.journal_id_ASTM           ? 
_citation.country                   ? 
_citation.journal_id_ISSN           ? 
_citation.journal_id_CSD            0353 
_citation.book_publisher            ? 
_citation.pdbx_database_id_PubMed   ? 
_citation.pdbx_database_id_DOI      ? 
# 
loop_
_citation_author.citation_id 
_citation_author.name 
_citation_author.ordinal 
_citation_author.identifier_ORCID 
primary 'Wei, J.'   1 ? 
primary 'Huang, G.' 2 ? 
primary 'Wang, Y.'  3 ? 
primary 'Gong, W.'  4 ? 
# 
_cell.entry_id           4DZD 
_cell.length_a           59.900 
_cell.length_b           59.900 
_cell.length_c           128.660 
_cell.angle_alpha        90.00 
_cell.angle_beta         90.00 
_cell.angle_gamma        90.00 
_cell.Z_PDB              8 
_cell.pdbx_unique_axis   ? 
_cell.length_a_esd       ? 
_cell.length_b_esd       ? 
_cell.length_c_esd       ? 
_cell.angle_alpha_esd    ? 
_cell.angle_beta_esd     ? 
_cell.angle_gamma_esd    ? 
# 
_symmetry.entry_id                         4DZD 
_symmetry.space_group_name_H-M             'P 41 21 2' 
_symmetry.pdbx_full_space_group_name_H-M   ? 
_symmetry.cell_setting                     ? 
_symmetry.Int_Tables_number                92 
_symmetry.space_group_name_Hall            ? 
# 
loop_
_entity.id 
_entity.type 
_entity.src_method 
_entity.pdbx_description 
_entity.formula_weight 
_entity.pdbx_number_of_molecules 
_entity.pdbx_ec 
_entity.pdbx_mutation 
_entity.pdbx_fragment 
_entity.details 
1 polymer     man 'Uncharacterized protein ygcH' 24357.225 1   ? ? ? ? 
2 non-polymer syn GLYCEROL                       92.094    1   ? ? ? ? 
3 water       nat water                          18.015    143 ? ? ? ? 
# 
_entity_name_com.entity_id   1 
_entity_name_com.name        Cas6e 
# 
_entity_poly.entity_id                      1 
_entity_poly.type                           'polypeptide(L)' 
_entity_poly.nstd_linkage                   no 
_entity_poly.nstd_monomer                   no 
_entity_poly.pdbx_seq_one_letter_code       
;MGSSHHHHHHSSGLVPRGSMYLSKVIIARAWSRDLYQLHQGLWHLFPNRPDAARDFLFHVEKRNTPEGCHVLLQSAQMPV
STAVATVIKTKQVEFQLQVGVPLYFRLRANPIKTILDNQKRLDSKGNIKRCRVPLIKEAEQIAWLQRKLGNAARVEDVHP
ISERPQYFSGDGKSGKIQTVCFEGVLTINDAPALIDLVQQGIGPAKSMGCGLLSLAPL
;
_entity_poly.pdbx_seq_one_letter_code_can   
;MGSSHHHHHHSSGLVPRGSMYLSKVIIARAWSRDLYQLHQGLWHLFPNRPDAARDFLFHVEKRNTPEGCHVLLQSAQMPV
STAVATVIKTKQVEFQLQVGVPLYFRLRANPIKTILDNQKRLDSKGNIKRCRVPLIKEAEQIAWLQRKLGNAARVEDVHP
ISERPQYFSGDGKSGKIQTVCFEGVLTINDAPALIDLVQQGIGPAKSMGCGLLSLAPL
;
_entity_poly.pdbx_strand_id                 A 
_entity_poly.pdbx_target_identifier         ? 
# 
loop_
_entity_poly_seq.entity_id 
_entity_poly_seq.num 
_entity_poly_seq.mon_id 
_entity_poly_seq.hetero 
1 1   MET n 
1 2   GLY n 
1 3   SER n 
1 4   SER n 
1 5   HIS n 
1 6   HIS n 
1 7   HIS n 
1 8   HIS n 
1 9   HIS n 
1 10  HIS n 
1 11  SER n 
1 12  SER n 
1 13  GLY n 
1 14  LEU n 
1 15  VAL n 
1 16  PRO n 
1 17  ARG n 
1 18  GLY n 
1 19  SER n 
1 20  MET n 
1 21  TYR n 
1 22  LEU n 
1 23  SER n 
1 24  LYS n 
1 25  VAL n 
1 26  ILE n 
1 27  ILE n 
1 28  ALA n 
1 29  ARG n 
1 30  ALA n 
1 31  TRP n 
1 32  SER n 
1 33  ARG n 
1 34  ASP n 
1 35  LEU n 
1 36  TYR n 
1 37  GLN n 
1 38  LEU n 
1 39  HIS n 
1 40  GLN n 
1 41  GLY n 
1 42  LEU n 
1 43  TRP n 
1 44  HIS n 
1 45  LEU n 
1 46  PHE n 
1 47  PRO n 
1 48  ASN n 
1 49  ARG n 
1 50  PRO n 
1 51  ASP n 
1 52  ALA n 
1 53  ALA n 
1 54  ARG n 
1 55  ASP n 
1 56  PHE n 
1 57  LEU n 
1 58  PHE n 
1 59  HIS n 
1 60  VAL n 
1 61  GLU n 
1 62  LYS n 
1 63  ARG n 
1 64  ASN n 
1 65  THR n 
1 66  PRO n 
1 67  GLU n 
1 68  GLY n 
1 69  CYS n 
1 70  HIS n 
1 71  VAL n 
1 72  LEU n 
1 73  LEU n 
1 74  GLN n 
1 75  SER n 
1 76  ALA n 
1 77  GLN n 
1 78  MET n 
1 79  PRO n 
1 80  VAL n 
1 81  SER n 
1 82  THR n 
1 83  ALA n 
1 84  VAL n 
1 85  ALA n 
1 86  THR n 
1 87  VAL n 
1 88  ILE n 
1 89  LYS n 
1 90  THR n 
1 91  LYS n 
1 92  GLN n 
1 93  VAL n 
1 94  GLU n 
1 95  PHE n 
1 96  GLN n 
1 97  LEU n 
1 98  GLN n 
1 99  VAL n 
1 100 GLY n 
1 101 VAL n 
1 102 PRO n 
1 103 LEU n 
1 104 TYR n 
1 105 PHE n 
1 106 ARG n 
1 107 LEU n 
1 108 ARG n 
1 109 ALA n 
1 110 ASN n 
1 111 PRO n 
1 112 ILE n 
1 113 LYS n 
1 114 THR n 
1 115 ILE n 
1 116 LEU n 
1 117 ASP n 
1 118 ASN n 
1 119 GLN n 
1 120 LYS n 
1 121 ARG n 
1 122 LEU n 
1 123 ASP n 
1 124 SER n 
1 125 LYS n 
1 126 GLY n 
1 127 ASN n 
1 128 ILE n 
1 129 LYS n 
1 130 ARG n 
1 131 CYS n 
1 132 ARG n 
1 133 VAL n 
1 134 PRO n 
1 135 LEU n 
1 136 ILE n 
1 137 LYS n 
1 138 GLU n 
1 139 ALA n 
1 140 GLU n 
1 141 GLN n 
1 142 ILE n 
1 143 ALA n 
1 144 TRP n 
1 145 LEU n 
1 146 GLN n 
1 147 ARG n 
1 148 LYS n 
1 149 LEU n 
1 150 GLY n 
1 151 ASN n 
1 152 ALA n 
1 153 ALA n 
1 154 ARG n 
1 155 VAL n 
1 156 GLU n 
1 157 ASP n 
1 158 VAL n 
1 159 HIS n 
1 160 PRO n 
1 161 ILE n 
1 162 SER n 
1 163 GLU n 
1 164 ARG n 
1 165 PRO n 
1 166 GLN n 
1 167 TYR n 
1 168 PHE n 
1 169 SER n 
1 170 GLY n 
1 171 ASP n 
1 172 GLY n 
1 173 LYS n 
1 174 SER n 
1 175 GLY n 
1 176 LYS n 
1 177 ILE n 
1 178 GLN n 
1 179 THR n 
1 180 VAL n 
1 181 CYS n 
1 182 PHE n 
1 183 GLU n 
1 184 GLY n 
1 185 VAL n 
1 186 LEU n 
1 187 THR n 
1 188 ILE n 
1 189 ASN n 
1 190 ASP n 
1 191 ALA n 
1 192 PRO n 
1 193 ALA n 
1 194 LEU n 
1 195 ILE n 
1 196 ASP n 
1 197 LEU n 
1 198 VAL n 
1 199 GLN n 
1 200 GLN n 
1 201 GLY n 
1 202 ILE n 
1 203 GLY n 
1 204 PRO n 
1 205 ALA n 
1 206 LYS n 
1 207 SER n 
1 208 MET n 
1 209 GLY n 
1 210 CYS n 
1 211 GLY n 
1 212 LEU n 
1 213 LEU n 
1 214 SER n 
1 215 LEU n 
1 216 ALA n 
1 217 PRO n 
1 218 LEU n 
# 
_entity_src_gen.entity_id                          1 
_entity_src_gen.pdbx_src_id                        1 
_entity_src_gen.pdbx_alt_source_flag               sample 
_entity_src_gen.pdbx_seq_type                      ? 
_entity_src_gen.pdbx_beg_seq_num                   ? 
_entity_src_gen.pdbx_end_seq_num                   ? 
_entity_src_gen.gene_src_common_name               ? 
_entity_src_gen.gene_src_genus                     ? 
_entity_src_gen.pdbx_gene_src_gene                 ygcH 
_entity_src_gen.gene_src_species                   ? 
_entity_src_gen.gene_src_strain                    K12 
_entity_src_gen.gene_src_tissue                    ? 
_entity_src_gen.gene_src_tissue_fraction           ? 
_entity_src_gen.gene_src_details                   ? 
_entity_src_gen.pdbx_gene_src_fragment             ? 
_entity_src_gen.pdbx_gene_src_scientific_name      'Escherichia coli' 
_entity_src_gen.pdbx_gene_src_ncbi_taxonomy_id     83333 
_entity_src_gen.pdbx_gene_src_variant              ? 
_entity_src_gen.pdbx_gene_src_cell_line            ? 
_entity_src_gen.pdbx_gene_src_atcc                 ? 
_entity_src_gen.pdbx_gene_src_organ                ? 
_entity_src_gen.pdbx_gene_src_organelle            ? 
_entity_src_gen.pdbx_gene_src_cell                 ? 
_entity_src_gen.pdbx_gene_src_cellular_location    ? 
_entity_src_gen.host_org_common_name               ? 
_entity_src_gen.pdbx_host_org_scientific_name      'Escherichia coli' 
_entity_src_gen.pdbx_host_org_ncbi_taxonomy_id     562 
_entity_src_gen.host_org_genus                     ? 
_entity_src_gen.pdbx_host_org_gene                 ? 
_entity_src_gen.pdbx_host_org_organ                ? 
_entity_src_gen.host_org_species                   ? 
_entity_src_gen.pdbx_host_org_tissue               ? 
_entity_src_gen.pdbx_host_org_tissue_fraction      ? 
_entity_src_gen.pdbx_host_org_strain               BL21 
_entity_src_gen.pdbx_host_org_variant              ? 
_entity_src_gen.pdbx_host_org_cell_line            ? 
_entity_src_gen.pdbx_host_org_atcc                 ? 
_entity_src_gen.pdbx_host_org_culture_collection   ? 
_entity_src_gen.pdbx_host_org_cell                 ? 
_entity_src_gen.pdbx_host_org_organelle            ? 
_entity_src_gen.pdbx_host_org_cellular_location    ? 
_entity_src_gen.pdbx_host_org_vector_type          plasmid 
_entity_src_gen.pdbx_host_org_vector               ? 
_entity_src_gen.host_org_details                   ? 
_entity_src_gen.expression_system_id               ? 
_entity_src_gen.plasmid_name                       pET28a 
_entity_src_gen.plasmid_details                    ? 
_entity_src_gen.pdbx_description                   ? 
# 
_struct_ref.id                         1 
_struct_ref.db_name                    UNP 
_struct_ref.db_code                    YGCH_ECOLI 
_struct_ref.pdbx_db_accession          Q46897 
_struct_ref.entity_id                  1 
_struct_ref.pdbx_seq_one_letter_code   
;MYLSKVIIARAWSRDLYQLHQGLWHLFPNRPDAARDFLFHVEKRNTPEGCHVLLQSAQMPVSTAVATVIKTKQVEFQLQV
GVPLYFRLRANPIKTILDNQKRLDSKGNIKRCRVPLIKEAEQIAWLQRKLGNAARVEDVHPISERPQYFSGDGKSGKIQT
VCFEGVLTINDAPALIDLVQQGIGPAKSMGCGLLSLAPL
;
_struct_ref.pdbx_align_begin           1 
_struct_ref.pdbx_db_isoform            ? 
# 
_struct_ref_seq.align_id                      1 
_struct_ref_seq.ref_id                        1 
_struct_ref_seq.pdbx_PDB_id_code              4DZD 
_struct_ref_seq.pdbx_strand_id                A 
_struct_ref_seq.seq_align_beg                 20 
_struct_ref_seq.pdbx_seq_align_beg_ins_code   ? 
_struct_ref_seq.seq_align_end                 218 
_struct_ref_seq.pdbx_seq_align_end_ins_code   ? 
_struct_ref_seq.pdbx_db_accession             Q46897 
_struct_ref_seq.db_align_beg                  1 
_struct_ref_seq.pdbx_db_align_beg_ins_code    ? 
_struct_ref_seq.db_align_end                  199 
_struct_ref_seq.pdbx_db_align_end_ins_code    ? 
_struct_ref_seq.pdbx_auth_seq_align_beg       1 
_struct_ref_seq.pdbx_auth_seq_align_end       199 
# 
loop_
_struct_ref_seq_dif.align_id 
_struct_ref_seq_dif.pdbx_pdb_id_code 
_struct_ref_seq_dif.mon_id 
_struct_ref_seq_dif.pdbx_pdb_strand_id 
_struct_ref_seq_dif.seq_num 
_struct_ref_seq_dif.pdbx_pdb_ins_code 
_struct_ref_seq_dif.pdbx_seq_db_name 
_struct_ref_seq_dif.pdbx_seq_db_accession_code 
_struct_ref_seq_dif.db_mon_id 
_struct_ref_seq_dif.pdbx_seq_db_seq_num 
_struct_ref_seq_dif.details 
_struct_ref_seq_dif.pdbx_auth_seq_num 
_struct_ref_seq_dif.pdbx_ordinal 
1 4DZD MET A 1  ? UNP Q46897 ? ? 'expression tag' -18 1  
1 4DZD GLY A 2  ? UNP Q46897 ? ? 'expression tag' -17 2  
1 4DZD SER A 3  ? UNP Q46897 ? ? 'expression tag' -16 3  
1 4DZD SER A 4  ? UNP Q46897 ? ? 'expression tag' -15 4  
1 4DZD HIS A 5  ? UNP Q46897 ? ? 'expression tag' -14 5  
1 4DZD HIS A 6  ? UNP Q46897 ? ? 'expression tag' -13 6  
1 4DZD HIS A 7  ? UNP Q46897 ? ? 'expression tag' -12 7  
1 4DZD HIS A 8  ? UNP Q46897 ? ? 'expression tag' -11 8  
1 4DZD HIS A 9  ? UNP Q46897 ? ? 'expression tag' -10 9  
1 4DZD HIS A 10 ? UNP Q46897 ? ? 'expression tag' -9  10 
1 4DZD SER A 11 ? UNP Q46897 ? ? 'expression tag' -8  11 
1 4DZD SER A 12 ? UNP Q46897 ? ? 'expression tag' -7  12 
1 4DZD GLY A 13 ? UNP Q46897 ? ? 'expression tag' -6  13 
1 4DZD LEU A 14 ? UNP Q46897 ? ? 'expression tag' -5  14 
1 4DZD VAL A 15 ? UNP Q46897 ? ? 'expression tag' -4  15 
1 4DZD PRO A 16 ? UNP Q46897 ? ? 'expression tag' -3  16 
1 4DZD ARG A 17 ? UNP Q46897 ? ? 'expression tag' -2  17 
1 4DZD GLY A 18 ? UNP Q46897 ? ? 'expression tag' -1  18 
1 4DZD SER A 19 ? UNP Q46897 ? ? 'expression tag' 0   19 
# 
loop_
_chem_comp.id 
_chem_comp.type 
_chem_comp.mon_nstd_flag 
_chem_comp.name 
_chem_comp.pdbx_synonyms 
_chem_comp.formula 
_chem_comp.formula_weight 
ALA 'L-peptide linking' y ALANINE         ?                               'C3 H7 N O2'     89.093  
ARG 'L-peptide linking' y ARGININE        ?                               'C6 H15 N4 O2 1' 175.209 
ASN 'L-peptide linking' y ASPARAGINE      ?                               'C4 H8 N2 O3'    132.118 
ASP 'L-peptide linking' y 'ASPARTIC ACID' ?                               'C4 H7 N O4'     133.103 
CYS 'L-peptide linking' y CYSTEINE        ?                               'C3 H7 N O2 S'   121.158 
GLN 'L-peptide linking' y GLUTAMINE       ?                               'C5 H10 N2 O3'   146.144 
GLU 'L-peptide linking' y 'GLUTAMIC ACID' ?                               'C5 H9 N O4'     147.129 
GLY 'peptide linking'   y GLYCINE         ?                               'C2 H5 N O2'     75.067  
GOL non-polymer         . GLYCEROL        'GLYCERIN; PROPANE-1,2,3-TRIOL' 'C3 H8 O3'       92.094  
HIS 'L-peptide linking' y HISTIDINE       ?                               'C6 H10 N3 O2 1' 156.162 
HOH non-polymer         . WATER           ?                               'H2 O'           18.015  
ILE 'L-peptide linking' y ISOLEUCINE      ?                               'C6 H13 N O2'    131.173 
LEU 'L-peptide linking' y LEUCINE         ?                               'C6 H13 N O2'    131.173 
LYS 'L-peptide linking' y LYSINE          ?                               'C6 H15 N2 O2 1' 147.195 
MET 'L-peptide linking' y METHIONINE      ?                               'C5 H11 N O2 S'  149.211 
PHE 'L-peptide linking' y PHENYLALANINE   ?                               'C9 H11 N O2'    165.189 
PRO 'L-peptide linking' y PROLINE         ?                               'C5 H9 N O2'     115.130 
SER 'L-peptide linking' y SERINE          ?                               'C3 H7 N O3'     105.093 
THR 'L-peptide linking' y THREONINE       ?                               'C4 H9 N O3'     119.119 
TRP 'L-peptide linking' y TRYPTOPHAN      ?                               'C11 H12 N2 O2'  204.225 
TYR 'L-peptide linking' y TYROSINE        ?                               'C9 H11 N O3'    181.189 
VAL 'L-peptide linking' y VALINE          ?                               'C5 H11 N O2'    117.146 
# 
_exptl.entry_id          4DZD 
_exptl.method            'X-RAY DIFFRACTION' 
_exptl.crystals_number   1 
# 
_exptl_crystal.id                    1 
_exptl_crystal.density_meas          ? 
_exptl_crystal.density_Matthews      2.37 
_exptl_crystal.density_percent_sol   48.08 
_exptl_crystal.description           ? 
_exptl_crystal.F_000                 ? 
_exptl_crystal.preparation           ? 
# 
_exptl_crystal_grow.crystal_id      1 
_exptl_crystal_grow.method          'VAPOR DIFFUSION, HANGING DROP' 
_exptl_crystal_grow.temp            289 
_exptl_crystal_grow.temp_details    ? 
_exptl_crystal_grow.pH              5.5 
_exptl_crystal_grow.pdbx_details    
'0.1M Bis-Tris, 0.2M ammonium acetate, 25% PEG3350, pH 5.5, VAPOR DIFFUSION, HANGING DROP, temperature 289K' 
_exptl_crystal_grow.pdbx_pH_range   . 
# 
_diffrn.id                     1 
_diffrn.ambient_temp           100 
_diffrn.ambient_temp_details   ? 
_diffrn.crystal_id             1 
# 
_diffrn_detector.diffrn_id              1 
_diffrn_detector.detector               CCD 
_diffrn_detector.type                   'ADSC QUANTUM 315' 
_diffrn_detector.pdbx_collection_date   2010-09-27 
_diffrn_detector.details                ? 
# 
_diffrn_radiation.diffrn_id                        1 
_diffrn_radiation.wavelength_id                    1 
_diffrn_radiation.pdbx_monochromatic_or_laue_m_l   M 
_diffrn_radiation.monochromator                    'Si 111 channel' 
_diffrn_radiation.pdbx_diffrn_protocol             'SINGLE WAVELENGTH' 
_diffrn_radiation.pdbx_scattering_type             x-ray 
# 
_diffrn_radiation_wavelength.id           1 
_diffrn_radiation_wavelength.wavelength   0.9792 
_diffrn_radiation_wavelength.wt           1.0 
# 
_diffrn_source.diffrn_id                   1 
_diffrn_source.source                      SYNCHROTRON 
_diffrn_source.type                        'SSRF BEAMLINE BL17U' 
_diffrn_source.pdbx_synchrotron_site       SSRF 
_diffrn_source.pdbx_synchrotron_beamline   BL17U 
_diffrn_source.pdbx_wavelength             ? 
_diffrn_source.pdbx_wavelength_list        0.9792 
# 
_reflns.entry_id                     4DZD 
_reflns.observed_criterion_sigma_I   21.5 
_reflns.observed_criterion_sigma_F   ? 
_reflns.d_resolution_low             50 
_reflns.d_resolution_high            1.9990 
_reflns.number_obs                   16585 
_reflns.number_all                   16585 
_reflns.percent_possible_obs         99.9 
_reflns.pdbx_Rmerge_I_obs            0.10 
_reflns.pdbx_Rsym_value              ? 
_reflns.pdbx_netI_over_sigmaI        ? 
_reflns.B_iso_Wilson_estimate        24.120 
_reflns.pdbx_redundancy              ? 
_reflns.R_free_details               ? 
_reflns.limit_h_max                  ? 
_reflns.limit_h_min                  ? 
_reflns.limit_k_max                  ? 
_reflns.limit_k_min                  ? 
_reflns.limit_l_max                  ? 
_reflns.limit_l_min                  ? 
_reflns.observed_criterion_F_max     ? 
_reflns.observed_criterion_F_min     ? 
_reflns.pdbx_chi_squared             ? 
_reflns.pdbx_scaling_rejects         ? 
_reflns.pdbx_ordinal                 1 
_reflns.pdbx_diffrn_id               1 
# 
loop_
_reflns_shell.d_res_high 
_reflns_shell.d_res_low 
_reflns_shell.percent_possible_all 
_reflns_shell.Rmerge_I_obs 
_reflns_shell.pdbx_Rsym_value 
_reflns_shell.meanI_over_sigI_obs 
_reflns_shell.pdbx_redundancy 
_reflns_shell.percent_possible_obs 
_reflns_shell.number_unique_all 
_reflns_shell.number_measured_all 
_reflns_shell.number_measured_obs 
_reflns_shell.number_unique_obs 
_reflns_shell.pdbx_chi_squared 
_reflns_shell.pdbx_rejects 
_reflns_shell.pdbx_netI_over_sigmaI_obs 
_reflns_shell.number_possible 
_reflns_shell.Rmerge_F_all 
_reflns_shell.Rmerge_F_obs 
_reflns_shell.Rmerge_I_all 
_reflns_shell.meanI_over_sigI_all 
_reflns_shell.pdbx_Rrim_I_all 
_reflns_shell.pdbx_Rpim_I_all 
_reflns_shell.pdbx_ordinal 
_reflns_shell.pdbx_diffrn_id 
2.00 2.03 99.5  0.371 ? 7.2 8.2 ? ? ? ? ? ? ? ? ? ? ? ? ? ? ? 1  1 
2.03 2.07 100.0 0.338 ? 6.6 8.9 ? ? ? ? ? ? ? ? ? ? ? ? ? ? ? 2  1 
2.07 2.11 100.0 0.306 ? 6.3 9.4 ? ? ? ? ? ? ? ? ? ? ? ? ? ? ? 3  1 
2.11 2.15 100.0 0.278 ? 6.1 9.6 ? ? ? ? ? ? ? ? ? ? ? ? ? ? ? 4  1 
2.15 2.20 100.0 0.256 ? 5.9 9.7 ? ? ? ? ? ? ? ? ? ? ? ? ? ? ? 5  1 
2.20 2.25 100.0 0.211 ? 5.8 9.6 ? ? ? ? ? ? ? ? ? ? ? ? ? ? ? 6  1 
2.25 2.31 100.0 0.191 ? 5.6 9.6 ? ? ? ? ? ? ? ? ? ? ? ? ? ? ? 7  1 
2.31 2.37 100.0 0.173 ? 5.3 9.7 ? ? ? ? ? ? ? ? ? ? ? ? ? ? ? 8  1 
2.37 2.44 100.0 0.153 ? 5.1 9.7 ? ? ? ? ? ? ? ? ? ? ? ? ? ? ? 9  1 
2.44 2.52 100.0 0.142 ? 5.0 9.5 ? ? ? ? ? ? ? ? ? ? ? ? ? ? ? 10 1 
2.52 2.61 100.0 0.129 ? 4.9 9.6 ? ? ? ? ? ? ? ? ? ? ? ? ? ? ? 11 1 
2.61 2.71 100.0 0.118 ? 4.8 9.6 ? ? ? ? ? ? ? ? ? ? ? ? ? ? ? 12 1 
2.71 2.84 100.0 0.103 ? 4.9 9.6 ? ? ? ? ? ? ? ? ? ? ? ? ? ? ? 13 1 
2.84 2.99 100.0 0.100 ? 5.0 9.6 ? ? ? ? ? ? ? ? ? ? ? ? ? ? ? 14 1 
2.99 3.17 100.0 0.098 ? 5.6 9.5 ? ? ? ? ? ? ? ? ? ? ? ? ? ? ? 15 1 
3.17 3.42 100.0 0.103 ? 6.4 9.5 ? ? ? ? ? ? ? ? ? ? ? ? ? ? ? 16 1 
3.42 3.76 100.0 0.101 ? 7.0 9.4 ? ? ? ? ? ? ? ? ? ? ? ? ? ? ? 17 1 
3.76 4.31 100.0 0.075 ? 8.5 9.3 ? ? ? ? ? ? ? ? ? ? ? ? ? ? ? 18 1 
4.31 5.43 100.0 0.061 ? 8.2 9.1 ? ? ? ? ? ? ? ? ? ? ? ? ? ? ? 19 1 
5.43 50   98.8  0.057 ? 6.1 8.3 ? ? ? ? ? ? ? ? ? ? ? ? ? ? ? 20 1 
# 
_refine.entry_id                                 4DZD 
_refine.pdbx_refine_id                           'X-RAY DIFFRACTION' 
_refine.ls_d_res_high                            1.9990 
_refine.ls_d_res_low                             35.3760 
_refine.pdbx_ls_sigma_F                          0.000 
_refine.pdbx_data_cutoff_high_absF               ? 
_refine.pdbx_data_cutoff_low_absF                ? 
_refine.ls_percent_reflns_obs                    99.7800 
_refine.ls_number_reflns_obs                     16524 
_refine.ls_number_reflns_all                     ? 
_refine.pdbx_ls_cross_valid_method               ? 
_refine.ls_matrix_type                           ? 
_refine.pdbx_R_Free_selection_details            ? 
_refine.details                                  ? 
_refine.ls_R_factor_all                          ? 
_refine.ls_R_factor_obs                          0.2042 
_refine.ls_R_factor_R_work                       0.2019 
_refine.ls_wR_factor_R_work                      ? 
_refine.ls_R_factor_R_free                       0.2461 
_refine.ls_wR_factor_R_free                      ? 
_refine.ls_percent_reflns_R_free                 5.0000 
_refine.ls_number_reflns_R_free                  827 
_refine.ls_number_reflns_R_work                  15697 
_refine.ls_R_factor_R_free_error                 ? 
_refine.B_iso_mean                               29.5102 
_refine.solvent_model_param_bsol                 41.4700 
_refine.solvent_model_param_ksol                 0.3640 
_refine.pdbx_isotropic_thermal_model             ? 
_refine.aniso_B[1][1]                            2.7229 
_refine.aniso_B[2][2]                            2.7229 
_refine.aniso_B[3][3]                            -5.4457 
_refine.aniso_B[1][2]                            0.0000 
_refine.aniso_B[1][3]                            -0.0000 
_refine.aniso_B[2][3]                            -0.0000 
_refine.correlation_coeff_Fo_to_Fc               ? 
_refine.correlation_coeff_Fo_to_Fc_free          ? 
_refine.overall_SU_R_Cruickshank_DPI             ? 
_refine.pdbx_overall_SU_R_free_Cruickshank_DPI   ? 
_refine.pdbx_overall_SU_R_Blow_DPI               ? 
_refine.pdbx_overall_SU_R_free_Blow_DPI          ? 
_refine.overall_SU_R_free                        ? 
_refine.pdbx_overall_ESU_R                       ? 
_refine.pdbx_overall_ESU_R_Free                  ? 
_refine.overall_SU_ML                            0.4300 
_refine.overall_SU_B                             ? 
_refine.solvent_model_details                    'FLAT BULK SOLVENT MODEL' 
_refine.pdbx_solvent_vdw_probe_radii             1.1100 
_refine.pdbx_solvent_ion_probe_radii             ? 
_refine.pdbx_solvent_shrinkage_radii             0.9000 
_refine.ls_number_parameters                     ? 
_refine.ls_number_restraints                     ? 
_refine.pdbx_starting_model                      1WJ9 
_refine.pdbx_method_to_determine_struct          'MOLECULAR REPLACEMENT' 
_refine.pdbx_stereochemistry_target_values       ML 
_refine.pdbx_stereochem_target_val_spec_case     ? 
_refine.overall_FOM_work_R_set                   0.8359 
_refine.B_iso_max                                77.410 
_refine.B_iso_min                                10.910 
_refine.pdbx_overall_phase_error                 22.4600 
_refine.occupancy_max                            1.000 
_refine.occupancy_min                            0.440 
_refine.pdbx_diffrn_id                           1 
_refine.pdbx_ls_sigma_I                          ? 
_refine.ls_redundancy_reflns_obs                 ? 
_refine.ls_R_factor_R_free_error_details         ? 
_refine.pdbx_data_cutoff_high_rms_absF           ? 
_refine.overall_FOM_free_R_set                   ? 
_refine.pdbx_TLS_residual_ADP_flag               ? 
# 
_refine_hist.pdbx_refine_id                   'X-RAY DIFFRACTION' 
_refine_hist.cycle_id                         LAST 
_refine_hist.pdbx_number_atoms_protein        1523 
_refine_hist.pdbx_number_atoms_nucleic_acid   0 
_refine_hist.pdbx_number_atoms_ligand         6 
_refine_hist.number_atoms_solvent             143 
_refine_hist.number_atoms_total               1672 
_refine_hist.d_res_high                       1.9990 
_refine_hist.d_res_low                        35.3760 
# 
loop_
_refine_ls_restr.pdbx_refine_id 
_refine_ls_restr.type 
_refine_ls_restr.number 
_refine_ls_restr.dev_ideal 
_refine_ls_restr.dev_ideal_target 
_refine_ls_restr.weight 
_refine_ls_restr.pdbx_restraint_function 
'X-RAY DIFFRACTION' f_bond_d           1594 0.006  ? ? ? 
'X-RAY DIFFRACTION' f_angle_d          2161 0.986  ? ? ? 
'X-RAY DIFFRACTION' f_chiral_restr     243  0.069  ? ? ? 
'X-RAY DIFFRACTION' f_plane_restr      279  0.004  ? ? ? 
'X-RAY DIFFRACTION' f_dihedral_angle_d 610  15.371 ? ? ? 
# 
loop_
_refine_ls_shell.d_res_high 
_refine_ls_shell.d_res_low 
_refine_ls_shell.pdbx_total_number_of_bins_used 
_refine_ls_shell.percent_reflns_obs 
_refine_ls_shell.number_reflns_R_work 
_refine_ls_shell.R_factor_all 
_refine_ls_shell.R_factor_R_work 
_refine_ls_shell.R_factor_R_free 
_refine_ls_shell.percent_reflns_R_free 
_refine_ls_shell.number_reflns_R_free 
_refine_ls_shell.R_factor_R_free_error 
_refine_ls_shell.number_reflns_all 
_refine_ls_shell.number_reflns_obs 
_refine_ls_shell.pdbx_refine_id 
_refine_ls_shell.redundancy_reflns_obs 
1.9989 2.1241  6 99.0000  2501 . 0.2096 0.2601 . 152 . 2653 . 'X-RAY DIFFRACTION' . 
2.1241 2.2881  6 100.0000 2578 . 0.1975 0.2139 . 119 . 2697 . 'X-RAY DIFFRACTION' . 
2.2881 2.5183  6 100.0000 2591 . 0.1956 0.2584 . 126 . 2717 . 'X-RAY DIFFRACTION' . 
2.5183 2.8825  6 100.0000 2604 . 0.2045 0.2319 . 128 . 2732 . 'X-RAY DIFFRACTION' . 
2.8825 3.6311  6 100.0000 2649 . 0.1999 0.2674 . 132 . 2781 . 'X-RAY DIFFRACTION' . 
3.6311 35.3818 6 100.0000 2774 . 0.2036 0.2390 . 170 . 2944 . 'X-RAY DIFFRACTION' . 
# 
_struct.entry_id                  4DZD 
_struct.title                     'Crystal structure of the CRISPR-associated protein Cas6e from Escherichia coli str. K-12' 
_struct.pdbx_model_details        ? 
_struct.pdbx_CASP_flag            ? 
_struct.pdbx_model_type_details   ? 
# 
_struct_keywords.entry_id        4DZD 
_struct_keywords.pdbx_keywords   HYDROLASE 
_struct_keywords.text            'ferredoxin-like domain, endoribonuclease, crRNA, HYDROLASE' 
# 
loop_
_struct_asym.id 
_struct_asym.pdbx_blank_PDB_chainid_flag 
_struct_asym.pdbx_modified 
_struct_asym.entity_id 
_struct_asym.details 
A N N 1 ? 
B N N 2 ? 
C N N 3 ? 
# 
_struct_biol.id        1 
_struct_biol.details   ? 
# 
loop_
_struct_conf.conf_type_id 
_struct_conf.id 
_struct_conf.pdbx_PDB_helix_id 
_struct_conf.beg_label_comp_id 
_struct_conf.beg_label_asym_id 
_struct_conf.beg_label_seq_id 
_struct_conf.pdbx_beg_PDB_ins_code 
_struct_conf.end_label_comp_id 
_struct_conf.end_label_asym_id 
_struct_conf.end_label_seq_id 
_struct_conf.pdbx_end_PDB_ins_code 
_struct_conf.beg_auth_comp_id 
_struct_conf.beg_auth_asym_id 
_struct_conf.beg_auth_seq_id 
_struct_conf.end_auth_comp_id 
_struct_conf.end_auth_asym_id 
_struct_conf.end_auth_seq_id 
_struct_conf.pdbx_PDB_helix_class 
_struct_conf.details 
_struct_conf.pdbx_PDB_helix_length 
HELX_P HELX_P1 1 ARG A 29  ? SER A 32  ? ARG A 10  SER A 13  5 ? 4  
HELX_P HELX_P2 2 ASP A 34  ? HIS A 44  ? ASP A 15  HIS A 25  1 ? 11 
HELX_P HELX_P3 3 LYS A 137 ? GLY A 150 ? LYS A 118 GLY A 131 1 ? 14 
HELX_P HELX_P4 4 ASP A 190 ? GLY A 201 ? ASP A 171 GLY A 182 1 ? 12 
HELX_P HELX_P5 5 ALA A 205 ? GLY A 209 ? ALA A 186 GLY A 190 5 ? 5  
# 
_struct_conf_type.id          HELX_P 
_struct_conf_type.criteria    ? 
_struct_conf_type.reference   ? 
# 
loop_
_struct_sheet.id 
_struct_sheet.type 
_struct_sheet.number_strands 
_struct_sheet.details 
A ? 4 ? 
B ? 4 ? 
C ? 2 ? 
D ? 2 ? 
# 
loop_
_struct_sheet_order.sheet_id 
_struct_sheet_order.range_id_1 
_struct_sheet_order.range_id_2 
_struct_sheet_order.offset 
_struct_sheet_order.sense 
A 1 2 ? anti-parallel 
A 2 3 ? anti-parallel 
A 3 4 ? anti-parallel 
B 1 2 ? anti-parallel 
B 2 3 ? anti-parallel 
B 3 4 ? anti-parallel 
C 1 2 ? anti-parallel 
D 1 2 ? anti-parallel 
# 
loop_
_struct_sheet_range.sheet_id 
_struct_sheet_range.id 
_struct_sheet_range.beg_label_comp_id 
_struct_sheet_range.beg_label_asym_id 
_struct_sheet_range.beg_label_seq_id 
_struct_sheet_range.pdbx_beg_PDB_ins_code 
_struct_sheet_range.end_label_comp_id 
_struct_sheet_range.end_label_asym_id 
_struct_sheet_range.end_label_seq_id 
_struct_sheet_range.pdbx_end_PDB_ins_code 
_struct_sheet_range.beg_auth_comp_id 
_struct_sheet_range.beg_auth_asym_id 
_struct_sheet_range.beg_auth_seq_id 
_struct_sheet_range.end_auth_comp_id 
_struct_sheet_range.end_auth_asym_id 
_struct_sheet_range.end_auth_seq_id 
A 1 PHE A 56  ? THR A 65  ? PHE A 37  THR A 46  
A 2 GLY A 68  ? SER A 75  ? GLY A 49  SER A 56  
A 3 TYR A 21  ? ILE A 27  ? TYR A 2   ILE A 8   
A 4 ALA A 85  ? GLN A 92  ? ALA A 66  GLN A 73  
B 1 ALA A 153 ? SER A 162 ? ALA A 134 SER A 143 
B 2 VAL A 180 ? ILE A 188 ? VAL A 161 ILE A 169 
B 3 PRO A 102 ? ALA A 109 ? PRO A 83  ALA A 90  
B 4 LEU A 213 ? PRO A 217 ? LEU A 194 PRO A 198 
C 1 ILE A 112 ? LEU A 116 ? ILE A 93  LEU A 97  
C 2 ARG A 130 ? PRO A 134 ? ARG A 111 PRO A 115 
D 1 GLN A 166 ? TYR A 167 ? GLN A 147 TYR A 148 
D 2 LYS A 176 ? ILE A 177 ? LYS A 157 ILE A 158 
# 
loop_
_pdbx_struct_sheet_hbond.sheet_id 
_pdbx_struct_sheet_hbond.range_id_1 
_pdbx_struct_sheet_hbond.range_id_2 
_pdbx_struct_sheet_hbond.range_1_label_atom_id 
_pdbx_struct_sheet_hbond.range_1_label_comp_id 
_pdbx_struct_sheet_hbond.range_1_label_asym_id 
_pdbx_struct_sheet_hbond.range_1_label_seq_id 
_pdbx_struct_sheet_hbond.range_1_PDB_ins_code 
_pdbx_struct_sheet_hbond.range_1_auth_atom_id 
_pdbx_struct_sheet_hbond.range_1_auth_comp_id 
_pdbx_struct_sheet_hbond.range_1_auth_asym_id 
_pdbx_struct_sheet_hbond.range_1_auth_seq_id 
_pdbx_struct_sheet_hbond.range_2_label_atom_id 
_pdbx_struct_sheet_hbond.range_2_label_comp_id 
_pdbx_struct_sheet_hbond.range_2_label_asym_id 
_pdbx_struct_sheet_hbond.range_2_label_seq_id 
_pdbx_struct_sheet_hbond.range_2_PDB_ins_code 
_pdbx_struct_sheet_hbond.range_2_auth_atom_id 
_pdbx_struct_sheet_hbond.range_2_auth_comp_id 
_pdbx_struct_sheet_hbond.range_2_auth_asym_id 
_pdbx_struct_sheet_hbond.range_2_auth_seq_id 
A 1 2 N LEU A 57  ? N LEU A 38  O GLN A 74  ? O GLN A 55  
A 2 3 O VAL A 71  ? O VAL A 52  N VAL A 25  ? N VAL A 6   
A 3 4 N LEU A 22  ? N LEU A 3   O LYS A 91  ? O LYS A 72  
B 1 2 N ILE A 161 ? N ILE A 142 O CYS A 181 ? O CYS A 162 
B 2 3 O PHE A 182 ? O PHE A 163 N LEU A 107 ? N LEU A 88  
B 3 4 N TYR A 104 ? N TYR A 85  O ALA A 216 ? O ALA A 197 
C 1 2 N ILE A 115 ? N ILE A 96  O CYS A 131 ? O CYS A 112 
D 1 2 N GLN A 166 ? N GLN A 147 O ILE A 177 ? O ILE A 158 
# 
_struct_site.id                   AC1 
_struct_site.pdbx_evidence_code   Software 
_struct_site.pdbx_auth_asym_id    A 
_struct_site.pdbx_auth_comp_id    GOL 
_struct_site.pdbx_auth_seq_id     201 
_struct_site.pdbx_auth_ins_code   ? 
_struct_site.pdbx_num_residues    3 
_struct_site.details              'BINDING SITE FOR RESIDUE GOL A 201' 
# 
loop_
_struct_site_gen.id 
_struct_site_gen.site_id 
_struct_site_gen.pdbx_num_res 
_struct_site_gen.label_comp_id 
_struct_site_gen.label_asym_id 
_struct_site_gen.label_seq_id 
_struct_site_gen.pdbx_auth_ins_code 
_struct_site_gen.auth_comp_id 
_struct_site_gen.auth_asym_id 
_struct_site_gen.auth_seq_id 
_struct_site_gen.label_atom_id 
_struct_site_gen.label_alt_id 
_struct_site_gen.symmetry 
_struct_site_gen.details 
1 AC1 3 ASP A 55 ? ASP A 36 . ? 1_555 ? 
2 AC1 3 PHE A 56 ? PHE A 37 . ? 1_555 ? 
3 AC1 3 LEU A 57 ? LEU A 38 . ? 1_555 ? 
# 
_atom_sites.entry_id                    4DZD 
_atom_sites.fract_transf_matrix[1][1]   -0.01477925 
_atom_sites.fract_transf_matrix[1][2]   -0.00492889 
_atom_sites.fract_transf_matrix[1][3]   -0.00599745 
_atom_sites.fract_transf_matrix[2][1]   -0.00611335 
_atom_sites.fract_transf_matrix[2][2]   0.01533848 
_atom_sites.fract_transf_matrix[2][3]   0.00245922 
_atom_sites.fract_transf_matrix[3][1]   0.00222740 
_atom_sites.fract_transf_matrix[3][2]   0.00203608 
_atom_sites.fract_transf_matrix[3][3]   -0.00716220 
_atom_sites.fract_transf_vector[1]      -0.503668 
_atom_sites.fract_transf_vector[2]      0.079170 
_atom_sites.fract_transf_vector[3]      -0.014176 
# 
loop_
_atom_type.symbol 
C 
H 
N 
O 
S 
# 
loop_
_atom_site.group_PDB 
_atom_site.id 
_atom_site.type_symbol 
_atom_site.label_atom_id 
_atom_site.label_alt_id 
_atom_site.label_comp_id 
_atom_site.label_asym_id 
_atom_site.label_entity_id 
_atom_site.label_seq_id 
_atom_site.pdbx_PDB_ins_code 
_atom_site.Cartn_x 
_atom_site.Cartn_y 
_atom_site.Cartn_z 
_atom_site.occupancy 
_atom_site.B_iso_or_equiv 
_atom_site.pdbx_formal_charge 
_atom_site.auth_seq_id 
_atom_site.auth_comp_id 
_atom_site.auth_asym_id 
_atom_site.auth_atom_id 
_atom_site.pdbx_PDB_model_num 
ATOM   1    N N   A MET A 1 20  ? 0.531   -17.476 -0.911  0.49 41.02 ? 1   MET A N   1 
ATOM   2    N N   B MET A 1 20  ? 0.435   -17.449 -0.748  0.51 41.04 ? 1   MET A N   1 
ATOM   3    C CA  A MET A 1 20  ? 1.424   -16.324 -0.921  0.49 36.62 ? 1   MET A CA  1 
ATOM   4    C CA  B MET A 1 20  ? 1.455   -16.421 -0.904  0.51 36.63 ? 1   MET A CA  1 
ATOM   5    C C   A MET A 1 20  ? 2.345   -16.340 0.300   0.49 35.56 ? 1   MET A C   1 
ATOM   6    C C   B MET A 1 20  ? 2.421   -16.452 0.271   0.51 35.56 ? 1   MET A C   1 
ATOM   7    O O   A MET A 1 20  ? 2.040   -16.973 1.312   0.49 35.79 ? 1   MET A O   1 
ATOM   8    O O   B MET A 1 20  ? 2.210   -17.185 1.238   0.51 35.82 ? 1   MET A O   1 
ATOM   9    C CB  A MET A 1 20  ? 0.614   -15.023 -0.975  0.49 33.56 ? 1   MET A CB  1 
ATOM   10   C CB  B MET A 1 20  ? 0.801   -15.045 -0.985  0.51 33.59 ? 1   MET A CB  1 
ATOM   11   C CG  A MET A 1 20  ? 1.314   -13.875 -1.702  0.49 31.36 ? 1   MET A CG  1 
ATOM   12   C CG  B MET A 1 20  ? 0.482   -14.440 0.367   0.51 28.95 ? 1   MET A CG  1 
ATOM   13   S SD  A MET A 1 20  ? 0.237   -13.033 -2.886  0.49 39.10 ? 1   MET A SD  1 
ATOM   14   S SD  B MET A 1 20  ? -0.997  -13.425 0.306   0.51 35.85 ? 1   MET A SD  1 
ATOM   15   C CE  A MET A 1 20  ? 1.328   -11.771 -3.543  0.49 28.56 ? 1   MET A CE  1 
ATOM   16   C CE  B MET A 1 20  ? -1.048  -12.795 1.983   0.51 27.08 ? 1   MET A CE  1 
ATOM   17   N N   . TYR A 1 21  ? 3.475   -15.645 0.193   1.00 30.14 ? 2   TYR A N   1 
ATOM   18   C CA  . TYR A 1 21  ? 4.449   -15.570 1.277   1.00 28.50 ? 2   TYR A CA  1 
ATOM   19   C C   . TYR A 1 21  ? 4.496   -14.187 1.894   1.00 25.71 ? 2   TYR A C   1 
ATOM   20   O O   . TYR A 1 21  ? 4.358   -13.183 1.198   1.00 23.20 ? 2   TYR A O   1 
ATOM   21   C CB  . TYR A 1 21  ? 5.849   -15.936 0.774   1.00 26.72 ? 2   TYR A CB  1 
ATOM   22   C CG  . TYR A 1 21  ? 5.977   -17.359 0.292   1.00 32.01 ? 2   TYR A CG  1 
ATOM   23   C CD1 . TYR A 1 21  ? 6.366   -18.372 1.157   1.00 36.91 ? 2   TYR A CD1 1 
ATOM   24   C CD2 . TYR A 1 21  ? 5.705   -17.691 -1.029  1.00 38.65 ? 2   TYR A CD2 1 
ATOM   25   C CE1 . TYR A 1 21  ? 6.482   -19.681 0.717   1.00 41.17 ? 2   TYR A CE1 1 
ATOM   26   C CE2 . TYR A 1 21  ? 5.818   -18.999 -1.480  1.00 43.34 ? 2   TYR A CE2 1 
ATOM   27   C CZ  . TYR A 1 21  ? 6.208   -19.988 -0.601  1.00 44.82 ? 2   TYR A CZ  1 
ATOM   28   O OH  . TYR A 1 21  ? 6.324   -21.286 -1.039  1.00 53.57 ? 2   TYR A OH  1 
ATOM   29   N N   . LEU A 1 22  ? 4.716   -14.139 3.200   1.00 21.00 ? 3   LEU A N   1 
ATOM   30   C CA  . LEU A 1 22  ? 4.907   -12.891 3.903   1.00 20.52 ? 3   LEU A CA  1 
ATOM   31   C C   . LEU A 1 22  ? 6.299   -12.924 4.496   1.00 27.48 ? 3   LEU A C   1 
ATOM   32   O O   . LEU A 1 22  ? 6.656   -13.874 5.190   1.00 24.57 ? 3   LEU A O   1 
ATOM   33   C CB  . LEU A 1 22  ? 3.872   -12.733 5.016   1.00 24.19 ? 3   LEU A CB  1 
ATOM   34   C CG  . LEU A 1 22  ? 2.458   -12.364 4.576   1.00 23.01 ? 3   LEU A CG  1 
ATOM   35   C CD1 . LEU A 1 22  ? 1.525   -12.318 5.794   1.00 25.25 ? 3   LEU A CD1 1 
ATOM   36   C CD2 . LEU A 1 22  ? 2.477   -11.018 3.834   1.00 19.79 ? 3   LEU A CD2 1 
ATOM   37   N N   . SER A 1 23  ? 7.092   -11.899 4.213   1.00 22.75 ? 4   SER A N   1 
ATOM   38   C CA  . SER A 1 23  ? 8.451   -11.844 4.728   1.00 22.30 ? 4   SER A CA  1 
ATOM   39   C C   . SER A 1 23  ? 8.743   -10.499 5.363   1.00 24.05 ? 4   SER A C   1 
ATOM   40   O O   . SER A 1 23  ? 8.192   -9.465  4.965   1.00 21.68 ? 4   SER A O   1 
ATOM   41   C CB  . SER A 1 23  ? 9.476   -12.112 3.618   1.00 20.92 ? 4   SER A CB  1 
ATOM   42   O OG  . SER A 1 23  ? 9.131   -13.235 2.831   1.00 20.54 ? 4   SER A OG  1 
ATOM   43   N N   . LYS A 1 24  ? 9.614   -10.528 6.361   1.00 21.80 ? 5   LYS A N   1 
ATOM   44   C CA  . LYS A 1 24  ? 10.200  -9.321  6.916   1.00 26.50 ? 5   LYS A CA  1 
ATOM   45   C C   . LYS A 1 24  ? 11.547  -9.118  6.232   1.00 27.69 ? 5   LYS A C   1 
ATOM   46   O O   . LYS A 1 24  ? 12.388  -10.024 6.226   1.00 23.65 ? 5   LYS A O   1 
ATOM   47   C CB  . LYS A 1 24  ? 10.421  -9.484  8.416   1.00 32.10 ? 5   LYS A CB  1 
ATOM   48   C CG  . LYS A 1 24  ? 10.646  -8.179  9.154   1.00 41.46 ? 5   LYS A CG  1 
ATOM   49   C CD  . LYS A 1 24  ? 9.316   -7.487  9.402   1.00 47.75 ? 5   LYS A CD  1 
ATOM   50   C CE  . LYS A 1 24  ? 8.281   -8.491  9.900   1.00 44.39 ? 5   LYS A CE  1 
ATOM   51   N NZ  . LYS A 1 24  ? 6.951   -7.855  10.158  1.00 55.73 ? 5   LYS A NZ  1 
ATOM   52   N N   . VAL A 1 25  ? 11.744  -7.926  5.674   1.00 21.39 ? 6   VAL A N   1 
ATOM   53   C CA  . VAL A 1 25  ? 12.922  -7.607  4.876   1.00 22.06 ? 6   VAL A CA  1 
ATOM   54   C C   . VAL A 1 25  ? 13.493  -6.288  5.359   1.00 27.30 ? 6   VAL A C   1 
ATOM   55   O O   . VAL A 1 25  ? 12.748  -5.374  5.710   1.00 28.03 ? 6   VAL A O   1 
ATOM   56   C CB  . VAL A 1 25  ? 12.573  -7.493  3.372   1.00 22.23 ? 6   VAL A CB  1 
ATOM   57   C CG1 . VAL A 1 25  ? 13.764  -7.016  2.570   1.00 25.66 ? 6   VAL A CG1 1 
ATOM   58   C CG2 . VAL A 1 25  ? 12.095  -8.825  2.837   1.00 19.78 ? 6   VAL A CG2 1 
ATOM   59   N N   . ILE A 1 26  ? 14.819  -6.200  5.398   1.00 24.99 ? 7   ILE A N   1 
ATOM   60   C CA  . ILE A 1 26  ? 15.492  -4.964  5.762   1.00 26.63 ? 7   ILE A CA  1 
ATOM   61   C C   . ILE A 1 26  ? 16.385  -4.500  4.624   1.00 30.63 ? 7   ILE A C   1 
ATOM   62   O O   . ILE A 1 26  ? 17.293  -5.215  4.204   1.00 26.86 ? 7   ILE A O   1 
ATOM   63   C CB  . ILE A 1 26  ? 16.363  -5.134  7.010   1.00 27.94 ? 7   ILE A CB  1 
ATOM   64   C CG1 . ILE A 1 26  ? 15.508  -5.558  8.204   1.00 31.31 ? 7   ILE A CG1 1 
ATOM   65   C CG2 . ILE A 1 26  ? 17.100  -3.839  7.301   1.00 28.13 ? 7   ILE A CG2 1 
ATOM   66   C CD1 . ILE A 1 26  ? 16.298  -5.751  9.481   1.00 37.61 ? 7   ILE A CD1 1 
ATOM   67   N N   . ILE A 1 27  ? 16.130  -3.298  4.125   1.00 27.13 ? 8   ILE A N   1 
ATOM   68   C CA  . ILE A 1 27  ? 16.930  -2.751  3.035   1.00 28.26 ? 8   ILE A CA  1 
ATOM   69   C C   . ILE A 1 27  ? 17.950  -1.755  3.577   1.00 28.44 ? 8   ILE A C   1 
ATOM   70   O O   . ILE A 1 27  ? 17.595  -0.839  4.322   1.00 30.59 ? 8   ILE A O   1 
ATOM   71   C CB  . ILE A 1 27  ? 16.040  -2.050  1.981   1.00 29.73 ? 8   ILE A CB  1 
ATOM   72   C CG1 . ILE A 1 27  ? 14.851  -2.944  1.610   1.00 29.07 ? 8   ILE A CG1 1 
ATOM   73   C CG2 . ILE A 1 27  ? 16.850  -1.679  0.748   1.00 27.86 ? 8   ILE A CG2 1 
ATOM   74   C CD1 . ILE A 1 27  ? 13.944  -2.345  0.548   1.00 32.70 ? 8   ILE A CD1 1 
ATOM   75   N N   . ALA A 1 28  ? 19.212  -1.946  3.200   1.00 30.85 ? 9   ALA A N   1 
ATOM   76   C CA  . ALA A 1 28  ? 20.316  -1.094  3.645   1.00 30.17 ? 9   ALA A CA  1 
ATOM   77   C C   . ALA A 1 28  ? 20.012  0.380   3.408   1.00 34.18 ? 9   ALA A C   1 
ATOM   78   O O   . ALA A 1 28  ? 19.426  0.740   2.391   1.00 30.78 ? 9   ALA A O   1 
ATOM   79   C CB  . ALA A 1 28  ? 21.603  -1.490  2.920   1.00 30.95 ? 9   ALA A CB  1 
ATOM   80   N N   . ARG A 1 29  ? 20.427  1.233   4.339   1.00 36.24 ? 10  ARG A N   1 
ATOM   81   C CA  . ARG A 1 29  ? 20.114  2.655   4.254   1.00 41.56 ? 10  ARG A CA  1 
ATOM   82   C C   . ARG A 1 29  ? 20.528  3.285   2.929   1.00 39.51 ? 10  ARG A C   1 
ATOM   83   O O   . ARG A 1 29  ? 19.744  3.998   2.298   1.00 36.17 ? 10  ARG A O   1 
ATOM   84   C CB  . ARG A 1 29  ? 20.758  3.428   5.408   1.00 47.55 ? 10  ARG A CB  1 
ATOM   85   C CG  . ARG A 1 29  ? 20.425  4.913   5.382   1.00 52.97 ? 10  ARG A CG  1 
ATOM   86   C CD  . ARG A 1 29  ? 21.413  5.734   6.201   1.00 61.95 ? 10  ARG A CD  1 
ATOM   87   N NE  . ARG A 1 29  ? 21.396  5.358   7.609   1.00 60.94 ? 10  ARG A NE  1 
ATOM   88   C CZ  . ARG A 1 29  ? 20.330  5.468   8.392   1.00 65.54 ? 10  ARG A CZ  1 
ATOM   89   N NH1 . ARG A 1 29  ? 19.189  5.937   7.898   1.00 56.71 ? 10  ARG A NH1 1 
ATOM   90   N NH2 . ARG A 1 29  ? 20.404  5.107   9.668   1.00 63.36 ? 10  ARG A NH2 1 
ATOM   91   N N   . ALA A 1 30  ? 21.764  3.030   2.516   1.00 41.97 ? 11  ALA A N   1 
ATOM   92   C CA  . ALA A 1 30  ? 22.308  3.648   1.311   1.00 43.18 ? 11  ALA A CA  1 
ATOM   93   C C   . ALA A 1 30  ? 21.507  3.252   0.077   1.00 40.33 ? 11  ALA A C   1 
ATOM   94   O O   . ALA A 1 30  ? 21.594  3.899   -0.965  1.00 39.72 ? 11  ALA A O   1 
ATOM   95   C CB  . ALA A 1 30  ? 23.778  3.282   1.134   1.00 42.19 ? 11  ALA A CB  1 
ATOM   96   N N   . TRP A 1 31  ? 20.718  2.194   0.210   1.00 35.48 ? 12  TRP A N   1 
ATOM   97   C CA  . TRP A 1 31  ? 19.985  1.642   -0.919  1.00 39.14 ? 12  TRP A CA  1 
ATOM   98   C C   . TRP A 1 31  ? 18.479  1.765   -0.748  1.00 33.61 ? 12  TRP A C   1 
ATOM   99   O O   . TRP A 1 31  ? 17.707  1.155   -1.485  1.00 35.12 ? 12  TRP A O   1 
ATOM   100  C CB  . TRP A 1 31  ? 20.391  0.182   -1.132  1.00 37.50 ? 12  TRP A CB  1 
ATOM   101  C CG  . TRP A 1 31  ? 21.794  0.074   -1.603  1.00 36.42 ? 12  TRP A CG  1 
ATOM   102  C CD1 . TRP A 1 31  ? 22.927  0.156   -0.843  1.00 41.48 ? 12  TRP A CD1 1 
ATOM   103  C CD2 . TRP A 1 31  ? 22.230  -0.102  -2.956  1.00 40.20 ? 12  TRP A CD2 1 
ATOM   104  N NE1 . TRP A 1 31  ? 24.043  0.033   -1.640  1.00 41.48 ? 12  TRP A NE1 1 
ATOM   105  C CE2 . TRP A 1 31  ? 23.639  -0.129  -2.941  1.00 42.58 ? 12  TRP A CE2 1 
ATOM   106  C CE3 . TRP A 1 31  ? 21.564  -0.251  -4.174  1.00 42.87 ? 12  TRP A CE3 1 
ATOM   107  C CZ2 . TRP A 1 31  ? 24.394  -0.300  -4.100  1.00 53.46 ? 12  TRP A CZ2 1 
ATOM   108  C CZ3 . TRP A 1 31  ? 22.315  -0.418  -5.325  1.00 54.25 ? 12  TRP A CZ3 1 
ATOM   109  C CH2 . TRP A 1 31  ? 23.717  -0.443  -5.278  1.00 48.00 ? 12  TRP A CH2 1 
ATOM   110  N N   . SER A 1 32  ? 18.063  2.553   0.234   1.00 34.91 ? 13  SER A N   1 
ATOM   111  C CA  . SER A 1 32  ? 16.647  2.782   0.461   1.00 34.50 ? 13  SER A CA  1 
ATOM   112  C C   . SER A 1 32  ? 16.385  4.250   0.781   1.00 33.80 ? 13  SER A C   1 
ATOM   113  O O   . SER A 1 32  ? 15.470  4.582   1.522   1.00 29.95 ? 13  SER A O   1 
ATOM   114  C CB  . SER A 1 32  ? 16.122  1.868   1.575   1.00 33.29 ? 13  SER A CB  1 
ATOM   115  O OG  . SER A 1 32  ? 16.762  2.124   2.816   1.00 32.04 ? 13  SER A OG  1 
ATOM   116  N N   . ARG A 1 33  ? 17.198  5.134   0.214   1.00 32.10 ? 14  ARG A N   1 
ATOM   117  C CA  . ARG A 1 33  ? 17.040  6.559   0.484   1.00 41.77 ? 14  ARG A CA  1 
ATOM   118  C C   . ARG A 1 33  ? 15.916  7.195   -0.335  1.00 42.53 ? 14  ARG A C   1 
ATOM   119  O O   . ARG A 1 33  ? 15.172  8.040   0.173   1.00 33.77 ? 14  ARG A O   1 
ATOM   120  C CB  . ARG A 1 33  ? 18.370  7.302   0.307   1.00 40.75 ? 14  ARG A CB  1 
ATOM   121  C CG  . ARG A 1 33  ? 19.167  7.362   1.607   1.00 52.82 ? 14  ARG A CG  1 
ATOM   122  C CD  . ARG A 1 33  ? 20.661  7.542   1.388   1.00 62.43 ? 14  ARG A CD  1 
ATOM   123  N NE  . ARG A 1 33  ? 21.382  7.566   2.662   1.00 69.95 ? 14  ARG A NE  1 
ATOM   124  C CZ  . ARG A 1 33  ? 22.705  7.494   2.780   1.00 74.26 ? 14  ARG A CZ  1 
ATOM   125  N NH1 . ARG A 1 33  ? 23.469  7.386   1.697   1.00 67.09 ? 14  ARG A NH1 1 
ATOM   126  N NH2 . ARG A 1 33  ? 23.267  7.527   3.983   1.00 77.41 ? 14  ARG A NH2 1 
ATOM   127  N N   . ASP A 1 34  ? 15.787  6.784   -1.594  1.00 37.16 ? 15  ASP A N   1 
ATOM   128  C CA  . ASP A 1 34  ? 14.700  7.284   -2.440  1.00 43.68 ? 15  ASP A CA  1 
ATOM   129  C C   . ASP A 1 34  ? 13.583  6.254   -2.623  1.00 43.01 ? 15  ASP A C   1 
ATOM   130  O O   . ASP A 1 34  ? 13.824  5.047   -2.675  1.00 39.15 ? 15  ASP A O   1 
ATOM   131  C CB  . ASP A 1 34  ? 15.225  7.745   -3.805  1.00 33.55 ? 15  ASP A CB  1 
ATOM   132  C CG  . ASP A 1 34  ? 16.117  8.972   -3.706  1.00 49.44 ? 15  ASP A CG  1 
ATOM   133  O OD1 . ASP A 1 34  ? 15.704  9.967   -3.060  1.00 49.55 ? 15  ASP A OD1 1 
ATOM   134  O OD2 . ASP A 1 34  ? 17.234  8.937   -4.273  1.00 48.58 ? 15  ASP A OD2 1 
ATOM   135  N N   . LEU A 1 35  ? 12.358  6.754   -2.709  1.00 38.27 ? 16  LEU A N   1 
ATOM   136  C CA  . LEU A 1 35  ? 11.181  5.928   -2.946  1.00 36.94 ? 16  LEU A CA  1 
ATOM   137  C C   . LEU A 1 35  ? 11.397  4.972   -4.137  1.00 33.34 ? 16  LEU A C   1 
ATOM   138  O O   . LEU A 1 35  ? 11.067  3.783   -4.086  1.00 32.40 ? 16  LEU A O   1 
ATOM   139  C CB  . LEU A 1 35  ? 10.006  6.864   -3.225  1.00 41.70 ? 16  LEU A CB  1 
ATOM   140  C CG  . LEU A 1 35  ? 8.570   6.504   -2.856  1.00 41.89 ? 16  LEU A CG  1 
ATOM   141  C CD1 . LEU A 1 35  ? 8.488   5.791   -1.513  1.00 32.54 ? 16  LEU A CD1 1 
ATOM   142  C CD2 . LEU A 1 35  ? 7.735   7.789   -2.868  1.00 35.90 ? 16  LEU A CD2 1 
ATOM   143  N N   . TYR A 1 36  ? 11.951  5.508   -5.214  1.00 36.44 ? 17  TYR A N   1 
ATOM   144  C CA  . TYR A 1 36  ? 12.236  4.724   -6.404  1.00 35.06 ? 17  TYR A CA  1 
ATOM   145  C C   . TYR A 1 36  ? 13.102  3.499   -6.083  1.00 34.17 ? 17  TYR A C   1 
ATOM   146  O O   . TYR A 1 36  ? 12.910  2.420   -6.643  1.00 29.02 ? 17  TYR A O   1 
ATOM   147  C CB  . TYR A 1 36  ? 12.924  5.629   -7.426  1.00 30.33 ? 17  TYR A CB  1 
ATOM   148  C CG  . TYR A 1 36  ? 13.155  5.019   -8.784  1.00 32.10 ? 17  TYR A CG  1 
ATOM   149  C CD1 . TYR A 1 36  ? 12.091  4.706   -9.622  1.00 33.34 ? 17  TYR A CD1 1 
ATOM   150  C CD2 . TYR A 1 36  ? 14.443  4.792   -9.250  1.00 36.30 ? 17  TYR A CD2 1 
ATOM   151  C CE1 . TYR A 1 36  ? 12.305  4.170   -10.872 1.00 32.22 ? 17  TYR A CE1 1 
ATOM   152  C CE2 . TYR A 1 36  ? 14.665  4.255   -10.501 1.00 37.38 ? 17  TYR A CE2 1 
ATOM   153  C CZ  . TYR A 1 36  ? 13.594  3.947   -11.308 1.00 35.45 ? 17  TYR A CZ  1 
ATOM   154  O OH  . TYR A 1 36  ? 13.814  3.404   -12.554 1.00 33.87 ? 17  TYR A OH  1 
ATOM   155  N N   . GLN A 1 37  ? 14.054  3.670   -5.170  1.00 28.15 ? 18  GLN A N   1 
ATOM   156  C CA  . GLN A 1 37  ? 15.025  2.623   -4.855  1.00 32.37 ? 18  GLN A CA  1 
ATOM   157  C C   . GLN A 1 37  ? 14.403  1.418   -4.154  1.00 33.29 ? 18  GLN A C   1 
ATOM   158  O O   . GLN A 1 37  ? 14.839  0.275   -4.347  1.00 26.44 ? 18  GLN A O   1 
ATOM   159  C CB  . GLN A 1 37  ? 16.116  3.173   -3.942  1.00 31.06 ? 18  GLN A CB  1 
ATOM   160  C CG  . GLN A 1 37  ? 17.206  3.961   -4.615  1.00 33.64 ? 18  GLN A CG  1 
ATOM   161  C CD  . GLN A 1 37  ? 18.310  4.306   -3.629  1.00 39.57 ? 18  GLN A CD  1 
ATOM   162  O OE1 . GLN A 1 37  ? 18.039  4.740   -2.508  1.00 39.58 ? 18  GLN A OE1 1 
ATOM   163  N NE2 . GLN A 1 37  ? 19.556  4.083   -4.028  1.00 40.58 ? 18  GLN A NE2 1 
ATOM   164  N N   . LEU A 1 38  ? 13.408  1.674   -3.309  1.00 29.53 ? 19  LEU A N   1 
ATOM   165  C CA  . LEU A 1 38  ? 12.808  0.601   -2.522  1.00 29.46 ? 19  LEU A CA  1 
ATOM   166  C C   . LEU A 1 38  ? 12.313  -0.526  -3.414  1.00 24.08 ? 19  LEU A C   1 
ATOM   167  O O   . LEU A 1 38  ? 12.744  -1.671  -3.262  1.00 22.86 ? 19  LEU A O   1 
ATOM   168  C CB  . LEU A 1 38  ? 11.667  1.129   -1.648  1.00 32.49 ? 19  LEU A CB  1 
ATOM   169  C CG  . LEU A 1 38  ? 12.082  2.165   -0.604  1.00 37.46 ? 19  LEU A CG  1 
ATOM   170  C CD1 . LEU A 1 38  ? 10.877  3.003   -0.174  1.00 46.50 ? 19  LEU A CD1 1 
ATOM   171  C CD2 . LEU A 1 38  ? 12.738  1.493   0.595   1.00 39.23 ? 19  LEU A CD2 1 
ATOM   172  N N   . HIS A 1 39  ? 11.409  -0.213  -4.344  1.00 20.96 ? 20  HIS A N   1 
ATOM   173  C CA  . HIS A 1 39  ? 10.885  -1.240  -5.245  1.00 22.57 ? 20  HIS A CA  1 
ATOM   174  C C   . HIS A 1 39  ? 12.040  -1.955  -5.969  1.00 23.51 ? 20  HIS A C   1 
ATOM   175  O O   . HIS A 1 39  ? 12.053  -3.180  -6.081  1.00 24.31 ? 20  HIS A O   1 
ATOM   176  C CB  . HIS A 1 39  ? 9.893   -0.652  -6.256  1.00 23.80 ? 20  HIS A CB  1 
ATOM   177  C CG  . HIS A 1 39  ? 9.208   -1.687  -7.104  1.00 24.80 ? 20  HIS A CG  1 
ATOM   178  N ND1 . HIS A 1 39  ? 9.591   -1.965  -8.397  1.00 27.80 ? 20  HIS A ND1 1 
ATOM   179  C CD2 . HIS A 1 39  ? 8.170   -2.516  -6.830  1.00 23.77 ? 20  HIS A CD2 1 
ATOM   180  C CE1 . HIS A 1 39  ? 8.815   -2.919  -8.890  1.00 28.54 ? 20  HIS A CE1 1 
ATOM   181  N NE2 . HIS A 1 39  ? 7.942   -3.265  -7.964  1.00 27.08 ? 20  HIS A NE2 1 
ATOM   182  N N   . GLN A 1 40  ? 13.009  -1.183  -6.451  1.00 24.52 ? 21  GLN A N   1 
ATOM   183  C CA  . GLN A 1 40  ? 14.148  -1.749  -7.180  1.00 25.63 ? 21  GLN A CA  1 
ATOM   184  C C   . GLN A 1 40  ? 14.900  -2.787  -6.359  1.00 23.18 ? 21  GLN A C   1 
ATOM   185  O O   . GLN A 1 40  ? 15.202  -3.875  -6.843  1.00 25.68 ? 21  GLN A O   1 
ATOM   186  C CB  . GLN A 1 40  ? 15.120  -0.644  -7.592  1.00 27.96 ? 21  GLN A CB  1 
ATOM   187  C CG  . GLN A 1 40  ? 14.613  0.236   -8.713  1.00 37.36 ? 21  GLN A CG  1 
ATOM   188  C CD  . GLN A 1 40  ? 15.734  1.011   -9.376  1.00 46.27 ? 21  GLN A CD  1 
ATOM   189  O OE1 . GLN A 1 40  ? 15.743  1.191   -10.594 1.00 52.23 ? 21  GLN A OE1 1 
ATOM   190  N NE2 . GLN A 1 40  ? 16.691  1.472   -8.573  1.00 38.40 ? 21  GLN A NE2 1 
ATOM   191  N N   . GLY A 1 41  ? 15.224  -2.420  -5.122  1.00 25.20 ? 22  GLY A N   1 
ATOM   192  C CA  . GLY A 1 41  ? 15.922  -3.305  -4.214  1.00 25.58 ? 22  GLY A CA  1 
ATOM   193  C C   . GLY A 1 41  ? 15.119  -4.558  -3.939  1.00 25.17 ? 22  GLY A C   1 
ATOM   194  O O   . GLY A 1 41  ? 15.666  -5.658  -3.892  1.00 19.50 ? 22  GLY A O   1 
ATOM   195  N N   . LEU A 1 42  ? 13.811  -4.397  -3.756  1.00 20.42 ? 23  LEU A N   1 
ATOM   196  C CA  . LEU A 1 42  ? 12.942  -5.535  -3.472  1.00 17.35 ? 23  LEU A CA  1 
ATOM   197  C C   . LEU A 1 42  ? 12.788  -6.460  -4.684  1.00 19.34 ? 23  LEU A C   1 
ATOM   198  O O   . LEU A 1 42  ? 12.723  -7.687  -4.550  1.00 21.14 ? 23  LEU A O   1 
ATOM   199  C CB  . LEU A 1 42  ? 11.567  -5.049  -2.977  1.00 19.11 ? 23  LEU A CB  1 
ATOM   200  C CG  . LEU A 1 42  ? 11.517  -4.360  -1.616  1.00 18.16 ? 23  LEU A CG  1 
ATOM   201  C CD1 . LEU A 1 42  ? 10.096  -3.823  -1.301  1.00 15.74 ? 23  LEU A CD1 1 
ATOM   202  C CD2 . LEU A 1 42  ? 11.965  -5.319  -0.519  1.00 20.19 ? 23  LEU A CD2 1 
ATOM   203  N N   . TRP A 1 43  ? 12.719  -5.864  -5.866  1.00 19.52 ? 24  TRP A N   1 
ATOM   204  C CA  . TRP A 1 43  ? 12.603  -6.618  -7.110  1.00 22.99 ? 24  TRP A CA  1 
ATOM   205  C C   . TRP A 1 43  ? 13.753  -7.620  -7.247  1.00 21.18 ? 24  TRP A C   1 
ATOM   206  O O   . TRP A 1 43  ? 13.556  -8.732  -7.738  1.00 17.88 ? 24  TRP A O   1 
ATOM   207  C CB  . TRP A 1 43  ? 12.589  -5.650  -8.299  1.00 23.14 ? 24  TRP A CB  1 
ATOM   208  C CG  . TRP A 1 43  ? 12.337  -6.274  -9.647  1.00 30.37 ? 24  TRP A CG  1 
ATOM   209  C CD1 . TRP A 1 43  ? 11.123  -6.587  -10.194 1.00 32.90 ? 24  TRP A CD1 1 
ATOM   210  C CD2 . TRP A 1 43  ? 13.322  -6.624  -10.634 1.00 35.73 ? 24  TRP A CD2 1 
ATOM   211  N NE1 . TRP A 1 43  ? 11.293  -7.126  -11.449 1.00 39.12 ? 24  TRP A NE1 1 
ATOM   212  C CE2 . TRP A 1 43  ? 12.631  -7.157  -11.744 1.00 39.38 ? 24  TRP A CE2 1 
ATOM   213  C CE3 . TRP A 1 43  ? 14.718  -6.548  -10.681 1.00 37.39 ? 24  TRP A CE3 1 
ATOM   214  C CZ2 . TRP A 1 43  ? 13.291  -7.610  -12.892 1.00 44.08 ? 24  TRP A CZ2 1 
ATOM   215  C CZ3 . TRP A 1 43  ? 15.374  -6.998  -11.824 1.00 43.18 ? 24  TRP A CZ3 1 
ATOM   216  C CH2 . TRP A 1 43  ? 14.658  -7.524  -12.912 1.00 41.33 ? 24  TRP A CH2 1 
ATOM   217  N N   . HIS A 1 44  ? 14.952  -7.232  -6.815  1.00 22.06 ? 25  HIS A N   1 
ATOM   218  C CA  . HIS A 1 44  ? 16.116  -8.117  -6.947  1.00 22.64 ? 25  HIS A CA  1 
ATOM   219  C C   . HIS A 1 44  ? 16.073  -9.344  -6.033  1.00 25.51 ? 25  HIS A C   1 
ATOM   220  O O   . HIS A 1 44  ? 16.958  -10.206 -6.105  1.00 21.91 ? 25  HIS A O   1 
ATOM   221  C CB  . HIS A 1 44  ? 17.419  -7.351  -6.712  1.00 22.19 ? 25  HIS A CB  1 
ATOM   222  C CG  . HIS A 1 44  ? 17.766  -6.410  -7.820  1.00 30.94 ? 25  HIS A CG  1 
ATOM   223  N ND1 . HIS A 1 44  ? 18.212  -6.847  -9.052  1.00 35.06 ? 25  HIS A ND1 1 
ATOM   224  C CD2 . HIS A 1 44  ? 17.722  -5.062  -7.892  1.00 31.11 ? 25  HIS A CD2 1 
ATOM   225  C CE1 . HIS A 1 44  ? 18.424  -5.804  -9.833  1.00 36.51 ? 25  HIS A CE1 1 
ATOM   226  N NE2 . HIS A 1 44  ? 18.129  -4.708  -9.157  1.00 33.29 ? 25  HIS A NE2 1 
ATOM   227  N N   . LEU A 1 45  ? 15.060  -9.422  -5.172  1.00 20.02 ? 26  LEU A N   1 
ATOM   228  C CA  . LEU A 1 45  ? 14.910  -10.569 -4.269  1.00 19.53 ? 26  LEU A CA  1 
ATOM   229  C C   . LEU A 1 45  ? 14.367  -11.801 -4.987  1.00 21.83 ? 26  LEU A C   1 
ATOM   230  O O   . LEU A 1 45  ? 14.241  -12.887 -4.397  1.00 20.98 ? 26  LEU A O   1 
ATOM   231  C CB  . LEU A 1 45  ? 13.989  -10.217 -3.081  1.00 19.51 ? 26  LEU A CB  1 
ATOM   232  C CG  . LEU A 1 45  ? 14.487  -9.242  -2.002  1.00 21.37 ? 26  LEU A CG  1 
ATOM   233  C CD1 . LEU A 1 45  ? 13.347  -8.792  -1.050  1.00 18.94 ? 26  LEU A CD1 1 
ATOM   234  C CD2 . LEU A 1 45  ? 15.624  -9.826  -1.192  1.00 21.86 ? 26  LEU A CD2 1 
ATOM   235  N N   . PHE A 1 46  ? 14.034  -11.646 -6.262  1.00 21.24 ? 27  PHE A N   1 
ATOM   236  C CA  . PHE A 1 46  ? 13.388  -12.739 -6.980  1.00 25.22 ? 27  PHE A CA  1 
ATOM   237  C C   . PHE A 1 46  ? 14.176  -13.162 -8.208  1.00 28.44 ? 27  PHE A C   1 
ATOM   238  O O   . PHE A 1 46  ? 13.774  -12.888 -9.343  1.00 31.55 ? 27  PHE A O   1 
ATOM   239  C CB  . PHE A 1 46  ? 11.947  -12.359 -7.317  1.00 27.83 ? 27  PHE A CB  1 
ATOM   240  C CG  . PHE A 1 46  ? 11.151  -11.943 -6.106  1.00 22.04 ? 27  PHE A CG  1 
ATOM   241  C CD1 . PHE A 1 46  ? 10.701  -12.895 -5.207  1.00 23.67 ? 27  PHE A CD1 1 
ATOM   242  C CD2 . PHE A 1 46  ? 10.888  -10.602 -5.855  1.00 21.69 ? 27  PHE A CD2 1 
ATOM   243  C CE1 . PHE A 1 46  ? 9.977   -12.526 -4.079  1.00 23.66 ? 27  PHE A CE1 1 
ATOM   244  C CE2 . PHE A 1 46  ? 10.170  -10.219 -4.725  1.00 25.15 ? 27  PHE A CE2 1 
ATOM   245  C CZ  . PHE A 1 46  ? 9.717   -11.180 -3.837  1.00 21.75 ? 27  PHE A CZ  1 
ATOM   246  N N   . PRO A 1 47  ? 15.308  -13.848 -7.974  1.00 30.13 ? 28  PRO A N   1 
ATOM   247  C CA  . PRO A 1 47  ? 16.260  -14.232 -9.025  1.00 35.92 ? 28  PRO A CA  1 
ATOM   248  C C   . PRO A 1 47  ? 15.798  -15.450 -9.832  1.00 35.32 ? 28  PRO A C   1 
ATOM   249  O O   . PRO A 1 47  ? 16.259  -15.630 -10.960 1.00 35.09 ? 28  PRO A O   1 
ATOM   250  C CB  . PRO A 1 47  ? 17.515  -14.583 -8.226  1.00 29.92 ? 28  PRO A CB  1 
ATOM   251  C CG  . PRO A 1 47  ? 16.979  -15.156 -6.959  1.00 31.21 ? 28  PRO A CG  1 
ATOM   252  C CD  . PRO A 1 47  ? 15.709  -14.368 -6.654  1.00 26.11 ? 28  PRO A CD  1 
ATOM   253  N N   . ASN A 1 48  ? 14.915  -16.270 -9.265  1.00 28.80 ? 29  ASN A N   1 
ATOM   254  C CA  . ASN A 1 48  ? 14.488  -17.509 -9.913  1.00 36.71 ? 29  ASN A CA  1 
ATOM   255  C C   . ASN A 1 48  ? 13.561  -17.277 -11.108 1.00 45.49 ? 29  ASN A C   1 
ATOM   256  O O   . ASN A 1 48  ? 12.943  -16.218 -11.238 1.00 48.86 ? 29  ASN A O   1 
ATOM   257  C CB  . ASN A 1 48  ? 13.825  -18.453 -8.903  1.00 41.27 ? 29  ASN A CB  1 
ATOM   258  C CG  . ASN A 1 48  ? 14.830  -19.138 -7.984  1.00 45.07 ? 29  ASN A CG  1 
ATOM   259  O OD1 . ASN A 1 48  ? 15.882  -19.606 -8.430  1.00 40.58 ? 29  ASN A OD1 1 
ATOM   260  N ND2 . ASN A 1 48  ? 14.507  -19.199 -6.691  1.00 37.31 ? 29  ASN A ND2 1 
ATOM   261  N N   . ASP A 1 55  ? 5.923   -9.238  -9.557  1.00 49.02 ? 36  ASP A N   1 
ATOM   262  C CA  . ASP A 1 55  ? 4.637   -8.922  -8.939  1.00 35.12 ? 36  ASP A CA  1 
ATOM   263  C C   . ASP A 1 55  ? 4.593   -9.250  -7.446  1.00 39.00 ? 36  ASP A C   1 
ATOM   264  O O   . ASP A 1 55  ? 4.280   -10.370 -7.052  1.00 47.31 ? 36  ASP A O   1 
ATOM   265  C CB  . ASP A 1 55  ? 3.496   -9.632  -9.658  1.00 48.77 ? 36  ASP A CB  1 
ATOM   266  C CG  . ASP A 1 55  ? 2.727   -8.701  -10.567 1.00 56.06 ? 36  ASP A CG  1 
ATOM   267  O OD1 . ASP A 1 55  ? 2.901   -7.470  -10.426 1.00 57.83 ? 36  ASP A OD1 1 
ATOM   268  O OD2 . ASP A 1 55  ? 1.951   -9.194  -11.410 1.00 54.50 ? 36  ASP A OD2 1 
ATOM   269  N N   . PHE A 1 56  ? 4.901   -8.254  -6.627  1.00 25.01 ? 37  PHE A N   1 
ATOM   270  C CA  . PHE A 1 56  ? 4.883   -8.387  -5.178  1.00 22.01 ? 37  PHE A CA  1 
ATOM   271  C C   . PHE A 1 56  ? 4.326   -7.091  -4.613  1.00 18.89 ? 37  PHE A C   1 
ATOM   272  O O   . PHE A 1 56  ? 4.241   -6.091  -5.333  1.00 17.93 ? 37  PHE A O   1 
ATOM   273  C CB  . PHE A 1 56  ? 6.304   -8.601  -4.659  1.00 21.67 ? 37  PHE A CB  1 
ATOM   274  C CG  . PHE A 1 56  ? 7.264   -7.531  -5.095  1.00 20.70 ? 37  PHE A CG  1 
ATOM   275  C CD1 . PHE A 1 56  ? 8.030   -7.693  -6.243  1.00 20.52 ? 37  PHE A CD1 1 
ATOM   276  C CD2 . PHE A 1 56  ? 7.400   -6.361  -4.358  1.00 23.00 ? 37  PHE A CD2 1 
ATOM   277  C CE1 . PHE A 1 56  ? 8.913   -6.708  -6.649  1.00 19.38 ? 37  PHE A CE1 1 
ATOM   278  C CE2 . PHE A 1 56  ? 8.278   -5.366  -4.756  1.00 19.11 ? 37  PHE A CE2 1 
ATOM   279  C CZ  . PHE A 1 56  ? 9.039   -5.540  -5.915  1.00 22.75 ? 37  PHE A CZ  1 
ATOM   280  N N   . LEU A 1 57  ? 3.946   -7.113  -3.335  1.00 14.96 ? 38  LEU A N   1 
ATOM   281  C CA  . LEU A 1 57  ? 3.428   -5.930  -2.642  1.00 17.77 ? 38  LEU A CA  1 
ATOM   282  C C   . LEU A 1 57  ? 4.278   -5.693  -1.397  1.00 16.31 ? 38  LEU A C   1 
ATOM   283  O O   . LEU A 1 57  ? 4.857   -6.639  -0.860  1.00 14.27 ? 38  LEU A O   1 
ATOM   284  C CB  . LEU A 1 57  ? 1.962   -6.137  -2.247  1.00 15.08 ? 38  LEU A CB  1 
ATOM   285  C CG  . LEU A 1 57  ? 0.915   -6.304  -3.352  1.00 21.24 ? 38  LEU A CG  1 
ATOM   286  C CD1 . LEU A 1 57  ? -0.437  -6.722  -2.773  1.00 18.31 ? 38  LEU A CD1 1 
ATOM   287  C CD2 . LEU A 1 57  ? 0.755   -5.002  -4.161  1.00 18.08 ? 38  LEU A CD2 1 
ATOM   288  N N   . PHE A 1 58  ? 4.394   -4.445  -0.952  1.00 13.50 ? 39  PHE A N   1 
ATOM   289  C CA  . PHE A 1 58  ? 5.106   -4.178  0.302   1.00 14.52 ? 39  PHE A CA  1 
ATOM   290  C C   . PHE A 1 58  ? 4.528   -3.048  1.150   1.00 17.42 ? 39  PHE A C   1 
ATOM   291  O O   . PHE A 1 58  ? 3.796   -2.174  0.662   1.00 13.51 ? 39  PHE A O   1 
ATOM   292  C CB  . PHE A 1 58  ? 6.612   -3.971  0.062   1.00 15.97 ? 39  PHE A CB  1 
ATOM   293  C CG  . PHE A 1 58  ? 6.964   -2.703  -0.683  1.00 14.39 ? 39  PHE A CG  1 
ATOM   294  C CD1 . PHE A 1 58  ? 6.893   -2.651  -2.068  1.00 14.91 ? 39  PHE A CD1 1 
ATOM   295  C CD2 . PHE A 1 58  ? 7.418   -1.585  0.003   1.00 15.61 ? 39  PHE A CD2 1 
ATOM   296  C CE1 . PHE A 1 58  ? 7.240   -1.495  -2.757  1.00 16.41 ? 39  PHE A CE1 1 
ATOM   297  C CE2 . PHE A 1 58  ? 7.773   -0.417  -0.683  1.00 16.46 ? 39  PHE A CE2 1 
ATOM   298  C CZ  . PHE A 1 58  ? 7.683   -0.375  -2.056  1.00 13.28 ? 39  PHE A CZ  1 
ATOM   299  N N   . HIS A 1 59  ? 4.878   -3.075  2.433   1.00 14.89 ? 40  HIS A N   1 
ATOM   300  C CA  . HIS A 1 59  ? 4.412   -2.093  3.396   1.00 15.72 ? 40  HIS A CA  1 
ATOM   301  C C   . HIS A 1 59  ? 5.595   -1.696  4.254   1.00 19.66 ? 40  HIS A C   1 
ATOM   302  O O   . HIS A 1 59  ? 6.134   -2.519  4.987   1.00 19.06 ? 40  HIS A O   1 
ATOM   303  C CB  . HIS A 1 59  ? 3.327   -2.710  4.282   1.00 17.25 ? 40  HIS A CB  1 
ATOM   304  C CG  . HIS A 1 59  ? 2.863   -1.813  5.392   1.00 21.83 ? 40  HIS A CG  1 
ATOM   305  N ND1 . HIS A 1 59  ? 1.663   -1.138  5.349   1.00 20.74 ? 40  HIS A ND1 1 
ATOM   306  C CD2 . HIS A 1 59  ? 3.434   -1.493  6.577   1.00 26.82 ? 40  HIS A CD2 1 
ATOM   307  C CE1 . HIS A 1 59  ? 1.516   -0.433  6.460   1.00 26.12 ? 40  HIS A CE1 1 
ATOM   308  N NE2 . HIS A 1 59  ? 2.579   -0.631  7.220   1.00 23.53 ? 40  HIS A NE2 1 
ATOM   309  N N   . VAL A 1 60  ? 6.007   -0.440  4.165   1.00 17.81 ? 41  VAL A N   1 
ATOM   310  C CA  . VAL A 1 60  ? 7.125   0.024   4.967   1.00 19.38 ? 41  VAL A CA  1 
ATOM   311  C C   . VAL A 1 60  ? 6.736   0.090   6.446   1.00 27.51 ? 41  VAL A C   1 
ATOM   312  O O   . VAL A 1 60  ? 5.805   0.803   6.825   1.00 24.61 ? 41  VAL A O   1 
ATOM   313  C CB  . VAL A 1 60  ? 7.604   1.389   4.512   1.00 21.45 ? 41  VAL A CB  1 
ATOM   314  C CG1 . VAL A 1 60  ? 8.755   1.860   5.393   1.00 23.49 ? 41  VAL A CG1 1 
ATOM   315  C CG2 . VAL A 1 60  ? 8.020   1.331   3.030   1.00 22.91 ? 41  VAL A CG2 1 
ATOM   316  N N   . GLU A 1 61  ? 7.449   -0.669  7.270   1.00 20.28 ? 42  GLU A N   1 
ATOM   317  C CA  . GLU A 1 61  ? 7.192   -0.704  8.709   1.00 32.88 ? 42  GLU A CA  1 
ATOM   318  C C   . GLU A 1 61  ? 8.045   0.298   9.492   1.00 35.12 ? 42  GLU A C   1 
ATOM   319  O O   . GLU A 1 61  ? 7.590   0.871   10.485  1.00 34.59 ? 42  GLU A O   1 
ATOM   320  C CB  . GLU A 1 61  ? 7.428   -2.109  9.256   1.00 30.69 ? 42  GLU A CB  1 
ATOM   321  C CG  . GLU A 1 61  ? 6.391   -3.129  8.842   1.00 32.46 ? 42  GLU A CG  1 
ATOM   322  C CD  . GLU A 1 61  ? 6.698   -4.504  9.396   1.00 44.28 ? 42  GLU A CD  1 
ATOM   323  O OE1 . GLU A 1 61  ? 7.895   -4.783  9.646   1.00 44.70 ? 42  GLU A OE1 1 
ATOM   324  O OE2 . GLU A 1 61  ? 5.749   -5.300  9.588   1.00 45.28 ? 42  GLU A OE2 1 
ATOM   325  N N   . LYS A 1 62  ? 9.287   0.483   9.059   1.00 32.25 ? 43  LYS A N   1 
ATOM   326  C CA  . LYS A 1 62  ? 10.188  1.453   9.679   1.00 34.35 ? 43  LYS A CA  1 
ATOM   327  C C   . LYS A 1 62  ? 11.033  2.100   8.600   1.00 34.89 ? 43  LYS A C   1 
ATOM   328  O O   . LYS A 1 62  ? 11.875  1.446   7.995   1.00 33.82 ? 43  LYS A O   1 
ATOM   329  C CB  . LYS A 1 62  ? 11.117  0.770   10.685  1.00 40.92 ? 43  LYS A CB  1 
ATOM   330  C CG  . LYS A 1 62  ? 10.416  0.076   11.828  1.00 42.34 ? 43  LYS A CG  1 
ATOM   331  C CD  . LYS A 1 62  ? 11.427  -0.555  12.779  1.00 49.79 ? 43  LYS A CD  1 
ATOM   332  C CE  . LYS A 1 62  ? 10.739  -1.084  14.032  1.00 61.75 ? 43  LYS A CE  1 
ATOM   333  N NZ  . LYS A 1 62  ? 9.588   -1.978  13.703  1.00 64.45 ? 43  LYS A NZ  1 
ATOM   334  N N   . ARG A 1 63  ? 10.835  3.389   8.373   1.00 33.48 ? 44  ARG A N   1 
ATOM   335  C CA  . ARG A 1 63  ? 11.445  4.035   7.218   1.00 38.70 ? 44  ARG A CA  1 
ATOM   336  C C   . ARG A 1 63  ? 12.940  4.350   7.356   1.00 49.01 ? 44  ARG A C   1 
ATOM   337  O O   . ARG A 1 63  ? 13.698  4.211   6.388   1.00 44.72 ? 44  ARG A O   1 
ATOM   338  C CB  . ARG A 1 63  ? 10.660  5.288   6.819   1.00 44.85 ? 44  ARG A CB  1 
ATOM   339  C CG  . ARG A 1 63  ? 11.220  5.983   5.589   1.00 43.42 ? 44  ARG A CG  1 
ATOM   340  C CD  . ARG A 1 63  ? 11.556  4.964   4.508   1.00 50.72 ? 44  ARG A CD  1 
ATOM   341  N NE  . ARG A 1 63  ? 12.491  5.497   3.521   1.00 50.25 ? 44  ARG A NE  1 
ATOM   342  C CZ  . ARG A 1 63  ? 12.199  5.660   2.237   1.00 49.84 ? 44  ARG A CZ  1 
ATOM   343  N NH1 . ARG A 1 63  ? 11.000  5.319   1.788   1.00 52.35 ? 44  ARG A NH1 1 
ATOM   344  N NH2 . ARG A 1 63  ? 13.104  6.155   1.403   1.00 42.51 ? 44  ARG A NH2 1 
ATOM   345  N N   . ASN A 1 64  ? 13.362  4.777   8.544   1.00 52.46 ? 45  ASN A N   1 
ATOM   346  C CA  . ASN A 1 64  ? 14.756  5.175   8.753   1.00 53.79 ? 45  ASN A CA  1 
ATOM   347  C C   . ASN A 1 64  ? 15.369  4.673   10.059  1.00 56.15 ? 45  ASN A C   1 
ATOM   348  O O   . ASN A 1 64  ? 15.164  5.263   11.120  1.00 57.89 ? 45  ASN A O   1 
ATOM   349  C CB  . ASN A 1 64  ? 14.906  6.697   8.675   1.00 54.08 ? 45  ASN A CB  1 
ATOM   350  C CG  . ASN A 1 64  ? 14.463  7.260   7.341   1.00 58.11 ? 45  ASN A CG  1 
ATOM   351  O OD1 . ASN A 1 64  ? 15.077  6.992   6.304   1.00 58.52 ? 45  ASN A OD1 1 
ATOM   352  N ND2 . ASN A 1 64  ? 13.401  8.062   7.362   1.00 59.30 ? 45  ASN A ND2 1 
ATOM   353  N N   . THR A 1 65  ? 16.119  3.582   9.973   1.00 53.51 ? 46  THR A N   1 
ATOM   354  C CA  . THR A 1 65  ? 16.889  3.090   11.104  1.00 51.13 ? 46  THR A CA  1 
ATOM   355  C C   . THR A 1 65  ? 18.347  3.029   10.670  1.00 53.07 ? 46  THR A C   1 
ATOM   356  O O   . THR A 1 65  ? 18.645  3.210   9.487   1.00 53.18 ? 46  THR A O   1 
ATOM   357  C CB  . THR A 1 65  ? 16.422  1.689   11.548  1.00 51.13 ? 46  THR A CB  1 
ATOM   358  O OG1 . THR A 1 65  ? 16.800  0.718   10.563  1.00 49.63 ? 46  THR A OG1 1 
ATOM   359  C CG2 . THR A 1 65  ? 14.911  1.665   11.725  1.00 50.29 ? 46  THR A CG2 1 
ATOM   360  N N   . PRO A 1 66  ? 19.263  2.791   11.622  1.00 54.33 ? 47  PRO A N   1 
ATOM   361  C CA  . PRO A 1 66  ? 20.681  2.638   11.276  1.00 51.85 ? 47  PRO A CA  1 
ATOM   362  C C   . PRO A 1 66  ? 20.866  1.603   10.168  1.00 49.44 ? 47  PRO A C   1 
ATOM   363  O O   . PRO A 1 66  ? 21.581  1.858   9.197   1.00 47.79 ? 47  PRO A O   1 
ATOM   364  C CB  . PRO A 1 66  ? 21.302  2.127   12.578  1.00 50.46 ? 47  PRO A CB  1 
ATOM   365  C CG  . PRO A 1 66  ? 20.427  2.685   13.646  1.00 48.80 ? 47  PRO A CG  1 
ATOM   366  C CD  . PRO A 1 66  ? 19.032  2.681   13.075  1.00 54.34 ? 47  PRO A CD  1 
ATOM   367  N N   . GLU A 1 67  ? 20.211  0.454   10.314  1.00 49.50 ? 48  GLU A N   1 
ATOM   368  C CA  . GLU A 1 67  ? 20.361  -0.641  9.360   1.00 44.93 ? 48  GLU A CA  1 
ATOM   369  C C   . GLU A 1 67  ? 19.485  -0.495  8.111   1.00 45.07 ? 48  GLU A C   1 
ATOM   370  O O   . GLU A 1 67  ? 19.502  -1.353  7.232   1.00 42.21 ? 48  GLU A O   1 
ATOM   371  C CB  . GLU A 1 67  ? 20.114  -1.995  10.039  1.00 46.76 ? 48  GLU A CB  1 
ATOM   372  C CG  . GLU A 1 67  ? 18.752  -2.136  10.696  1.00 49.85 ? 48  GLU A CG  1 
ATOM   373  C CD  . GLU A 1 67  ? 18.608  -1.287  11.949  1.00 56.45 ? 48  GLU A CD  1 
ATOM   374  O OE1 . GLU A 1 67  ? 19.640  -0.876  12.522  1.00 57.62 ? 48  GLU A OE1 1 
ATOM   375  O OE2 . GLU A 1 67  ? 17.458  -1.028  12.362  1.00 56.88 ? 48  GLU A OE2 1 
ATOM   376  N N   . GLY A 1 68  ? 18.720  0.587   8.032   1.00 41.63 ? 49  GLY A N   1 
ATOM   377  C CA  . GLY A 1 68  ? 17.945  0.863   6.837   1.00 38.37 ? 49  GLY A CA  1 
ATOM   378  C C   . GLY A 1 68  ? 16.437  0.807   7.018   1.00 41.04 ? 49  GLY A C   1 
ATOM   379  O O   . GLY A 1 68  ? 15.906  1.125   8.085   1.00 37.38 ? 49  GLY A O   1 
ATOM   380  N N   . CYS A 1 69  ? 15.751  0.397   5.954   1.00 36.07 ? 50  CYS A N   1 
ATOM   381  C CA  . CYS A 1 69  ? 14.290  0.419   5.887   1.00 31.76 ? 50  CYS A CA  1 
ATOM   382  C C   . CYS A 1 69  ? 13.692  -0.967  6.142   1.00 30.15 ? 50  CYS A C   1 
ATOM   383  O O   . CYS A 1 69  ? 13.989  -1.910  5.404   1.00 28.78 ? 50  CYS A O   1 
ATOM   384  C CB  . CYS A 1 69  ? 13.875  0.920   4.498   1.00 34.04 ? 50  CYS A CB  1 
ATOM   385  S SG  . CYS A 1 69  ? 12.102  1.046   4.209   1.00 35.32 ? 50  CYS A SG  1 
ATOM   386  N N   . HIS A 1 70  ? 12.857  -1.086  7.178   1.00 26.75 ? 51  HIS A N   1 
ATOM   387  C CA  . HIS A 1 70  ? 12.159  -2.337  7.492   1.00 27.49 ? 51  HIS A CA  1 
ATOM   388  C C   . HIS A 1 70  ? 10.836  -2.445  6.739   1.00 26.22 ? 51  HIS A C   1 
ATOM   389  O O   . HIS A 1 70  ? 9.969   -1.582  6.852   1.00 25.36 ? 51  HIS A O   1 
ATOM   390  C CB  . HIS A 1 70  ? 11.871  -2.455  8.990   1.00 29.23 ? 51  HIS A CB  1 
ATOM   391  C CG  . HIS A 1 70  ? 13.101  -2.585  9.838   1.00 34.78 ? 51  HIS A CG  1 
ATOM   392  N ND1 . HIS A 1 70  ? 13.306  -3.655  10.688  1.00 35.61 ? 51  HIS A ND1 1 
ATOM   393  C CD2 . HIS A 1 70  ? 14.175  -1.779  9.977   1.00 36.66 ? 51  HIS A CD2 1 
ATOM   394  C CE1 . HIS A 1 70  ? 14.463  -3.499  11.307  1.00 36.68 ? 51  HIS A CE1 1 
ATOM   395  N NE2 . HIS A 1 70  ? 15.012  -2.372  10.896  1.00 36.73 ? 51  HIS A NE2 1 
ATOM   396  N N   . VAL A 1 71  ? 10.677  -3.533  6.000   1.00 21.92 ? 52  VAL A N   1 
ATOM   397  C CA  . VAL A 1 71  ? 9.537   -3.703  5.121   1.00 21.59 ? 52  VAL A CA  1 
ATOM   398  C C   . VAL A 1 71  ? 8.834   -5.024  5.403   1.00 23.92 ? 52  VAL A C   1 
ATOM   399  O O   . VAL A 1 71  ? 9.483   -6.009  5.766   1.00 24.40 ? 52  VAL A O   1 
ATOM   400  C CB  . VAL A 1 71  ? 10.018  -3.641  3.654   1.00 25.44 ? 52  VAL A CB  1 
ATOM   401  C CG1 . VAL A 1 71  ? 9.123   -4.436  2.736   1.00 24.91 ? 52  VAL A CG1 1 
ATOM   402  C CG2 . VAL A 1 71  ? 10.133  -2.196  3.204   1.00 24.94 ? 52  VAL A CG2 1 
ATOM   403  N N   . LEU A 1 72  ? 7.506   -5.041  5.270   1.00 18.20 ? 53  LEU A N   1 
ATOM   404  C CA  . LEU A 1 72  ? 6.771   -6.297  5.156   1.00 18.44 ? 53  LEU A CA  1 
ATOM   405  C C   . LEU A 1 72  ? 6.517   -6.549  3.672   1.00 18.23 ? 53  LEU A C   1 
ATOM   406  O O   . LEU A 1 72  ? 6.015   -5.672  2.976   1.00 17.59 ? 53  LEU A O   1 
ATOM   407  C CB  . LEU A 1 72  ? 5.436   -6.229  5.908   1.00 20.02 ? 53  LEU A CB  1 
ATOM   408  C CG  . LEU A 1 72  ? 4.473   -7.409  5.694   1.00 19.91 ? 53  LEU A CG  1 
ATOM   409  C CD1 . LEU A 1 72  ? 4.986   -8.684  6.368   1.00 21.74 ? 53  LEU A CD1 1 
ATOM   410  C CD2 . LEU A 1 72  ? 3.071   -7.086  6.225   1.00 27.25 ? 53  LEU A CD2 1 
ATOM   411  N N   . LEU A 1 73  ? 6.851   -7.745  3.201   1.00 14.89 ? 54  LEU A N   1 
ATOM   412  C CA  . LEU A 1 73  ? 6.815   -8.066  1.781   1.00 17.03 ? 54  LEU A CA  1 
ATOM   413  C C   . LEU A 1 73  ? 5.881   -9.232  1.510   1.00 19.15 ? 54  LEU A C   1 
ATOM   414  O O   . LEU A 1 73  ? 6.054   -10.312 2.078   1.00 19.20 ? 54  LEU A O   1 
ATOM   415  C CB  . LEU A 1 73  ? 8.231   -8.440  1.307   1.00 11.97 ? 54  LEU A CB  1 
ATOM   416  C CG  . LEU A 1 73  ? 8.352   -9.012  -0.097  1.00 16.94 ? 54  LEU A CG  1 
ATOM   417  C CD1 . LEU A 1 73  ? 8.123   -7.920  -1.121  1.00 15.43 ? 54  LEU A CD1 1 
ATOM   418  C CD2 . LEU A 1 73  ? 9.744   -9.637  -0.281  1.00 17.41 ? 54  LEU A CD2 1 
ATOM   419  N N   . GLN A 1 74  ? 4.906   -9.031  0.628   1.00 14.65 ? 55  GLN A N   1 
ATOM   420  C CA  . GLN A 1 74  ? 4.015   -10.116 0.227   1.00 16.47 ? 55  GLN A CA  1 
ATOM   421  C C   . GLN A 1 74  ? 4.332   -10.512 -1.193  1.00 18.67 ? 55  GLN A C   1 
ATOM   422  O O   . GLN A 1 74  ? 4.385   -9.655  -2.087  1.00 15.40 ? 55  GLN A O   1 
ATOM   423  C CB  . GLN A 1 74  ? 2.548   -9.680  0.331   1.00 18.23 ? 55  GLN A CB  1 
ATOM   424  C CG  . GLN A 1 74  ? 1.553   -10.740 -0.107  1.00 20.51 ? 55  GLN A CG  1 
ATOM   425  C CD  . GLN A 1 74  ? 0.125   -10.208 -0.147  1.00 24.45 ? 55  GLN A CD  1 
ATOM   426  O OE1 . GLN A 1 74  ? -0.535  -10.237 -1.186  1.00 21.24 ? 55  GLN A OE1 1 
ATOM   427  N NE2 . GLN A 1 74  ? -0.349  -9.713  0.989   1.00 21.27 ? 55  GLN A NE2 1 
ATOM   428  N N   . SER A 1 75  ? 4.565   -11.801 -1.419  1.00 17.60 ? 56  SER A N   1 
ATOM   429  C CA  . SER A 1 75  ? 5.010   -12.234 -2.748  1.00 23.16 ? 56  SER A CA  1 
ATOM   430  C C   . SER A 1 75  ? 4.561   -13.644 -3.079  1.00 24.74 ? 56  SER A C   1 
ATOM   431  O O   . SER A 1 75  ? 4.314   -14.441 -2.185  1.00 26.65 ? 56  SER A O   1 
ATOM   432  C CB  . SER A 1 75  ? 6.538   -12.175 -2.837  1.00 25.96 ? 56  SER A CB  1 
ATOM   433  O OG  . SER A 1 75  ? 7.134   -13.032 -1.882  1.00 23.74 ? 56  SER A OG  1 
ATOM   434  N N   . ALA A 1 76  ? 4.474   -13.953 -4.368  1.00 23.57 ? 57  ALA A N   1 
ATOM   435  C CA  . ALA A 1 76  ? 4.091   -15.294 -4.793  1.00 29.27 ? 57  ALA A CA  1 
ATOM   436  C C   . ALA A 1 76  ? 5.250   -16.293 -4.633  1.00 36.57 ? 57  ALA A C   1 
ATOM   437  O O   . ALA A 1 76  ? 5.029   -17.496 -4.471  1.00 39.93 ? 57  ALA A O   1 
ATOM   438  C CB  . ALA A 1 76  ? 3.587   -15.268 -6.225  1.00 31.34 ? 57  ALA A CB  1 
ATOM   439  N N   . GLN A 1 77  ? 6.478   -15.789 -4.668  1.00 29.66 ? 58  GLN A N   1 
ATOM   440  C CA  . GLN A 1 77  ? 7.667   -16.634 -4.518  1.00 35.53 ? 58  GLN A CA  1 
ATOM   441  C C   . GLN A 1 77  ? 8.406   -16.272 -3.237  1.00 33.14 ? 58  GLN A C   1 
ATOM   442  O O   . GLN A 1 77  ? 8.241   -15.169 -2.700  1.00 28.86 ? 58  GLN A O   1 
ATOM   443  C CB  . GLN A 1 77  ? 8.621   -16.464 -5.709  1.00 38.65 ? 58  GLN A CB  1 
ATOM   444  C CG  . GLN A 1 77  ? 8.145   -17.038 -7.031  1.00 44.73 ? 58  GLN A CG  1 
ATOM   445  C CD  . GLN A 1 77  ? 9.257   -17.072 -8.088  1.00 63.07 ? 58  GLN A CD  1 
ATOM   446  O OE1 . GLN A 1 77  ? 9.793   -16.031 -8.488  1.00 55.29 ? 58  GLN A OE1 1 
ATOM   447  N NE2 . GLN A 1 77  ? 9.611   -18.277 -8.534  1.00 56.78 ? 58  GLN A NE2 1 
ATOM   448  N N   . MET A 1 78  ? 9.222   -17.191 -2.738  1.00 30.33 ? 59  MET A N   1 
ATOM   449  C CA  . MET A 1 78  ? 10.010  -16.895 -1.550  1.00 31.34 ? 59  MET A CA  1 
ATOM   450  C C   . MET A 1 78  ? 11.157  -15.987 -1.962  1.00 26.54 ? 59  MET A C   1 
ATOM   451  O O   . MET A 1 78  ? 11.835  -16.259 -2.951  1.00 30.77 ? 59  MET A O   1 
ATOM   452  C CB  . MET A 1 78  ? 10.546  -18.179 -0.923  1.00 36.58 ? 59  MET A CB  1 
ATOM   453  C CG  . MET A 1 78  ? 9.477   -19.229 -0.682  1.00 42.00 ? 59  MET A CG  1 
ATOM   454  S SD  . MET A 1 78  ? 10.138  -20.702 0.126   1.00 52.78 ? 59  MET A SD  1 
ATOM   455  C CE  . MET A 1 78  ? 10.584  -20.017 1.724   1.00 45.63 ? 59  MET A CE  1 
ATOM   456  N N   . PRO A 1 79  ? 11.358  -14.883 -1.232  1.00 22.30 ? 60  PRO A N   1 
ATOM   457  C CA  . PRO A 1 79  ? 12.436  -13.972 -1.628  1.00 22.81 ? 60  PRO A CA  1 
ATOM   458  C C   . PRO A 1 79  ? 13.800  -14.559 -1.285  1.00 26.15 ? 60  PRO A C   1 
ATOM   459  O O   . PRO A 1 79  ? 13.916  -15.359 -0.347  1.00 21.43 ? 60  PRO A O   1 
ATOM   460  C CB  . PRO A 1 79  ? 12.179  -12.734 -0.765  1.00 19.85 ? 60  PRO A CB  1 
ATOM   461  C CG  . PRO A 1 79  ? 11.456  -13.287 0.463   1.00 22.89 ? 60  PRO A CG  1 
ATOM   462  C CD  . PRO A 1 79  ? 10.591  -14.383 -0.076  1.00 22.42 ? 60  PRO A CD  1 
ATOM   463  N N   . VAL A 1 80  ? 14.813  -14.138 -2.035  1.00 19.24 ? 61  VAL A N   1 
ATOM   464  C CA  . VAL A 1 80  ? 16.198  -14.566 -1.831  1.00 23.02 ? 61  VAL A CA  1 
ATOM   465  C C   . VAL A 1 80  ? 17.053  -13.340 -1.516  1.00 24.41 ? 61  VAL A C   1 
ATOM   466  O O   . VAL A 1 80  ? 17.154  -12.425 -2.329  1.00 23.05 ? 61  VAL A O   1 
ATOM   467  C CB  . VAL A 1 80  ? 16.752  -15.211 -3.104  1.00 23.56 ? 61  VAL A CB  1 
ATOM   468  C CG1 . VAL A 1 80  ? 18.212  -15.625 -2.908  1.00 27.18 ? 61  VAL A CG1 1 
ATOM   469  C CG2 . VAL A 1 80  ? 15.895  -16.405 -3.509  1.00 30.41 ? 61  VAL A CG2 1 
ATOM   470  N N   . SER A 1 81  ? 17.671  -13.315 -0.346  1.00 19.52 ? 62  SER A N   1 
ATOM   471  C CA  . SER A 1 81  ? 18.444  -12.149 0.065   1.00 22.00 ? 62  SER A CA  1 
ATOM   472  C C   . SER A 1 81  ? 19.506  -11.709 -0.949  1.00 24.09 ? 62  SER A C   1 
ATOM   473  O O   . SER A 1 81  ? 20.089  -12.538 -1.661  1.00 24.38 ? 62  SER A O   1 
ATOM   474  C CB  . SER A 1 81  ? 19.111  -12.416 1.414   1.00 19.75 ? 62  SER A CB  1 
ATOM   475  O OG  . SER A 1 81  ? 18.145  -12.597 2.422   1.00 25.25 ? 62  SER A OG  1 
ATOM   476  N N   . THR A 1 82  ? 19.752  -10.400 -1.001  1.00 23.61 ? 63  THR A N   1 
ATOM   477  C CA  . THR A 1 82  ? 20.860  -9.846  -1.775  1.00 23.04 ? 63  THR A CA  1 
ATOM   478  C C   . THR A 1 82  ? 21.841  -9.209  -0.800  1.00 22.98 ? 63  THR A C   1 
ATOM   479  O O   . THR A 1 82  ? 21.698  -9.344  0.420   1.00 24.95 ? 63  THR A O   1 
ATOM   480  C CB  . THR A 1 82  ? 20.392  -8.760  -2.782  1.00 24.48 ? 63  THR A CB  1 
ATOM   481  O OG1 . THR A 1 82  ? 19.909  -7.618  -2.064  1.00 22.93 ? 63  THR A OG1 1 
ATOM   482  C CG2 . THR A 1 82  ? 19.271  -9.290  -3.682  1.00 27.57 ? 63  THR A CG2 1 
ATOM   483  N N   . ALA A 1 83  ? 22.827  -8.498  -1.335  1.00 21.77 ? 64  ALA A N   1 
ATOM   484  C CA  . ALA A 1 83  ? 23.814  -7.818  -0.500  1.00 25.87 ? 64  ALA A CA  1 
ATOM   485  C C   . ALA A 1 83  ? 23.167  -6.656  0.250   1.00 26.69 ? 64  ALA A C   1 
ATOM   486  O O   . ALA A 1 83  ? 23.567  -6.324  1.367   1.00 28.82 ? 64  ALA A O   1 
ATOM   487  C CB  . ALA A 1 83  ? 24.962  -7.316  -1.355  1.00 27.05 ? 64  ALA A CB  1 
ATOM   488  N N   . VAL A 1 84  ? 22.159  -6.043  -0.367  1.00 24.17 ? 65  VAL A N   1 
ATOM   489  C CA  . VAL A 1 84  ? 21.537  -4.850  0.217   1.00 29.27 ? 65  VAL A CA  1 
ATOM   490  C C   . VAL A 1 84  ? 20.151  -5.099  0.831   1.00 28.40 ? 65  VAL A C   1 
ATOM   491  O O   . VAL A 1 84  ? 19.703  -4.332  1.676   1.00 28.79 ? 65  VAL A O   1 
ATOM   492  C CB  . VAL A 1 84  ? 21.457  -3.704  -0.804  1.00 29.99 ? 65  VAL A CB  1 
ATOM   493  C CG1 . VAL A 1 84  ? 22.864  -3.322  -1.278  1.00 33.40 ? 65  VAL A CG1 1 
ATOM   494  C CG2 . VAL A 1 84  ? 20.595  -4.106  -1.974  1.00 30.18 ? 65  VAL A CG2 1 
ATOM   495  N N   . ALA A 1 85  ? 19.478  -6.165  0.407   1.00 23.63 ? 66  ALA A N   1 
ATOM   496  C CA  . ALA A 1 85  ? 18.162  -6.499  0.951   1.00 25.88 ? 66  ALA A CA  1 
ATOM   497  C C   . ALA A 1 85  ? 18.198  -7.842  1.662   1.00 25.39 ? 66  ALA A C   1 
ATOM   498  O O   . ALA A 1 85  ? 18.320  -8.892  1.029   1.00 24.12 ? 66  ALA A O   1 
ATOM   499  C CB  . ALA A 1 85  ? 17.089  -6.495  -0.151  1.00 21.88 ? 66  ALA A CB  1 
ATOM   500  N N   . THR A 1 86  ? 18.093  -7.799  2.985   1.00 21.10 ? 67  THR A N   1 
ATOM   501  C CA  . THR A 1 86  ? 18.210  -8.997  3.797   1.00 23.13 ? 67  THR A CA  1 
ATOM   502  C C   . THR A 1 86  ? 16.845  -9.506  4.234   1.00 27.42 ? 67  THR A C   1 
ATOM   503  O O   . THR A 1 86  ? 16.106  -8.802  4.932   1.00 26.32 ? 67  THR A O   1 
ATOM   504  C CB  . THR A 1 86  ? 19.067  -8.719  5.049   1.00 24.36 ? 67  THR A CB  1 
ATOM   505  O OG1 . THR A 1 86  ? 20.302  -8.114  4.646   1.00 29.43 ? 67  THR A OG1 1 
ATOM   506  C CG2 . THR A 1 86  ? 19.336  -10.008 5.813   1.00 26.43 ? 67  THR A CG2 1 
ATOM   507  N N   . VAL A 1 87  ? 16.516  -10.725 3.808   1.00 23.83 ? 68  VAL A N   1 
ATOM   508  C CA  . VAL A 1 87  ? 15.288  -11.387 4.226   1.00 23.47 ? 68  VAL A CA  1 
ATOM   509  C C   . VAL A 1 87  ? 15.492  -11.912 5.642   1.00 31.39 ? 68  VAL A C   1 
ATOM   510  O O   . VAL A 1 87  ? 16.248  -12.863 5.842   1.00 28.11 ? 68  VAL A O   1 
ATOM   511  C CB  . VAL A 1 87  ? 14.958  -12.573 3.311   1.00 19.58 ? 68  VAL A CB  1 
ATOM   512  C CG1 . VAL A 1 87  ? 13.725  -13.327 3.825   1.00 27.44 ? 68  VAL A CG1 1 
ATOM   513  C CG2 . VAL A 1 87  ? 14.751  -12.116 1.879   1.00 16.72 ? 68  VAL A CG2 1 
ATOM   514  N N   . ILE A 1 88  ? 14.832  -11.291 6.617   1.00 29.34 ? 69  ILE A N   1 
ATOM   515  C CA  . ILE A 1 88  ? 14.986  -11.688 8.013   1.00 35.60 ? 69  ILE A CA  1 
ATOM   516  C C   . ILE A 1 88  ? 14.208  -12.959 8.329   1.00 40.84 ? 69  ILE A C   1 
ATOM   517  O O   . ILE A 1 88  ? 14.665  -13.797 9.107   1.00 39.28 ? 69  ILE A O   1 
ATOM   518  C CB  . ILE A 1 88  ? 14.520  -10.585 8.979   1.00 32.88 ? 69  ILE A CB  1 
ATOM   519  C CG1 . ILE A 1 88  ? 15.288  -9.284  8.727   1.00 34.36 ? 69  ILE A CG1 1 
ATOM   520  C CG2 . ILE A 1 88  ? 14.684  -11.051 10.422  1.00 36.42 ? 69  ILE A CG2 1 
ATOM   521  C CD1 . ILE A 1 88  ? 16.791  -9.405  8.925   1.00 35.03 ? 69  ILE A CD1 1 
ATOM   522  N N   . LYS A 1 89  ? 13.026  -13.093 7.733   1.00 31.83 ? 70  LYS A N   1 
ATOM   523  C CA  . LYS A 1 89  ? 12.195  -14.272 7.948   1.00 34.70 ? 70  LYS A CA  1 
ATOM   524  C C   . LYS A 1 89  ? 11.083  -14.329 6.915   1.00 32.50 ? 70  LYS A C   1 
ATOM   525  O O   . LYS A 1 89  ? 10.623  -13.295 6.439   1.00 27.93 ? 70  LYS A O   1 
ATOM   526  C CB  . LYS A 1 89  ? 11.599  -14.250 9.356   1.00 34.42 ? 70  LYS A CB  1 
ATOM   527  C CG  . LYS A 1 89  ? 10.541  -13.171 9.560   1.00 38.63 ? 70  LYS A CG  1 
ATOM   528  C CD  . LYS A 1 89  ? 10.156  -13.005 11.031  1.00 44.50 ? 70  LYS A CD  1 
ATOM   529  C CE  . LYS A 1 89  ? 10.522  -11.612 11.546  1.00 50.65 ? 70  LYS A CE  1 
ATOM   530  N NZ  . LYS A 1 89  ? 11.799  -11.596 12.316  1.00 56.94 ? 70  LYS A NZ  1 
ATOM   531  N N   . THR A 1 90  ? 10.660  -15.539 6.567   1.00 29.29 ? 71  THR A N   1 
ATOM   532  C CA  . THR A 1 90  ? 9.575   -15.734 5.610   1.00 28.15 ? 71  THR A CA  1 
ATOM   533  C C   . THR A 1 90  ? 8.566   -16.735 6.167   1.00 36.00 ? 71  THR A C   1 
ATOM   534  O O   . THR A 1 90  ? 8.952   -17.760 6.724   1.00 37.05 ? 71  THR A O   1 
ATOM   535  C CB  . THR A 1 90  ? 10.104  -16.256 4.262   1.00 31.04 ? 71  THR A CB  1 
ATOM   536  O OG1 . THR A 1 90  ? 10.950  -15.268 3.657   1.00 29.52 ? 71  THR A OG1 1 
ATOM   537  C CG2 . THR A 1 90  ? 8.950   -16.577 3.320   1.00 30.34 ? 71  THR A CG2 1 
ATOM   538  N N   . LYS A 1 91  ? 7.278   -16.435 6.024   1.00 35.96 ? 72  LYS A N   1 
ATOM   539  C CA  . LYS A 1 91  ? 6.218   -17.361 6.435   1.00 37.65 ? 72  LYS A CA  1 
ATOM   540  C C   . LYS A 1 91  ? 5.207   -17.525 5.305   1.00 44.30 ? 72  LYS A C   1 
ATOM   541  O O   . LYS A 1 91  ? 4.745   -16.536 4.733   1.00 40.68 ? 72  LYS A O   1 
ATOM   542  C CB  . LYS A 1 91  ? 5.502   -16.840 7.681   1.00 41.67 ? 72  LYS A CB  1 
ATOM   543  C CG  . LYS A 1 91  ? 4.068   -16.392 7.421   1.00 46.81 ? 72  LYS A CG  1 
ATOM   544  C CD  . LYS A 1 91  ? 3.487   -15.592 8.584   1.00 52.64 ? 72  LYS A CD  1 
ATOM   545  C CE  . LYS A 1 91  ? 2.083   -15.081 8.246   1.00 52.24 ? 72  LYS A CE  1 
ATOM   546  N NZ  . LYS A 1 91  ? 1.502   -14.183 9.293   1.00 47.10 ? 72  LYS A NZ  1 
ATOM   547  N N   . GLN A 1 92  ? 4.867   -18.764 4.967   1.00 43.67 ? 73  GLN A N   1 
ATOM   548  C CA  . GLN A 1 92  ? 3.846   -18.986 3.950   1.00 42.73 ? 73  GLN A CA  1 
ATOM   549  C C   . GLN A 1 92  ? 2.460   -18.903 4.562   1.00 43.36 ? 73  GLN A C   1 
ATOM   550  O O   . GLN A 1 92  ? 2.229   -19.382 5.672   1.00 50.32 ? 73  GLN A O   1 
ATOM   551  C CB  . GLN A 1 92  ? 4.011   -20.330 3.244   1.00 42.22 ? 73  GLN A CB  1 
ATOM   552  C CG  . GLN A 1 92  ? 2.816   -20.675 2.354   1.00 47.12 ? 73  GLN A CG  1 
ATOM   553  C CD  . GLN A 1 92  ? 3.105   -21.782 1.356   1.00 55.01 ? 73  GLN A CD  1 
ATOM   554  O OE1 . GLN A 1 92  ? 3.944   -22.652 1.597   1.00 52.68 ? 73  GLN A OE1 1 
ATOM   555  N NE2 . GLN A 1 92  ? 2.411   -21.750 0.220   1.00 59.11 ? 73  GLN A NE2 1 
ATOM   556  N N   . VAL A 1 93  ? 1.536   -18.288 3.833   1.00 42.63 ? 74  VAL A N   1 
ATOM   557  C CA  . VAL A 1 93  ? 0.154   -18.228 4.288   1.00 50.60 ? 74  VAL A CA  1 
ATOM   558  C C   . VAL A 1 93  ? -0.744  -19.109 3.426   1.00 52.36 ? 74  VAL A C   1 
ATOM   559  O O   . VAL A 1 93  ? -0.748  -19.007 2.197   1.00 51.56 ? 74  VAL A O   1 
ATOM   560  C CB  . VAL A 1 93  ? -0.391  -16.784 4.323   1.00 51.11 ? 74  VAL A CB  1 
ATOM   561  C CG1 . VAL A 1 93  ? -1.198  -16.485 3.072   1.00 52.41 ? 74  VAL A CG1 1 
ATOM   562  C CG2 . VAL A 1 93  ? -1.245  -16.570 5.565   1.00 55.93 ? 74  VAL A CG2 1 
ATOM   563  N N   . GLU A 1 94  ? -1.464  -20.008 4.086   1.00 54.81 ? 75  GLU A N   1 
ATOM   564  C CA  . GLU A 1 94  ? -2.594  -20.694 3.484   1.00 58.98 ? 75  GLU A CA  1 
ATOM   565  C C   . GLU A 1 94  ? -3.825  -20.141 4.189   1.00 58.69 ? 75  GLU A C   1 
ATOM   566  O O   . GLU A 1 94  ? -3.871  -20.079 5.420   1.00 57.71 ? 75  GLU A O   1 
ATOM   567  C CB  . GLU A 1 94  ? -2.481  -22.208 3.668   1.00 62.17 ? 75  GLU A CB  1 
ATOM   568  C CG  . GLU A 1 94  ? -1.633  -22.909 2.604   1.00 68.27 ? 75  GLU A CG  1 
ATOM   569  C CD  . GLU A 1 94  ? -2.440  -23.290 1.366   1.00 73.88 ? 75  GLU A CD  1 
ATOM   570  O OE1 . GLU A 1 94  ? -3.690  -23.277 1.442   1.00 74.58 ? 75  GLU A OE1 1 
ATOM   571  O OE2 . GLU A 1 94  ? -1.823  -23.598 0.319   1.00 66.89 ? 75  GLU A OE2 1 
ATOM   572  N N   . PHE A 1 95  ? -4.809  -19.709 3.410   1.00 61.21 ? 76  PHE A N   1 
ATOM   573  C CA  . PHE A 1 95  ? -5.959  -19.015 3.972   1.00 56.29 ? 76  PHE A CA  1 
ATOM   574  C C   . PHE A 1 95  ? -7.066  -19.955 4.428   1.00 56.84 ? 76  PHE A C   1 
ATOM   575  O O   . PHE A 1 95  ? -7.341  -20.967 3.783   1.00 55.82 ? 76  PHE A O   1 
ATOM   576  C CB  . PHE A 1 95  ? -6.498  -17.991 2.981   1.00 54.42 ? 76  PHE A CB  1 
ATOM   577  C CG  . PHE A 1 95  ? -5.942  -16.615 3.183   1.00 58.25 ? 76  PHE A CG  1 
ATOM   578  C CD1 . PHE A 1 95  ? -5.632  -16.166 4.459   1.00 53.63 ? 76  PHE A CD1 1 
ATOM   579  C CD2 . PHE A 1 95  ? -5.717  -15.773 2.104   1.00 49.17 ? 76  PHE A CD2 1 
ATOM   580  C CE1 . PHE A 1 95  ? -5.116  -14.900 4.660   1.00 53.01 ? 76  PHE A CE1 1 
ATOM   581  C CE2 . PHE A 1 95  ? -5.202  -14.503 2.300   1.00 51.35 ? 76  PHE A CE2 1 
ATOM   582  C CZ  . PHE A 1 95  ? -4.902  -14.065 3.582   1.00 45.96 ? 76  PHE A CZ  1 
ATOM   583  N N   . GLN A 1 96  ? -7.686  -19.607 5.555   1.00 58.43 ? 77  GLN A N   1 
ATOM   584  C CA  . GLN A 1 96  ? -8.824  -20.350 6.092   1.00 58.59 ? 77  GLN A CA  1 
ATOM   585  C C   . GLN A 1 96  ? -9.915  -19.366 6.514   1.00 52.03 ? 77  GLN A C   1 
ATOM   586  O O   . GLN A 1 96  ? -10.058 -19.043 7.697   1.00 51.22 ? 77  GLN A O   1 
ATOM   587  C CB  . GLN A 1 96  ? -8.403  -21.222 7.278   1.00 58.77 ? 77  GLN A CB  1 
ATOM   588  C CG  . GLN A 1 96  ? -7.211  -22.131 6.998   1.00 63.23 ? 77  GLN A CG  1 
ATOM   589  C CD  . GLN A 1 96  ? -7.483  -23.150 5.902   1.00 71.43 ? 77  GLN A CD  1 
ATOM   590  O OE1 . GLN A 1 96  ? -8.551  -23.153 5.287   1.00 72.09 ? 77  GLN A OE1 1 
ATOM   591  N NE2 . GLN A 1 96  ? -6.512  -24.026 5.656   1.00 70.80 ? 77  GLN A NE2 1 
ATOM   592  N N   . LEU A 1 97  ? -10.679 -18.896 5.532   1.00 48.53 ? 78  LEU A N   1 
ATOM   593  C CA  . LEU A 1 97  ? -11.683 -17.863 5.758   1.00 38.87 ? 78  LEU A CA  1 
ATOM   594  C C   . LEU A 1 97  ? -13.108 -18.388 5.633   1.00 44.85 ? 78  LEU A C   1 
ATOM   595  O O   . LEU A 1 97  ? -13.443 -19.104 4.681   1.00 38.23 ? 78  LEU A O   1 
ATOM   596  C CB  . LEU A 1 97  ? -11.496 -16.727 4.755   1.00 36.40 ? 78  LEU A CB  1 
ATOM   597  C CG  . LEU A 1 97  ? -10.113 -16.095 4.627   1.00 39.87 ? 78  LEU A CG  1 
ATOM   598  C CD1 . LEU A 1 97  ? -10.210 -14.856 3.756   1.00 39.75 ? 78  LEU A CD1 1 
ATOM   599  C CD2 . LEU A 1 97  ? -9.554  -15.746 5.989   1.00 44.64 ? 78  LEU A CD2 1 
ATOM   600  N N   . GLN A 1 98  ? -13.945 -18.014 6.594   1.00 40.11 ? 79  GLN A N   1 
ATOM   601  C CA  . GLN A 1 98  ? -15.368 -18.302 6.521   1.00 32.12 ? 79  GLN A CA  1 
ATOM   602  C C   . GLN A 1 98  ? -16.159 -16.999 6.561   1.00 32.27 ? 79  GLN A C   1 
ATOM   603  O O   . GLN A 1 98  ? -15.729 -15.992 7.156   1.00 25.86 ? 79  GLN A O   1 
ATOM   604  C CB  . GLN A 1 98  ? -15.804 -19.212 7.675   1.00 31.29 ? 79  GLN A CB  1 
ATOM   605  C CG  . GLN A 1 98  ? -15.062 -20.545 7.738   1.00 38.58 ? 79  GLN A CG  1 
ATOM   606  C CD  . GLN A 1 98  ? -13.710 -20.431 8.418   1.00 44.84 ? 79  GLN A CD  1 
ATOM   607  O OE1 . GLN A 1 98  ? -13.591 -19.848 9.500   1.00 40.94 ? 79  GLN A OE1 1 
ATOM   608  N NE2 . GLN A 1 98  ? -12.681 -20.983 7.782   1.00 47.02 ? 79  GLN A NE2 1 
ATOM   609  N N   . VAL A 1 99  ? -17.322 -17.012 5.930   1.00 23.94 ? 80  VAL A N   1 
ATOM   610  C CA  . VAL A 1 99  ? -18.206 -15.852 5.978   1.00 23.37 ? 80  VAL A CA  1 
ATOM   611  C C   . VAL A 1 99  ? -18.529 -15.532 7.437   1.00 24.09 ? 80  VAL A C   1 
ATOM   612  O O   . VAL A 1 99  ? -18.649 -16.437 8.260   1.00 26.72 ? 80  VAL A O   1 
ATOM   613  C CB  . VAL A 1 99  ? -19.497 -16.121 5.192   1.00 22.49 ? 80  VAL A CB  1 
ATOM   614  C CG1 . VAL A 1 99  ? -20.531 -15.040 5.490   1.00 28.84 ? 80  VAL A CG1 1 
ATOM   615  C CG2 . VAL A 1 99  ? -19.188 -16.187 3.697   1.00 30.25 ? 80  VAL A CG2 1 
ATOM   616  N N   . GLY A 1 100 ? -18.629 -14.246 7.769   1.00 21.06 ? 81  GLY A N   1 
ATOM   617  C CA  . GLY A 1 100 ? -19.031 -13.841 9.108   1.00 20.62 ? 81  GLY A CA  1 
ATOM   618  C C   . GLY A 1 100 ? -17.879 -13.708 10.090  1.00 16.80 ? 81  GLY A C   1 
ATOM   619  O O   . GLY A 1 100 ? -18.062 -13.275 11.223  1.00 21.20 ? 81  GLY A O   1 
ATOM   620  N N   . VAL A 1 101 ? -16.683 -14.081 9.658   1.00 15.55 ? 82  VAL A N   1 
ATOM   621  C CA  . VAL A 1 101 ? -15.500 -13.978 10.510  1.00 19.77 ? 82  VAL A CA  1 
ATOM   622  C C   . VAL A 1 101 ? -15.013 -12.520 10.589  1.00 21.00 ? 82  VAL A C   1 
ATOM   623  O O   . VAL A 1 101 ? -14.824 -11.873 9.564   1.00 17.72 ? 82  VAL A O   1 
ATOM   624  C CB  . VAL A 1 101 ? -14.373 -14.866 9.961   1.00 17.21 ? 82  VAL A CB  1 
ATOM   625  C CG1 . VAL A 1 101 ? -13.043 -14.570 10.651  1.00 20.87 ? 82  VAL A CG1 1 
ATOM   626  C CG2 . VAL A 1 101 ? -14.756 -16.346 10.082  1.00 21.91 ? 82  VAL A CG2 1 
ATOM   627  N N   . PRO A 1 102 ? -14.814 -11.999 11.810  1.00 15.98 ? 83  PRO A N   1 
ATOM   628  C CA  . PRO A 1 102 ? -14.225 -10.658 11.928  1.00 19.53 ? 83  PRO A CA  1 
ATOM   629  C C   . PRO A 1 102 ? -12.703 -10.736 11.846  1.00 19.87 ? 83  PRO A C   1 
ATOM   630  O O   . PRO A 1 102 ? -12.137 -11.717 12.332  1.00 16.45 ? 83  PRO A O   1 
ATOM   631  C CB  . PRO A 1 102 ? -14.636 -10.227 13.336  1.00 18.35 ? 83  PRO A CB  1 
ATOM   632  C CG  . PRO A 1 102 ? -14.659 -11.542 14.121  1.00 18.59 ? 83  PRO A CG  1 
ATOM   633  C CD  . PRO A 1 102 ? -15.101 -12.610 13.128  1.00 17.45 ? 83  PRO A CD  1 
ATOM   634  N N   . LEU A 1 103 ? -12.063 -9.726  11.252  1.00 17.10 ? 84  LEU A N   1 
ATOM   635  C CA  . LEU A 1 103 ? -10.604 -9.672  11.153  1.00 14.83 ? 84  LEU A CA  1 
ATOM   636  C C   . LEU A 1 103 ? -10.101 -8.261  11.355  1.00 16.53 ? 84  LEU A C   1 
ATOM   637  O O   . LEU A 1 103 ? -10.757 -7.304  10.950  1.00 14.03 ? 84  LEU A O   1 
ATOM   638  C CB  . LEU A 1 103 ? -10.140 -10.148 9.772   1.00 14.48 ? 84  LEU A CB  1 
ATOM   639  C CG  . LEU A 1 103 ? -10.476 -11.589 9.381   1.00 17.45 ? 84  LEU A CG  1 
ATOM   640  C CD1 . LEU A 1 103 ? -10.170 -11.824 7.913   1.00 16.69 ? 84  LEU A CD1 1 
ATOM   641  C CD2 . LEU A 1 103 ? -9.694  -12.576 10.250  1.00 20.38 ? 84  LEU A CD2 1 
ATOM   642  N N   . TYR A 1 104 ? -8.931  -8.117  11.966  1.00 12.00 ? 85  TYR A N   1 
ATOM   643  C CA  . TYR A 1 104 ? -8.271  -6.822  11.947  1.00 14.03 ? 85  TYR A CA  1 
ATOM   644  C C   . TYR A 1 104 ? -7.781  -6.626  10.523  1.00 16.96 ? 85  TYR A C   1 
ATOM   645  O O   . TYR A 1 104 ? -7.443  -7.598  9.861   1.00 15.64 ? 85  TYR A O   1 
ATOM   646  C CB  . TYR A 1 104 ? -7.073  -6.784  12.900  1.00 16.89 ? 85  TYR A CB  1 
ATOM   647  C CG  . TYR A 1 104 ? -7.434  -6.699  14.370  1.00 22.01 ? 85  TYR A CG  1 
ATOM   648  C CD1 . TYR A 1 104 ? -8.122  -5.605  14.877  1.00 20.67 ? 85  TYR A CD1 1 
ATOM   649  C CD2 . TYR A 1 104 ? -7.056  -7.696  15.254  1.00 19.20 ? 85  TYR A CD2 1 
ATOM   650  C CE1 . TYR A 1 104 ? -8.445  -5.523  16.229  1.00 24.59 ? 85  TYR A CE1 1 
ATOM   651  C CE2 . TYR A 1 104 ? -7.369  -7.616  16.604  1.00 21.43 ? 85  TYR A CE2 1 
ATOM   652  C CZ  . TYR A 1 104 ? -8.067  -6.530  17.080  1.00 24.88 ? 85  TYR A CZ  1 
ATOM   653  O OH  . TYR A 1 104 ? -8.393  -6.443  18.415  1.00 27.55 ? 85  TYR A OH  1 
ATOM   654  N N   . PHE A 1 105 ? -7.721  -5.383  10.054  1.00 14.68 ? 86  PHE A N   1 
ATOM   655  C CA  . PHE A 1 105 ? -7.111  -5.122  8.755   1.00 13.43 ? 86  PHE A CA  1 
ATOM   656  C C   . PHE A 1 105 ? -6.226  -3.897  8.853   1.00 16.39 ? 86  PHE A C   1 
ATOM   657  O O   . PHE A 1 105 ? -6.433  -3.031  9.712   1.00 16.34 ? 86  PHE A O   1 
ATOM   658  C CB  . PHE A 1 105 ? -8.167  -4.947  7.653   1.00 14.71 ? 86  PHE A CB  1 
ATOM   659  C CG  . PHE A 1 105 ? -8.940  -3.649  7.737   1.00 14.48 ? 86  PHE A CG  1 
ATOM   660  C CD1 . PHE A 1 105 ? -10.171 -3.596  8.383   1.00 15.35 ? 86  PHE A CD1 1 
ATOM   661  C CD2 . PHE A 1 105 ? -8.452  -2.494  7.147   1.00 17.78 ? 86  PHE A CD2 1 
ATOM   662  C CE1 . PHE A 1 105 ? -10.896 -2.423  8.448   1.00 15.77 ? 86  PHE A CE1 1 
ATOM   663  C CE2 . PHE A 1 105 ? -9.176  -1.300  7.215   1.00 15.49 ? 86  PHE A CE2 1 
ATOM   664  C CZ  . PHE A 1 105 ? -10.391 -1.263  7.867   1.00 16.54 ? 86  PHE A CZ  1 
ATOM   665  N N   . ARG A 1 106 ? -5.205  -3.857  8.003   1.00 13.28 ? 87  ARG A N   1 
ATOM   666  C CA  . ARG A 1 106 ? -4.376  -2.672  7.843   1.00 16.41 ? 87  ARG A CA  1 
ATOM   667  C C   . ARG A 1 106 ? -4.097  -2.503  6.354   1.00 16.20 ? 87  ARG A C   1 
ATOM   668  O O   . ARG A 1 106 ? -3.791  -3.468  5.672   1.00 14.85 ? 87  ARG A O   1 
ATOM   669  C CB  . ARG A 1 106 ? -3.046  -2.815  8.579   1.00 20.22 ? 87  ARG A CB  1 
ATOM   670  C CG  . ARG A 1 106 ? -2.171  -1.561  8.468   1.00 22.67 ? 87  ARG A CG  1 
ATOM   671  C CD  . ARG A 1 106 ? -0.778  -1.819  9.013   1.00 24.53 ? 87  ARG A CD  1 
ATOM   672  N NE  . ARG A 1 106 ? -0.138  -2.919  8.296   1.00 23.66 ? 87  ARG A NE  1 
ATOM   673  C CZ  . ARG A 1 106 ? 1.031   -3.446  8.644   1.00 35.78 ? 87  ARG A CZ  1 
ATOM   674  N NH1 . ARG A 1 106 ? 1.682   -2.969  9.700   1.00 31.51 ? 87  ARG A NH1 1 
ATOM   675  N NH2 . ARG A 1 106 ? 1.549   -4.446  7.939   1.00 27.12 ? 87  ARG A NH2 1 
ATOM   676  N N   . LEU A 1 107 ? -4.210  -1.279  5.859   1.00 12.73 ? 88  LEU A N   1 
ATOM   677  C CA  . LEU A 1 107 ? -4.005  -1.022  4.441   1.00 15.57 ? 88  LEU A CA  1 
ATOM   678  C C   . LEU A 1 107 ? -3.463  0.385   4.276   1.00 16.06 ? 88  LEU A C   1 
ATOM   679  O O   . LEU A 1 107 ? -4.169  1.356   4.547   1.00 16.52 ? 88  LEU A O   1 
ATOM   680  C CB  . LEU A 1 107 ? -5.329  -1.149  3.677   1.00 13.30 ? 88  LEU A CB  1 
ATOM   681  C CG  . LEU A 1 107 ? -5.283  -0.636  2.227   1.00 17.43 ? 88  LEU A CG  1 
ATOM   682  C CD1 . LEU A 1 107 ? -4.290  -1.439  1.389   1.00 12.99 ? 88  LEU A CD1 1 
ATOM   683  C CD2 . LEU A 1 107 ? -6.678  -0.676  1.585   1.00 14.48 ? 88  LEU A CD2 1 
ATOM   684  N N   . ARG A 1 108 ? -2.206  0.501   3.863   1.00 13.97 ? 89  ARG A N   1 
ATOM   685  C CA  . ARG A 1 108 ? -1.687  1.795   3.431   1.00 13.79 ? 89  ARG A CA  1 
ATOM   686  C C   . ARG A 1 108 ? -2.078  1.972   1.975   1.00 14.08 ? 89  ARG A C   1 
ATOM   687  O O   . ARG A 1 108 ? -1.731  1.145   1.121   1.00 14.85 ? 89  ARG A O   1 
ATOM   688  C CB  . ARG A 1 108 ? -0.168  1.863   3.571   1.00 15.63 ? 89  ARG A CB  1 
ATOM   689  C CG  . ARG A 1 108 ? 0.454   3.141   2.977   1.00 16.35 ? 89  ARG A CG  1 
ATOM   690  C CD  . ARG A 1 108 ? 1.912   3.301   3.431   1.00 19.70 ? 89  ARG A CD  1 
ATOM   691  N NE  . ARG A 1 108 ? 1.989   3.580   4.867   1.00 20.76 ? 89  ARG A NE  1 
ATOM   692  C CZ  . ARG A 1 108 ? 2.849   3.006   5.705   1.00 26.21 ? 89  ARG A CZ  1 
ATOM   693  N NH1 . ARG A 1 108 ? 3.726   2.110   5.260   1.00 21.87 ? 89  ARG A NH1 1 
ATOM   694  N NH2 . ARG A 1 108 ? 2.834   3.326   6.993   1.00 26.00 ? 89  ARG A NH2 1 
ATOM   695  N N   . ALA A 1 109 ? -2.814  3.040   1.685   1.00 12.46 ? 90  ALA A N   1 
ATOM   696  C CA  . ALA A 1 109 ? -3.362  3.218   0.344   1.00 13.97 ? 90  ALA A CA  1 
ATOM   697  C C   . ALA A 1 109 ? -3.091  4.612   -0.168  1.00 16.16 ? 90  ALA A C   1 
ATOM   698  O O   . ALA A 1 109 ? -2.724  5.511   0.597   1.00 16.67 ? 90  ALA A O   1 
ATOM   699  C CB  . ALA A 1 109 ? -4.865  2.949   0.338   1.00 15.46 ? 90  ALA A CB  1 
ATOM   700  N N   . ASN A 1 110 ? -3.319  4.790   -1.465  1.00 12.79 ? 91  ASN A N   1 
ATOM   701  C CA  . ASN A 1 110 ? -3.131  6.085   -2.117  1.00 15.27 ? 91  ASN A CA  1 
ATOM   702  C C   . ASN A 1 110 ? -4.446  6.494   -2.741  1.00 16.58 ? 91  ASN A C   1 
ATOM   703  O O   . ASN A 1 110 ? -4.613  6.404   -3.949  1.00 16.00 ? 91  ASN A O   1 
ATOM   704  C CB  . ASN A 1 110 ? -2.049  5.948   -3.194  1.00 14.97 ? 91  ASN A CB  1 
ATOM   705  C CG  . ASN A 1 110 ? -1.863  7.213   -4.035  1.00 15.87 ? 91  ASN A CG  1 
ATOM   706  O OD1 . ASN A 1 110 ? -1.697  7.127   -5.247  1.00 16.75 ? 91  ASN A OD1 1 
ATOM   707  N ND2 . ASN A 1 110 ? -1.872  8.380   -3.392  1.00 13.30 ? 91  ASN A ND2 1 
ATOM   708  N N   . PRO A 1 111 ? -5.415  6.887   -1.907  1.00 18.45 ? 92  PRO A N   1 
ATOM   709  C CA  . PRO A 1 111 ? -6.734  7.241   -2.434  1.00 17.22 ? 92  PRO A CA  1 
ATOM   710  C C   . PRO A 1 111 ? -6.702  8.598   -3.133  1.00 17.58 ? 92  PRO A C   1 
ATOM   711  O O   . PRO A 1 111 ? -6.275  9.601   -2.555  1.00 18.56 ? 92  PRO A O   1 
ATOM   712  C CB  . PRO A 1 111 ? -7.594  7.320   -1.175  1.00 18.31 ? 92  PRO A CB  1 
ATOM   713  C CG  . PRO A 1 111 ? -6.641  7.719   -0.111  1.00 18.95 ? 92  PRO A CG  1 
ATOM   714  C CD  . PRO A 1 111 ? -5.354  7.006   -0.439  1.00 16.08 ? 92  PRO A CD  1 
ATOM   715  N N   . ILE A 1 112 ? -7.161  8.622   -4.368  1.00 18.91 ? 93  ILE A N   1 
ATOM   716  C CA  . ILE A 1 112 ? -7.115  9.848   -5.161  1.00 19.49 ? 93  ILE A CA  1 
ATOM   717  C C   . ILE A 1 112 ? -8.410  10.037  -5.935  1.00 21.70 ? 93  ILE A C   1 
ATOM   718  O O   . ILE A 1 112 ? -9.230  9.130   -6.034  1.00 22.00 ? 93  ILE A O   1 
ATOM   719  C CB  . ILE A 1 112 ? -5.945  9.826   -6.172  1.00 19.42 ? 93  ILE A CB  1 
ATOM   720  C CG1 . ILE A 1 112 ? -6.006  8.576   -7.049  1.00 27.15 ? 93  ILE A CG1 1 
ATOM   721  C CG2 . ILE A 1 112 ? -4.608  9.892   -5.452  1.00 24.60 ? 93  ILE A CG2 1 
ATOM   722  C CD1 . ILE A 1 112 ? -6.966  8.671   -8.213  1.00 33.06 ? 93  ILE A CD1 1 
ATOM   723  N N   . LYS A 1 113 ? -8.588  11.228  -6.487  1.00 19.68 ? 94  LYS A N   1 
ATOM   724  C CA  . LYS A 1 113 ? -9.696  11.478  -7.389  1.00 21.04 ? 94  LYS A CA  1 
ATOM   725  C C   . LYS A 1 113 ? -9.218  12.479  -8.423  1.00 21.41 ? 94  LYS A C   1 
ATOM   726  O O   . LYS A 1 113 ? -8.115  13.008  -8.302  1.00 20.93 ? 94  LYS A O   1 
ATOM   727  C CB  . LYS A 1 113 ? -10.883 12.048  -6.622  1.00 18.98 ? 94  LYS A CB  1 
ATOM   728  C CG  . LYS A 1 113 ? -10.574 13.338  -5.866  1.00 23.27 ? 94  LYS A CG  1 
ATOM   729  C CD  . LYS A 1 113 ? -11.801 13.804  -5.074  1.00 24.33 ? 94  LYS A CD  1 
ATOM   730  C CE  . LYS A 1 113 ? -11.554 15.132  -4.389  1.00 33.71 ? 94  LYS A CE  1 
ATOM   731  N NZ  . LYS A 1 113 ? -12.675 15.477  -3.459  1.00 36.84 ? 94  LYS A NZ  1 
ATOM   732  N N   . THR A 1 114 ? -10.044 12.727  -9.434  1.00 22.59 ? 95  THR A N   1 
ATOM   733  C CA  . THR A 1 114 ? -9.724  13.697  -10.474 1.00 25.74 ? 95  THR A CA  1 
ATOM   734  C C   . THR A 1 114 ? -10.680 14.882  -10.377 1.00 29.99 ? 95  THR A C   1 
ATOM   735  O O   . THR A 1 114 ? -11.889 14.700  -10.229 1.00 32.71 ? 95  THR A O   1 
ATOM   736  C CB  . THR A 1 114 ? -9.828  13.064  -11.872 1.00 28.96 ? 95  THR A CB  1 
ATOM   737  O OG1 . THR A 1 114 ? -8.916  11.964  -11.965 1.00 30.09 ? 95  THR A OG1 1 
ATOM   738  C CG2 . THR A 1 114 ? -9.473  14.083  -12.955 1.00 34.06 ? 95  THR A CG2 1 
ATOM   739  N N   . ILE A 1 115 ? -10.131 16.091  -10.439 1.00 29.63 ? 96  ILE A N   1 
ATOM   740  C CA  . ILE A 1 115 ? -10.927 17.315  -10.398 1.00 31.35 ? 96  ILE A CA  1 
ATOM   741  C C   . ILE A 1 115 ? -10.468 18.285  -11.482 1.00 30.64 ? 96  ILE A C   1 
ATOM   742  O O   . ILE A 1 115 ? -9.332  18.197  -11.950 1.00 30.43 ? 96  ILE A O   1 
ATOM   743  C CB  . ILE A 1 115 ? -10.772 18.034  -9.055  1.00 31.15 ? 96  ILE A CB  1 
ATOM   744  C CG1 . ILE A 1 115 ? -9.310  18.432  -8.842  1.00 27.93 ? 96  ILE A CG1 1 
ATOM   745  C CG2 . ILE A 1 115 ? -11.272 17.161  -7.906  1.00 31.71 ? 96  ILE A CG2 1 
ATOM   746  C CD1 . ILE A 1 115 ? -9.047  19.137  -7.512  1.00 39.67 ? 96  ILE A CD1 1 
ATOM   747  N N   . LEU A 1 116 ? -11.341 19.212  -11.874 1.00 29.91 ? 97  LEU A N   1 
ATOM   748  C CA  . LEU A 1 116 ? -10.934 20.310  -12.756 1.00 30.85 ? 97  LEU A CA  1 
ATOM   749  C C   . LEU A 1 116 ? -10.034 21.266  -12.000 1.00 31.80 ? 97  LEU A C   1 
ATOM   750  O O   . LEU A 1 116 ? -10.288 21.573  -10.841 1.00 33.51 ? 97  LEU A O   1 
ATOM   751  C CB  . LEU A 1 116 ? -12.144 21.082  -13.277 1.00 38.02 ? 97  LEU A CB  1 
ATOM   752  C CG  . LEU A 1 116 ? -13.082 20.400  -14.268 1.00 40.87 ? 97  LEU A CG  1 
ATOM   753  C CD1 . LEU A 1 116 ? -14.064 21.430  -14.819 1.00 42.90 ? 97  LEU A CD1 1 
ATOM   754  C CD2 . LEU A 1 116 ? -12.289 19.760  -15.398 1.00 39.60 ? 97  LEU A CD2 1 
ATOM   755  N N   . ASP A 1 117 ? -8.983  21.743  -12.655 1.00 30.53 ? 98  ASP A N   1 
ATOM   756  C CA  . ASP A 1 117 ? -8.087  22.715  -12.037 1.00 33.84 ? 98  ASP A CA  1 
ATOM   757  C C   . ASP A 1 117 ? -8.890  23.894  -11.488 1.00 43.17 ? 98  ASP A C   1 
ATOM   758  O O   . ASP A 1 117 ? -9.721  24.468  -12.195 1.00 39.09 ? 98  ASP A O   1 
ATOM   759  C CB  . ASP A 1 117 ? -7.056  23.200  -13.059 1.00 37.96 ? 98  ASP A CB  1 
ATOM   760  C CG  . ASP A 1 117 ? -6.079  24.200  -12.474 1.00 45.14 ? 98  ASP A CG  1 
ATOM   761  O OD1 . ASP A 1 117 ? -5.076  23.770  -11.869 1.00 49.94 ? 98  ASP A OD1 1 
ATOM   762  O OD2 . ASP A 1 117 ? -6.308  25.415  -12.630 1.00 45.56 ? 98  ASP A OD2 1 
ATOM   763  N N   . ASN A 1 118 ? -8.648  24.243  -10.228 1.00 45.94 ? 99  ASN A N   1 
ATOM   764  C CA  . ASN A 1 118 ? -9.410  25.303  -9.566  1.00 46.96 ? 99  ASN A CA  1 
ATOM   765  C C   . ASN A 1 118 ? -9.260  26.670  -10.234 1.00 50.15 ? 99  ASN A C   1 
ATOM   766  O O   . ASN A 1 118 ? -10.206 27.460  -10.270 1.00 49.52 ? 99  ASN A O   1 
ATOM   767  C CB  . ASN A 1 118 ? -9.030  25.400  -8.084  1.00 54.11 ? 99  ASN A CB  1 
ATOM   768  C CG  . ASN A 1 118 ? -7.557  25.711  -7.877  1.00 61.71 ? 99  ASN A CG  1 
ATOM   769  O OD1 . ASN A 1 118 ? -6.865  26.149  -8.798  1.00 58.70 ? 99  ASN A OD1 1 
ATOM   770  N ND2 . ASN A 1 118 ? -7.071  25.485  -6.662  1.00 70.10 ? 99  ASN A ND2 1 
ATOM   771  N N   . GLN A 1 119 ? -8.074  26.945  -10.768 1.00 50.17 ? 100 GLN A N   1 
ATOM   772  C CA  . GLN A 1 119 ? -7.826  28.221  -11.437 1.00 53.14 ? 100 GLN A CA  1 
ATOM   773  C C   . GLN A 1 119 ? -8.167  28.139  -12.923 1.00 47.55 ? 100 GLN A C   1 
ATOM   774  O O   . GLN A 1 119 ? -7.855  29.049  -13.692 1.00 44.81 ? 100 GLN A O   1 
ATOM   775  C CB  . GLN A 1 119 ? -6.374  28.662  -11.237 1.00 56.05 ? 100 GLN A CB  1 
ATOM   776  C CG  . GLN A 1 119 ? -5.931  28.643  -9.780  1.00 58.56 ? 100 GLN A CG  1 
ATOM   777  C CD  . GLN A 1 119 ? -4.541  29.217  -9.580  1.00 67.58 ? 100 GLN A CD  1 
ATOM   778  O OE1 . GLN A 1 119 ? -3.693  28.607  -8.927  1.00 68.64 ? 100 GLN A OE1 1 
ATOM   779  N NE2 . GLN A 1 119 ? -4.300  30.402  -10.139 1.00 67.05 ? 100 GLN A NE2 1 
ATOM   780  N N   . LYS A 1 120 ? -8.811  27.042  -13.312 1.00 44.21 ? 101 LYS A N   1 
ATOM   781  C CA  . LYS A 1 120 ? -9.267  26.848  -14.688 1.00 41.20 ? 101 LYS A CA  1 
ATOM   782  C C   . LYS A 1 120 ? -8.144  26.955  -15.719 1.00 37.96 ? 101 LYS A C   1 
ATOM   783  O O   . LYS A 1 120 ? -8.393  27.286  -16.884 1.00 36.19 ? 101 LYS A O   1 
ATOM   784  C CB  . LYS A 1 120 ? -10.382 27.839  -15.036 1.00 46.43 ? 101 LYS A CB  1 
ATOM   785  C CG  . LYS A 1 120 ? -11.719 27.545  -14.378 1.00 48.71 ? 101 LYS A CG  1 
ATOM   786  C CD  . LYS A 1 120 ? -12.811 28.448  -14.937 1.00 55.08 ? 101 LYS A CD  1 
ATOM   787  C CE  . LYS A 1 120 ? -13.785 27.672  -15.818 1.00 57.58 ? 101 LYS A CE  1 
ATOM   788  N NZ  . LYS A 1 120 ? -14.608 28.576  -16.676 1.00 55.74 ? 101 LYS A NZ  1 
ATOM   789  N N   . ARG A 1 121 ? -6.914  26.685  -15.290 1.00 35.55 ? 102 ARG A N   1 
ATOM   790  C CA  . ARG A 1 121 ? -5.766  26.721  -16.197 1.00 38.26 ? 102 ARG A CA  1 
ATOM   791  C C   . ARG A 1 121 ? -5.956  25.774  -17.378 1.00 36.69 ? 102 ARG A C   1 
ATOM   792  O O   . ARG A 1 121 ? -6.508  24.681  -17.220 1.00 32.82 ? 102 ARG A O   1 
ATOM   793  C CB  . ARG A 1 121 ? -4.479  26.389  -15.445 1.00 34.84 ? 102 ARG A CB  1 
ATOM   794  C CG  . ARG A 1 121 ? -4.124  27.408  -14.380 1.00 46.52 ? 102 ARG A CG  1 
ATOM   795  C CD  . ARG A 1 121 ? -2.740  27.156  -13.811 1.00 55.07 ? 102 ARG A CD  1 
ATOM   796  N NE  . ARG A 1 121 ? -2.743  26.127  -12.775 1.00 61.29 ? 102 ARG A NE  1 
ATOM   797  C CZ  . ARG A 1 121 ? -2.602  26.373  -11.475 1.00 62.18 ? 102 ARG A CZ  1 
ATOM   798  N NH1 . ARG A 1 121 ? -2.445  27.620  -11.047 1.00 63.85 ? 102 ARG A NH1 1 
ATOM   799  N NH2 . ARG A 1 121 ? -2.611  25.375  -10.603 1.00 67.28 ? 102 ARG A NH2 1 
ATOM   800  N N   . LEU A 1 122 ? -5.500  26.198  -18.558 1.00 33.55 ? 103 LEU A N   1 
ATOM   801  C CA  . LEU A 1 122 ? -5.709  25.441  -19.792 1.00 32.24 ? 103 LEU A CA  1 
ATOM   802  C C   . LEU A 1 122 ? -4.465  24.655  -20.204 1.00 31.83 ? 103 LEU A C   1 
ATOM   803  O O   . LEU A 1 122 ? -3.337  25.107  -19.994 1.00 30.25 ? 103 LEU A O   1 
ATOM   804  C CB  . LEU A 1 122 ? -6.114  26.382  -20.938 1.00 31.38 ? 103 LEU A CB  1 
ATOM   805  C CG  . LEU A 1 122 ? -7.481  27.072  -20.860 1.00 39.41 ? 103 LEU A CG  1 
ATOM   806  C CD1 . LEU A 1 122 ? -7.580  28.195  -21.881 1.00 38.91 ? 103 LEU A CD1 1 
ATOM   807  C CD2 . LEU A 1 122 ? -8.610  26.070  -21.061 1.00 38.27 ? 103 LEU A CD2 1 
ATOM   808  N N   . ASP A 1 123 ? -4.673  23.483  -20.799 1.00 28.14 ? 104 ASP A N   1 
ATOM   809  C CA  . ASP A 1 123 ? -3.561  22.730  -21.368 1.00 27.40 ? 104 ASP A CA  1 
ATOM   810  C C   . ASP A 1 123 ? -3.311  23.169  -22.812 1.00 33.76 ? 104 ASP A C   1 
ATOM   811  O O   . ASP A 1 123 ? -3.989  24.067  -23.318 1.00 32.97 ? 104 ASP A O   1 
ATOM   812  C CB  . ASP A 1 123 ? -3.790  21.215  -21.271 1.00 29.19 ? 104 ASP A CB  1 
ATOM   813  C CG  . ASP A 1 123 ? -4.953  20.730  -22.122 1.00 34.77 ? 104 ASP A CG  1 
ATOM   814  O OD1 . ASP A 1 123 ? -5.346  21.420  -23.095 1.00 32.20 ? 104 ASP A OD1 1 
ATOM   815  O OD2 . ASP A 1 123 ? -5.465  19.632  -21.817 1.00 32.26 ? 104 ASP A OD2 1 
ATOM   816  N N   . SER A 1 124 ? -2.340  22.534  -23.463 1.00 34.83 ? 105 SER A N   1 
ATOM   817  C CA  . SER A 1 124 ? -1.906  22.919  -24.806 1.00 33.00 ? 105 SER A CA  1 
ATOM   818  C C   . SER A 1 124 ? -3.001  22.829  -25.883 1.00 38.43 ? 105 SER A C   1 
ATOM   819  O O   . SER A 1 124 ? -2.845  23.368  -26.977 1.00 37.60 ? 105 SER A O   1 
ATOM   820  C CB  . SER A 1 124 ? -0.695  22.071  -25.219 1.00 27.08 ? 105 SER A CB  1 
ATOM   821  O OG  . SER A 1 124 ? -0.998  20.681  -25.163 1.00 28.93 ? 105 SER A OG  1 
ATOM   822  N N   . LYS A 1 125 ? -4.093  22.129  -25.598 1.00 34.21 ? 106 LYS A N   1 
ATOM   823  C CA  . LYS A 1 125 ? -5.177  22.015  -26.581 1.00 33.30 ? 106 LYS A CA  1 
ATOM   824  C C   . LYS A 1 125 ? -6.375  22.912  -26.245 1.00 37.63 ? 106 LYS A C   1 
ATOM   825  O O   . LYS A 1 125 ? -7.460  22.750  -26.806 1.00 35.05 ? 106 LYS A O   1 
ATOM   826  C CB  . LYS A 1 125 ? -5.618  20.558  -26.742 1.00 37.41 ? 106 LYS A CB  1 
ATOM   827  C CG  . LYS A 1 125 ? -4.597  19.679  -27.454 1.00 41.69 ? 106 LYS A CG  1 
ATOM   828  C CD  . LYS A 1 125 ? -4.809  19.683  -28.968 1.00 45.61 ? 106 LYS A CD  1 
ATOM   829  C CE  . LYS A 1 125 ? -3.603  19.117  -29.719 1.00 52.88 ? 106 LYS A CE  1 
ATOM   830  N NZ  . LYS A 1 125 ? -2.529  20.135  -29.921 1.00 53.87 ? 106 LYS A NZ  1 
ATOM   831  N N   . GLY A 1 126 ? -6.167  23.859  -25.335 1.00 32.66 ? 107 GLY A N   1 
ATOM   832  C CA  . GLY A 1 126 ? -7.209  24.797  -24.955 1.00 37.94 ? 107 GLY A CA  1 
ATOM   833  C C   . GLY A 1 126 ? -8.230  24.257  -23.964 1.00 39.29 ? 107 GLY A C   1 
ATOM   834  O O   . GLY A 1 126 ? -9.261  24.885  -23.736 1.00 39.65 ? 107 GLY A O   1 
ATOM   835  N N   . ASN A 1 127 ? -7.957  23.097  -23.370 1.00 35.53 ? 108 ASN A N   1 
ATOM   836  C CA  . ASN A 1 127 ? -8.884  22.506  -22.401 1.00 35.67 ? 108 ASN A CA  1 
ATOM   837  C C   . ASN A 1 127 ? -8.473  22.717  -20.944 1.00 34.81 ? 108 ASN A C   1 
ATOM   838  O O   . ASN A 1 127 ? -7.284  22.664  -20.608 1.00 33.09 ? 108 ASN A O   1 
ATOM   839  C CB  . ASN A 1 127 ? -9.042  21.006  -22.666 1.00 38.38 ? 108 ASN A CB  1 
ATOM   840  C CG  . ASN A 1 127 ? -9.683  20.717  -24.003 1.00 42.60 ? 108 ASN A CG  1 
ATOM   841  O OD1 . ASN A 1 127 ? -10.697 21.319  -24.360 1.00 41.03 ? 108 ASN A OD1 1 
ATOM   842  N ND2 . ASN A 1 127 ? -9.095  19.789  -24.756 1.00 36.22 ? 108 ASN A ND2 1 
ATOM   843  N N   . ILE A 1 128 ? -9.459  22.944  -20.080 1.00 31.33 ? 109 ILE A N   1 
ATOM   844  C CA  . ILE A 1 128 ? -9.199  23.030  -18.649 1.00 30.81 ? 109 ILE A CA  1 
ATOM   845  C C   . ILE A 1 128 ? -8.514  21.746  -18.198 1.00 25.83 ? 109 ILE A C   1 
ATOM   846  O O   . ILE A 1 128 ? -8.930  20.650  -18.574 1.00 24.17 ? 109 ILE A O   1 
ATOM   847  C CB  . ILE A 1 128 ? -10.500 23.226  -17.843 1.00 30.95 ? 109 ILE A CB  1 
ATOM   848  C CG1 . ILE A 1 128 ? -11.147 24.570  -18.199 1.00 36.06 ? 109 ILE A CG1 1 
ATOM   849  C CG2 . ILE A 1 128 ? -10.216 23.160  -16.351 1.00 33.28 ? 109 ILE A CG2 1 
ATOM   850  C CD1 . ILE A 1 128 ? -12.345 24.932  -17.331 1.00 38.01 ? 109 ILE A CD1 1 
ATOM   851  N N   . LYS A 1 129 ? -7.455  21.883  -17.412 1.00 22.62 ? 110 LYS A N   1 
ATOM   852  C CA  . LYS A 1 129 ? -6.693  20.718  -16.956 1.00 27.00 ? 110 LYS A CA  1 
ATOM   853  C C   . LYS A 1 129 ? -7.477  19.898  -15.945 1.00 28.33 ? 110 LYS A C   1 
ATOM   854  O O   . LYS A 1 129 ? -8.121  20.460  -15.061 1.00 25.96 ? 110 LYS A O   1 
ATOM   855  C CB  . LYS A 1 129 ? -5.368  21.151  -16.336 1.00 24.01 ? 110 LYS A CB  1 
ATOM   856  C CG  . LYS A 1 129 ? -4.340  21.631  -17.363 1.00 29.05 ? 110 LYS A CG  1 
ATOM   857  C CD  . LYS A 1 129 ? -3.041  22.107  -16.719 1.00 22.65 ? 110 LYS A CD  1 
ATOM   858  C CE  . LYS A 1 129 ? -1.960  22.267  -17.806 1.00 33.06 ? 110 LYS A CE  1 
ATOM   859  N NZ  . LYS A 1 129 ? -0.662  22.839  -17.312 1.00 25.08 ? 110 LYS A NZ  1 
ATOM   860  N N   . ARG A 1 130 ? -7.426  18.576  -16.091 1.00 26.21 ? 111 ARG A N   1 
ATOM   861  C CA  . ARG A 1 130 ? -7.995  17.649  -15.112 1.00 27.66 ? 111 ARG A CA  1 
ATOM   862  C C   . ARG A 1 130 ? -6.863  17.164  -14.220 1.00 29.00 ? 111 ARG A C   1 
ATOM   863  O O   . ARG A 1 130 ? -5.907  16.559  -14.712 1.00 27.94 ? 111 ARG A O   1 
ATOM   864  C CB  . ARG A 1 130 ? -8.643  16.455  -15.817 1.00 26.75 ? 111 ARG A CB  1 
ATOM   865  C CG  . ARG A 1 130 ? -9.517  16.829  -17.005 1.00 41.09 ? 111 ARG A CG  1 
ATOM   866  C CD  . ARG A 1 130 ? -10.758 15.953  -17.075 1.00 53.79 ? 111 ARG A CD  1 
ATOM   867  N NE  . ARG A 1 130 ? -11.738 16.335  -16.060 1.00 59.17 ? 111 ARG A NE  1 
ATOM   868  C CZ  . ARG A 1 130 ? -12.418 15.476  -15.306 1.00 57.79 ? 111 ARG A CZ  1 
ATOM   869  N NH1 . ARG A 1 130 ? -12.229 14.170  -15.446 1.00 60.58 ? 111 ARG A NH1 1 
ATOM   870  N NH2 . ARG A 1 130 ? -13.288 15.925  -14.410 1.00 58.84 ? 111 ARG A NH2 1 
ATOM   871  N N   . CYS A 1 131 ? -6.953  17.446  -12.923 1.00 21.27 ? 112 CYS A N   1 
ATOM   872  C CA  . CYS A 1 131 ? -5.852  17.175  -11.987 1.00 23.72 ? 112 CYS A CA  1 
ATOM   873  C C   . CYS A 1 131 ? -6.131  16.020  -11.028 1.00 30.27 ? 112 CYS A C   1 
ATOM   874  O O   . CYS A 1 131 ? -7.216  15.935  -10.445 1.00 26.23 ? 112 CYS A O   1 
ATOM   875  C CB  . CYS A 1 131 ? -5.560  18.415  -11.150 1.00 27.01 ? 112 CYS A CB  1 
ATOM   876  S SG  . CYS A 1 131 ? -5.210  19.873  -12.145 1.00 35.62 ? 112 CYS A SG  1 
ATOM   877  N N   . ARG A 1 132 ? -5.138  15.151  -10.844 1.00 26.41 ? 113 ARG A N   1 
ATOM   878  C CA  . ARG A 1 132 ? -5.227  14.116  -9.816  1.00 25.37 ? 113 ARG A CA  1 
ATOM   879  C C   . ARG A 1 132 ? -4.938  14.717  -8.455  1.00 29.78 ? 113 ARG A C   1 
ATOM   880  O O   . ARG A 1 132 ? -3.931  15.394  -8.273  1.00 24.29 ? 113 ARG A O   1 
ATOM   881  C CB  . ARG A 1 132 ? -4.251  12.969  -10.086 1.00 25.94 ? 113 ARG A CB  1 
ATOM   882  C CG  . ARG A 1 132 ? -4.036  12.068  -8.860  1.00 27.96 ? 113 ARG A CG  1 
ATOM   883  C CD  . ARG A 1 132 ? -3.234  10.813  -9.195  1.00 28.81 ? 113 ARG A CD  1 
ATOM   884  N NE  . ARG A 1 132 ? -3.874  10.033  -10.250 1.00 31.62 ? 113 ARG A NE  1 
ATOM   885  C CZ  . ARG A 1 132 ? -3.513  8.799   -10.591 1.00 35.17 ? 113 ARG A CZ  1 
ATOM   886  N NH1 . ARG A 1 132 ? -2.519  8.193   -9.944  1.00 29.70 ? 113 ARG A NH1 1 
ATOM   887  N NH2 . ARG A 1 132 ? -4.153  8.167   -11.575 1.00 30.37 ? 113 ARG A NH2 1 
ATOM   888  N N   . VAL A 1 133 ? -5.819  14.466  -7.492  1.00 23.87 ? 114 VAL A N   1 
ATOM   889  C CA  . VAL A 1 133 ? -5.604  14.962  -6.141  1.00 22.27 ? 114 VAL A CA  1 
ATOM   890  C C   . VAL A 1 133 ? -5.894  13.850  -5.130  1.00 21.30 ? 114 VAL A C   1 
ATOM   891  O O   . VAL A 1 133 ? -6.698  12.961  -5.403  1.00 20.94 ? 114 VAL A O   1 
ATOM   892  C CB  . VAL A 1 133 ? -6.501  16.177  -5.839  1.00 29.48 ? 114 VAL A CB  1 
ATOM   893  C CG1 . VAL A 1 133 ? -6.052  17.392  -6.662  1.00 31.65 ? 114 VAL A CG1 1 
ATOM   894  C CG2 . VAL A 1 133 ? -7.956  15.848  -6.137  1.00 23.67 ? 114 VAL A CG2 1 
ATOM   895  N N   . PRO A 1 134 ? -5.225  13.894  -3.972  1.00 24.55 ? 115 PRO A N   1 
ATOM   896  C CA  . PRO A 1 134 ? -5.472  12.953  -2.873  1.00 22.92 ? 115 PRO A CA  1 
ATOM   897  C C   . PRO A 1 134 ? -6.829  13.186  -2.225  1.00 26.68 ? 115 PRO A C   1 
ATOM   898  O O   . PRO A 1 134 ? -7.301  14.325  -2.214  1.00 24.11 ? 115 PRO A O   1 
ATOM   899  C CB  . PRO A 1 134 ? -4.378  13.310  -1.866  1.00 24.83 ? 115 PRO A CB  1 
ATOM   900  C CG  . PRO A 1 134 ? -4.044  14.742  -2.165  1.00 30.68 ? 115 PRO A CG  1 
ATOM   901  C CD  . PRO A 1 134 ? -4.126  14.825  -3.660  1.00 27.42 ? 115 PRO A CD  1 
ATOM   902  N N   . LEU A 1 135 ? -7.443  12.130  -1.690  1.00 23.09 ? 116 LEU A N   1 
ATOM   903  C CA  . LEU A 1 135 ? -8.624  12.288  -0.840  1.00 25.05 ? 116 LEU A CA  1 
ATOM   904  C C   . LEU A 1 135 ? -8.173  12.720  0.547   1.00 27.09 ? 116 LEU A C   1 
ATOM   905  O O   . LEU A 1 135 ? -7.443  11.994  1.228   1.00 26.43 ? 116 LEU A O   1 
ATOM   906  C CB  . LEU A 1 135 ? -9.403  10.979  -0.719  1.00 18.47 ? 116 LEU A CB  1 
ATOM   907  C CG  . LEU A 1 135 ? -9.858  10.377  -2.041  1.00 21.80 ? 116 LEU A CG  1 
ATOM   908  C CD1 . LEU A 1 135 ? -10.822 9.217   -1.763  1.00 20.73 ? 116 LEU A CD1 1 
ATOM   909  C CD2 . LEU A 1 135 ? -10.521 11.439  -2.879  1.00 24.13 ? 116 LEU A CD2 1 
ATOM   910  N N   . ILE A 1 136 ? -8.604  13.899  0.973   1.00 30.64 ? 117 ILE A N   1 
ATOM   911  C CA  . ILE A 1 136 ? -8.162  14.423  2.257   1.00 25.02 ? 117 ILE A CA  1 
ATOM   912  C C   . ILE A 1 136 ? -9.286  14.433  3.293   1.00 26.01 ? 117 ILE A C   1 
ATOM   913  O O   . ILE A 1 136 ? -9.019  14.437  4.497   1.00 28.82 ? 117 ILE A O   1 
ATOM   914  C CB  . ILE A 1 136 ? -7.506  15.819  2.114   1.00 28.97 ? 117 ILE A CB  1 
ATOM   915  C CG1 . ILE A 1 136 ? -8.458  16.808  1.449   1.00 33.47 ? 117 ILE A CG1 1 
ATOM   916  C CG2 . ILE A 1 136 ? -6.226  15.726  1.289   1.00 34.93 ? 117 ILE A CG2 1 
ATOM   917  C CD1 . ILE A 1 136 ? -7.792  18.132  1.124   1.00 43.64 ? 117 ILE A CD1 1 
ATOM   918  N N   . LYS A 1 137 ? -10.534 14.420  2.824   1.00 20.80 ? 118 LYS A N   1 
ATOM   919  C CA  . LYS A 1 137 ? -11.683 14.320  3.720   1.00 25.71 ? 118 LYS A CA  1 
ATOM   920  C C   . LYS A 1 137 ? -11.909 12.882  4.194   1.00 25.63 ? 118 LYS A C   1 
ATOM   921  O O   . LYS A 1 137 ? -12.000 11.953  3.386   1.00 25.20 ? 118 LYS A O   1 
ATOM   922  C CB  . LYS A 1 137 ? -12.945 14.854  3.048   1.00 31.32 ? 118 LYS A CB  1 
ATOM   923  C CG  . LYS A 1 137 ? -12.936 16.368  2.829   1.00 35.34 ? 118 LYS A CG  1 
ATOM   924  C CD  . LYS A 1 137 ? -14.209 16.837  2.141   1.00 39.89 ? 118 LYS A CD  1 
ATOM   925  C CE  . LYS A 1 137 ? -14.134 18.327  1.819   1.00 54.54 ? 118 LYS A CE  1 
ATOM   926  N NZ  . LYS A 1 137 ? -15.376 18.839  1.170   1.00 60.54 ? 118 LYS A NZ  1 
ATOM   927  N N   . GLU A 1 138 ? -12.012 12.712  5.505   1.00 23.24 ? 119 GLU A N   1 
ATOM   928  C CA  . GLU A 1 138 ? -12.154 11.390  6.109   1.00 25.75 ? 119 GLU A CA  1 
ATOM   929  C C   . GLU A 1 138 ? -13.391 10.639  5.615   1.00 22.78 ? 119 GLU A C   1 
ATOM   930  O O   . GLU A 1 138 ? -13.340 9.433   5.367   1.00 21.45 ? 119 GLU A O   1 
ATOM   931  C CB  . GLU A 1 138 ? -12.191 11.516  7.630   1.00 25.69 ? 119 GLU A CB  1 
ATOM   932  C CG  . GLU A 1 138 ? -12.407 10.204  8.341   1.00 31.72 ? 119 GLU A CG  1 
ATOM   933  C CD  . GLU A 1 138 ? -12.369 10.373  9.845   1.00 45.24 ? 119 GLU A CD  1 
ATOM   934  O OE1 . GLU A 1 138 ? -13.392 10.079  10.505  1.00 48.23 ? 119 GLU A OE1 1 
ATOM   935  O OE2 . GLU A 1 138 ? -11.315 10.813  10.359  1.00 46.03 ? 119 GLU A OE2 1 
ATOM   936  N N   . ALA A 1 139 ? -14.511 11.343  5.479   1.00 24.72 ? 120 ALA A N   1 
ATOM   937  C CA  . ALA A 1 139 ? -15.717 10.708  4.952   1.00 22.44 ? 120 ALA A CA  1 
ATOM   938  C C   . ALA A 1 139 ? -15.449 10.117  3.569   1.00 19.79 ? 120 ALA A C   1 
ATOM   939  O O   . ALA A 1 139 ? -15.937 9.033   3.247   1.00 19.65 ? 120 ALA A O   1 
ATOM   940  C CB  . ALA A 1 139 ? -16.884 11.701  4.898   1.00 25.12 ? 120 ALA A CB  1 
ATOM   941  N N   . GLU A 1 140 ? -14.675 10.832  2.754   1.00 23.38 ? 121 GLU A N   1 
ATOM   942  C CA  . GLU A 1 140 ? -14.368 10.369  1.395   1.00 23.20 ? 121 GLU A CA  1 
ATOM   943  C C   . GLU A 1 140 ? -13.370 9.209   1.381   1.00 16.90 ? 121 GLU A C   1 
ATOM   944  O O   . GLU A 1 140 ? -13.453 8.319   0.535   1.00 19.41 ? 121 GLU A O   1 
ATOM   945  C CB  . GLU A 1 140 ? -13.852 11.521  0.521   1.00 22.28 ? 121 GLU A CB  1 
ATOM   946  C CG  . GLU A 1 140 ? -14.965 12.432  0.029   1.00 28.78 ? 121 GLU A CG  1 
ATOM   947  C CD  . GLU A 1 140 ? -14.480 13.570  -0.860  1.00 38.19 ? 121 GLU A CD  1 
ATOM   948  O OE1 . GLU A 1 140 ? -13.337 13.523  -1.370  1.00 33.98 ? 121 GLU A OE1 1 
ATOM   949  O OE2 . GLU A 1 140 ? -15.260 14.521  -1.050  1.00 41.85 ? 121 GLU A OE2 1 
ATOM   950  N N   . GLN A 1 141 ? -12.425 9.239   2.314   1.00 17.21 ? 122 GLN A N   1 
ATOM   951  C CA  . GLN A 1 141 ? -11.469 8.145   2.480   1.00 18.33 ? 122 GLN A CA  1 
ATOM   952  C C   . GLN A 1 141 ? -12.183 6.850   2.866   1.00 18.21 ? 122 GLN A C   1 
ATOM   953  O O   . GLN A 1 141 ? -11.904 5.795   2.308   1.00 17.04 ? 122 GLN A O   1 
ATOM   954  C CB  . GLN A 1 141 ? -10.435 8.511   3.537   1.00 17.56 ? 122 GLN A CB  1 
ATOM   955  C CG  . GLN A 1 141 ? -9.554  9.699   3.133   1.00 22.20 ? 122 GLN A CG  1 
ATOM   956  C CD  . GLN A 1 141 ? -8.672  10.195  4.261   1.00 25.00 ? 122 GLN A CD  1 
ATOM   957  O OE1 . GLN A 1 141 ? -8.910  9.885   5.422   1.00 22.03 ? 122 GLN A OE1 1 
ATOM   958  N NE2 . GLN A 1 141 ? -7.652  10.978  3.922   1.00 22.84 ? 122 GLN A NE2 1 
ATOM   959  N N   . ILE A 1 142 ? -13.111 6.930   3.820   1.00 16.56 ? 123 ILE A N   1 
ATOM   960  C CA  . ILE A 1 142 ? -13.856 5.743   4.248   1.00 16.17 ? 123 ILE A CA  1 
ATOM   961  C C   . ILE A 1 142 ? -14.731 5.218   3.109   1.00 15.48 ? 123 ILE A C   1 
ATOM   962  O O   . ILE A 1 142 ? -14.784 4.013   2.850   1.00 16.08 ? 123 ILE A O   1 
ATOM   963  C CB  . ILE A 1 142 ? -14.685 6.030   5.539   1.00 16.67 ? 123 ILE A CB  1 
ATOM   964  C CG1 . ILE A 1 142 ? -13.743 6.274   6.711   1.00 18.20 ? 123 ILE A CG1 1 
ATOM   965  C CG2 . ILE A 1 142 ? -15.603 4.874   5.858   1.00 20.89 ? 123 ILE A CG2 1 
ATOM   966  C CD1 . ILE A 1 142 ? -14.414 6.800   7.966   1.00 26.82 ? 123 ILE A CD1 1 
ATOM   967  N N   . ALA A 1 143 ? -15.397 6.129   2.404   1.00 16.37 ? 124 ALA A N   1 
ATOM   968  C CA  . ALA A 1 143 ? -16.179 5.745   1.236   1.00 17.21 ? 124 ALA A CA  1 
ATOM   969  C C   . ALA A 1 143 ? -15.319 5.007   0.202   1.00 16.72 ? 124 ALA A C   1 
ATOM   970  O O   . ALA A 1 143 ? -15.758 4.030   -0.390  1.00 15.90 ? 124 ALA A O   1 
ATOM   971  C CB  . ALA A 1 143 ? -16.828 6.976   0.608   1.00 17.51 ? 124 ALA A CB  1 
ATOM   972  N N   . TRP A 1 144 ? -14.098 5.488   -0.014  1.00 16.37 ? 125 TRP A N   1 
ATOM   973  C CA  . TRP A 1 144 ? -13.164 4.866   -0.971  1.00 18.63 ? 125 TRP A CA  1 
ATOM   974  C C   . TRP A 1 144 ? -12.856 3.430   -0.535  1.00 13.62 ? 125 TRP A C   1 
ATOM   975  O O   . TRP A 1 144 ? -12.929 2.493   -1.324  1.00 14.47 ? 125 TRP A O   1 
ATOM   976  C CB  . TRP A 1 144 ? -11.867 5.690   -1.039  1.00 14.86 ? 125 TRP A CB  1 
ATOM   977  C CG  . TRP A 1 144 ? -10.790 5.206   -2.025  1.00 19.00 ? 125 TRP A CG  1 
ATOM   978  C CD1 . TRP A 1 144 ? -10.593 5.638   -3.318  1.00 15.70 ? 125 TRP A CD1 1 
ATOM   979  C CD2 . TRP A 1 144 ? -9.746  4.251   -1.763  1.00 14.37 ? 125 TRP A CD2 1 
ATOM   980  N NE1 . TRP A 1 144 ? -9.498  4.996   -3.872  1.00 16.95 ? 125 TRP A NE1 1 
ATOM   981  C CE2 . TRP A 1 144 ? -8.963  4.139   -2.935  1.00 16.18 ? 125 TRP A CE2 1 
ATOM   982  C CE3 . TRP A 1 144 ? -9.403  3.468   -0.647  1.00 14.89 ? 125 TRP A CE3 1 
ATOM   983  C CZ2 . TRP A 1 144 ? -7.863  3.282   -3.032  1.00 16.67 ? 125 TRP A CZ2 1 
ATOM   984  C CZ3 . TRP A 1 144 ? -8.303  2.616   -0.740  1.00 15.30 ? 125 TRP A CZ3 1 
ATOM   985  C CH2 . TRP A 1 144 ? -7.556  2.523   -1.932  1.00 14.84 ? 125 TRP A CH2 1 
ATOM   986  N N   . LEU A 1 145 ? -12.524 3.265   0.736   1.00 14.09 ? 126 LEU A N   1 
ATOM   987  C CA  . LEU A 1 145 ? -12.240 1.935   1.277   1.00 13.69 ? 126 LEU A CA  1 
ATOM   988  C C   . LEU A 1 145 ? -13.427 0.983   1.119   1.00 14.84 ? 126 LEU A C   1 
ATOM   989  O O   . LEU A 1 145 ? -13.280 -0.127  0.615   1.00 14.93 ? 126 LEU A O   1 
ATOM   990  C CB  . LEU A 1 145 ? -11.861 2.051   2.756   1.00 16.05 ? 126 LEU A CB  1 
ATOM   991  C CG  . LEU A 1 145 ? -11.539 0.718   3.422   1.00 18.72 ? 126 LEU A CG  1 
ATOM   992  C CD1 . LEU A 1 145 ? -10.271 0.129   2.809   1.00 15.82 ? 126 LEU A CD1 1 
ATOM   993  C CD2 . LEU A 1 145 ? -11.380 0.907   4.921   1.00 17.14 ? 126 LEU A CD2 1 
ATOM   994  N N   . GLN A 1 146 ? -14.606 1.416   1.553   1.00 14.79 ? 127 GLN A N   1 
ATOM   995  C CA  . GLN A 1 146 ? -15.797 0.578   1.455   1.00 17.22 ? 127 GLN A CA  1 
ATOM   996  C C   . GLN A 1 146 ? -16.079 0.224   0.005   1.00 19.05 ? 127 GLN A C   1 
ATOM   997  O O   . GLN A 1 146 ? -16.485 -0.890  -0.297  1.00 18.86 ? 127 GLN A O   1 
ATOM   998  C CB  . GLN A 1 146 ? -17.009 1.284   2.081   1.00 19.85 ? 127 GLN A CB  1 
ATOM   999  C CG  . GLN A 1 146 ? -16.832 1.650   3.542   1.00 20.47 ? 127 GLN A CG  1 
ATOM   1000 C CD  . GLN A 1 146 ? -17.969 2.514   4.079   1.00 29.07 ? 127 GLN A CD  1 
ATOM   1001 O OE1 . GLN A 1 146 ? -18.426 3.437   3.418   1.00 25.88 ? 127 GLN A OE1 1 
ATOM   1002 N NE2 . GLN A 1 146 ? -18.415 2.219   5.288   1.00 33.08 ? 127 GLN A NE2 1 
ATOM   1003 N N   . ARG A 1 147 ? -15.842 1.172   -0.899  1.00 16.79 ? 128 ARG A N   1 
ATOM   1004 C CA  . ARG A 1 147 ? -15.993 0.914   -2.330  1.00 20.68 ? 128 ARG A CA  1 
ATOM   1005 C C   . ARG A 1 147 ? -15.008 -0.151  -2.849  1.00 18.18 ? 128 ARG A C   1 
ATOM   1006 O O   . ARG A 1 147 ? -15.395 -1.054  -3.591  1.00 17.43 ? 128 ARG A O   1 
ATOM   1007 C CB  . ARG A 1 147 ? -15.846 2.224   -3.119  1.00 20.66 ? 128 ARG A CB  1 
ATOM   1008 C CG  . ARG A 1 147 ? -15.938 2.080   -4.633  1.00 24.07 ? 128 ARG A CG  1 
ATOM   1009 C CD  . ARG A 1 147 ? -16.124 3.454   -5.318  1.00 25.09 ? 128 ARG A CD  1 
ATOM   1010 N NE  . ARG A 1 147 ? -14.915 4.284   -5.379  1.00 25.15 ? 128 ARG A NE  1 
ATOM   1011 C CZ  . ARG A 1 147 ? -14.687 5.379   -4.645  1.00 31.20 ? 128 ARG A CZ  1 
ATOM   1012 N NH1 . ARG A 1 147 ? -15.572 5.804   -3.740  1.00 21.86 ? 128 ARG A NH1 1 
ATOM   1013 N NH2 . ARG A 1 147 ? -13.553 6.063   -4.815  1.00 30.05 ? 128 ARG A NH2 1 
ATOM   1014 N N   . LYS A 1 148 ? -13.736 -0.050  -2.477  1.00 16.90 ? 129 LYS A N   1 
ATOM   1015 C CA  . LYS A 1 148 ? -12.750 -1.051  -2.916  1.00 15.95 ? 129 LYS A CA  1 
ATOM   1016 C C   . LYS A 1 148 ? -13.070 -2.445  -2.360  1.00 17.96 ? 129 LYS A C   1 
ATOM   1017 O O   . LYS A 1 148 ? -12.900 -3.469  -3.039  1.00 18.49 ? 129 LYS A O   1 
ATOM   1018 C CB  . LYS A 1 148 ? -11.347 -0.633  -2.463  1.00 17.63 ? 129 LYS A CB  1 
ATOM   1019 C CG  . LYS A 1 148 ? -10.851 0.627   -3.149  1.00 17.32 ? 129 LYS A CG  1 
ATOM   1020 C CD  . LYS A 1 148 ? -10.730 0.383   -4.657  1.00 19.42 ? 129 LYS A CD  1 
ATOM   1021 C CE  . LYS A 1 148 ? -10.149 1.584   -5.368  1.00 20.98 ? 129 LYS A CE  1 
ATOM   1022 N NZ  . LYS A 1 148 ? -9.859  1.251   -6.788  1.00 26.96 ? 129 LYS A NZ  1 
ATOM   1023 N N   . LEU A 1 149 ? -13.518 -2.496  -1.116  1.00 15.23 ? 130 LEU A N   1 
ATOM   1024 C CA  . LEU A 1 149 ? -13.790 -3.799  -0.507  1.00 20.19 ? 130 LEU A CA  1 
ATOM   1025 C C   . LEU A 1 149 ? -15.030 -4.438  -1.123  1.00 23.89 ? 130 LEU A C   1 
ATOM   1026 O O   . LEU A 1 149 ? -15.092 -5.660  -1.300  1.00 22.03 ? 130 LEU A O   1 
ATOM   1027 C CB  . LEU A 1 149 ? -13.913 -3.687  1.012   1.00 17.85 ? 130 LEU A CB  1 
ATOM   1028 C CG  . LEU A 1 149 ? -12.582 -3.483  1.738   1.00 17.31 ? 130 LEU A CG  1 
ATOM   1029 C CD1 . LEU A 1 149 ? -12.848 -3.262  3.220   1.00 21.01 ? 130 LEU A CD1 1 
ATOM   1030 C CD2 . LEU A 1 149 ? -11.664 -4.679  1.534   1.00 18.79 ? 130 LEU A CD2 1 
ATOM   1031 N N   . GLY A 1 150 ? -16.011 -3.609  -1.460  1.00 19.45 ? 131 GLY A N   1 
ATOM   1032 C CA  . GLY A 1 150 ? -17.190 -4.080  -2.171  1.00 25.06 ? 131 GLY A CA  1 
ATOM   1033 C C   . GLY A 1 150 ? -17.882 -5.236  -1.481  1.00 24.17 ? 131 GLY A C   1 
ATOM   1034 O O   . GLY A 1 150 ? -18.114 -5.201  -0.275  1.00 21.38 ? 131 GLY A O   1 
ATOM   1035 N N   . ASN A 1 151 ? -18.190 -6.275  -2.246  1.00 24.05 ? 132 ASN A N   1 
ATOM   1036 C CA  . ASN A 1 151 ? -18.912 -7.437  -1.730  1.00 27.59 ? 132 ASN A CA  1 
ATOM   1037 C C   . ASN A 1 151 ? -18.032 -8.373  -0.888  1.00 27.22 ? 132 ASN A C   1 
ATOM   1038 O O   . ASN A 1 151 ? -18.530 -9.313  -0.279  1.00 23.09 ? 132 ASN A O   1 
ATOM   1039 C CB  . ASN A 1 151 ? -19.527 -8.222  -2.897  1.00 33.44 ? 132 ASN A CB  1 
ATOM   1040 C CG  . ASN A 1 151 ? -20.458 -9.329  -2.440  1.00 39.49 ? 132 ASN A CG  1 
ATOM   1041 O OD1 . ASN A 1 151 ? -21.289 -9.137  -1.547  1.00 48.56 ? 132 ASN A OD1 1 
ATOM   1042 N ND2 . ASN A 1 151 ? -20.328 -10.502 -3.057  1.00 47.52 ? 132 ASN A ND2 1 
ATOM   1043 N N   . ALA A 1 152 ? -16.728 -8.119  -0.869  1.00 21.11 ? 133 ALA A N   1 
ATOM   1044 C CA  . ALA A 1 152 ? -15.788 -8.998  -0.168  1.00 20.91 ? 133 ALA A CA  1 
ATOM   1045 C C   . ALA A 1 152 ? -15.925 -8.941  1.355   1.00 20.16 ? 133 ALA A C   1 
ATOM   1046 O O   . ALA A 1 152 ? -15.735 -9.946  2.051   1.00 20.50 ? 133 ALA A O   1 
ATOM   1047 C CB  . ALA A 1 152 ? -14.355 -8.661  -0.575  1.00 18.79 ? 133 ALA A CB  1 
ATOM   1048 N N   . ALA A 1 153 ? -16.242 -7.763  1.875   1.00 16.27 ? 134 ALA A N   1 
ATOM   1049 C CA  . ALA A 1 153 ? -16.262 -7.567  3.319   1.00 19.17 ? 134 ALA A CA  1 
ATOM   1050 C C   . ALA A 1 153 ? -16.976 -6.287  3.703   1.00 22.27 ? 134 ALA A C   1 
ATOM   1051 O O   . ALA A 1 153 ? -17.066 -5.361  2.899   1.00 20.56 ? 134 ALA A O   1 
ATOM   1052 C CB  . ALA A 1 153 ? -14.849 -7.531  3.834   1.00 16.48 ? 134 ALA A CB  1 
ATOM   1053 N N   . ARG A 1 154 ? -17.471 -6.246  4.940   1.00 15.80 ? 135 ARG A N   1 
ATOM   1054 C CA  . ARG A 1 154 ? -18.028 -5.046  5.534   1.00 20.11 ? 135 ARG A CA  1 
ATOM   1055 C C   . ARG A 1 154 ? -17.006 -4.416  6.471   1.00 21.41 ? 135 ARG A C   1 
ATOM   1056 O O   . ARG A 1 154 ? -16.357 -5.099  7.275   1.00 18.58 ? 135 ARG A O   1 
ATOM   1057 C CB  . ARG A 1 154 ? -19.311 -5.367  6.330   1.00 22.19 ? 135 ARG A CB  1 
ATOM   1058 C CG  . ARG A 1 154 ? -19.731 -4.234  7.260   1.00 22.99 ? 135 ARG A CG  1 
ATOM   1059 C CD  . ARG A 1 154 ? -20.922 -4.571  8.174   1.00 30.94 ? 135 ARG A CD  1 
ATOM   1060 N NE  . ARG A 1 154 ? -20.987 -3.580  9.245   1.00 27.78 ? 135 ARG A NE  1 
ATOM   1061 C CZ  . ARG A 1 154 ? -21.629 -2.419  9.159   1.00 33.00 ? 135 ARG A CZ  1 
ATOM   1062 N NH1 . ARG A 1 154 ? -22.319 -2.123  8.074   1.00 33.17 ? 135 ARG A NH1 1 
ATOM   1063 N NH2 . ARG A 1 154 ? -21.598 -1.562  10.173  1.00 35.98 ? 135 ARG A NH2 1 
ATOM   1064 N N   . VAL A 1 155 ? -16.850 -3.107  6.367   1.00 18.92 ? 136 VAL A N   1 
ATOM   1065 C CA  . VAL A 1 155 ? -16.009 -2.381  7.309   1.00 17.66 ? 136 VAL A CA  1 
ATOM   1066 C C   . VAL A 1 155 ? -16.822 -2.234  8.592   1.00 21.30 ? 136 VAL A C   1 
ATOM   1067 O O   . VAL A 1 155 ? -17.871 -1.604  8.572   1.00 21.24 ? 136 VAL A O   1 
ATOM   1068 C CB  . VAL A 1 155 ? -15.639 -0.989  6.748   1.00 18.66 ? 136 VAL A CB  1 
ATOM   1069 C CG1 . VAL A 1 155 ? -14.903 -0.156  7.789   1.00 20.12 ? 136 VAL A CG1 1 
ATOM   1070 C CG2 . VAL A 1 155 ? -14.802 -1.140  5.487   1.00 17.12 ? 136 VAL A CG2 1 
ATOM   1071 N N   . GLU A 1 156 ? -16.356 -2.827  9.695   1.00 19.58 ? 137 GLU A N   1 
ATOM   1072 C CA  . GLU A 1 156 ? -17.071 -2.753  10.969  1.00 20.45 ? 137 GLU A CA  1 
ATOM   1073 C C   . GLU A 1 156 ? -16.628 -1.533  11.741  1.00 20.96 ? 137 GLU A C   1 
ATOM   1074 O O   . GLU A 1 156 ? -17.405 -0.925  12.467  1.00 23.91 ? 137 GLU A O   1 
ATOM   1075 C CB  . GLU A 1 156 ? -16.822 -4.006  11.824  1.00 18.58 ? 137 GLU A CB  1 
ATOM   1076 C CG  . GLU A 1 156 ? -17.228 -5.299  11.159  1.00 19.78 ? 137 GLU A CG  1 
ATOM   1077 C CD  . GLU A 1 156 ? -18.729 -5.553  11.235  1.00 24.69 ? 137 GLU A CD  1 
ATOM   1078 O OE1 . GLU A 1 156 ? -19.177 -6.633  10.801  1.00 24.57 ? 137 GLU A OE1 1 
ATOM   1079 O OE2 . GLU A 1 156 ? -19.458 -4.674  11.727  1.00 21.79 ? 137 GLU A OE2 1 
ATOM   1080 N N   . ASP A 1 157 ? -15.360 -1.186  11.593  1.00 17.63 ? 138 ASP A N   1 
ATOM   1081 C CA  . ASP A 1 157 ? -14.800 -0.034  12.279  1.00 20.47 ? 138 ASP A CA  1 
ATOM   1082 C C   . ASP A 1 157 ? -13.514 0.355   11.560  1.00 19.26 ? 138 ASP A C   1 
ATOM   1083 O O   . ASP A 1 157 ? -12.751 -0.516  11.140  1.00 19.71 ? 138 ASP A O   1 
ATOM   1084 C CB  . ASP A 1 157 ? -14.510 -0.395  13.745  1.00 22.46 ? 138 ASP A CB  1 
ATOM   1085 C CG  . ASP A 1 157 ? -14.137 0.810   14.580  1.00 26.88 ? 138 ASP A CG  1 
ATOM   1086 O OD1 . ASP A 1 157 ? -14.346 1.948   14.108  1.00 36.20 ? 138 ASP A OD1 1 
ATOM   1087 O OD2 . ASP A 1 157 ? -13.643 0.618   15.712  1.00 34.96 ? 138 ASP A OD2 1 
ATOM   1088 N N   . VAL A 1 158 ? -13.275 1.647   11.381  1.00 21.23 ? 139 VAL A N   1 
ATOM   1089 C CA  . VAL A 1 158 ? -12.059 2.068   10.677  1.00 19.76 ? 139 VAL A CA  1 
ATOM   1090 C C   . VAL A 1 158 ? -11.529 3.409   11.167  1.00 22.34 ? 139 VAL A C   1 
ATOM   1091 O O   . VAL A 1 158 ? -12.295 4.309   11.501  1.00 20.28 ? 139 VAL A O   1 
ATOM   1092 C CB  . VAL A 1 158 ? -12.238 2.086   9.130   1.00 20.36 ? 139 VAL A CB  1 
ATOM   1093 C CG1 . VAL A 1 158 ? -13.359 3.034   8.711   1.00 24.27 ? 139 VAL A CG1 1 
ATOM   1094 C CG2 . VAL A 1 158 ? -10.933 2.484   8.451   1.00 20.87 ? 139 VAL A CG2 1 
ATOM   1095 N N   . HIS A 1 159 ? -10.210 3.526   11.229  1.00 19.60 ? 140 HIS A N   1 
ATOM   1096 C CA  . HIS A 1 159 ? -9.574  4.799   11.538  1.00 26.76 ? 140 HIS A CA  1 
ATOM   1097 C C   . HIS A 1 159 ? -8.600  5.140   10.414  1.00 27.12 ? 140 HIS A C   1 
ATOM   1098 O O   . HIS A 1 159 ? -7.563  4.495   10.266  1.00 26.57 ? 140 HIS A O   1 
ATOM   1099 C CB  . HIS A 1 159 ? -8.873  4.714   12.891  1.00 30.42 ? 140 HIS A CB  1 
ATOM   1100 C CG  . HIS A 1 159 ? -9.749  4.163   13.971  1.00 33.92 ? 140 HIS A CG  1 
ATOM   1101 N ND1 . HIS A 1 159 ? -10.644 4.944   14.674  1.00 37.10 ? 140 HIS A ND1 1 
ATOM   1102 C CD2 . HIS A 1 159 ? -9.907  2.902   14.438  1.00 37.33 ? 140 HIS A CD2 1 
ATOM   1103 C CE1 . HIS A 1 159 ? -11.298 4.192   15.540  1.00 36.56 ? 140 HIS A CE1 1 
ATOM   1104 N NE2 . HIS A 1 159 ? -10.869 2.948   15.418  1.00 41.09 ? 140 HIS A NE2 1 
ATOM   1105 N N   . PRO A 1 160 ? -8.955  6.129   9.584   1.00 22.06 ? 141 PRO A N   1 
ATOM   1106 C CA  . PRO A 1 160 ? -8.056  6.485   8.485   1.00 27.26 ? 141 PRO A CA  1 
ATOM   1107 C C   . PRO A 1 160 ? -7.016  7.461   8.976   1.00 29.48 ? 141 PRO A C   1 
ATOM   1108 O O   . PRO A 1 160 ? -7.340  8.608   9.292   1.00 36.57 ? 141 PRO A O   1 
ATOM   1109 C CB  . PRO A 1 160 ? -8.972  7.181   7.478   1.00 22.51 ? 141 PRO A CB  1 
ATOM   1110 C CG  . PRO A 1 160 ? -10.380 7.024   8.010   1.00 25.82 ? 141 PRO A CG  1 
ATOM   1111 C CD  . PRO A 1 160 ? -10.233 6.846   9.492   1.00 26.42 ? 141 PRO A CD  1 
ATOM   1112 N N   . ILE A 1 161 ? -5.777  7.002   9.056   1.00 26.06 ? 142 ILE A N   1 
ATOM   1113 C CA  . ILE A 1 161 ? -4.686  7.851   9.495   1.00 29.33 ? 142 ILE A CA  1 
ATOM   1114 C C   . ILE A 1 161 ? -4.048  8.508   8.282   1.00 33.12 ? 142 ILE A C   1 
ATOM   1115 O O   . ILE A 1 161 ? -3.491  7.817   7.437   1.00 25.74 ? 142 ILE A O   1 
ATOM   1116 C CB  . ILE A 1 161 ? -3.629  7.012   10.207  1.00 32.59 ? 142 ILE A CB  1 
ATOM   1117 C CG1 . ILE A 1 161 ? -4.271  6.215   11.344  1.00 40.37 ? 142 ILE A CG1 1 
ATOM   1118 C CG2 . ILE A 1 161 ? -2.506  7.901   10.711  1.00 41.02 ? 142 ILE A CG2 1 
ATOM   1119 C CD1 . ILE A 1 161 ? -3.723  4.794   11.501  1.00 38.75 ? 142 ILE A CD1 1 
ATOM   1120 N N   . SER A 1 162 ? -4.135  9.832   8.175   1.00 31.83 ? 143 SER A N   1 
ATOM   1121 C CA  A SER A 1 162 ? -3.511  10.528  7.060   0.44 33.76 ? 143 SER A CA  1 
ATOM   1122 C CA  B SER A 1 162 ? -3.512  10.542  7.063   0.56 33.78 ? 143 SER A CA  1 
ATOM   1123 C C   . SER A 1 162 ? -2.023  10.729  7.338   1.00 35.07 ? 143 SER A C   1 
ATOM   1124 O O   . SER A 1 162 ? -1.640  11.524  8.188   1.00 43.46 ? 143 SER A O   1 
ATOM   1125 C CB  A SER A 1 162 ? -4.202  11.866  6.797   0.44 38.87 ? 143 SER A CB  1 
ATOM   1126 C CB  B SER A 1 162 ? -4.185  11.899  6.827   0.56 38.93 ? 143 SER A CB  1 
ATOM   1127 O OG  A SER A 1 162 ? -4.181  12.181  5.416   0.44 34.91 ? 143 SER A OG  1 
ATOM   1128 O OG  B SER A 1 162 ? -5.483  11.754  6.267   0.56 32.86 ? 143 SER A OG  1 
ATOM   1129 N N   . GLU A 1 163 ? -1.190  9.995   6.611   1.00 29.91 ? 144 GLU A N   1 
ATOM   1130 C CA  . GLU A 1 163 ? 0.249   9.989   6.858   1.00 30.03 ? 144 GLU A CA  1 
ATOM   1131 C C   . GLU A 1 163 ? 0.991   11.151  6.193   1.00 23.52 ? 144 GLU A C   1 
ATOM   1132 O O   . GLU A 1 163 ? 0.454   11.835  5.323   1.00 22.96 ? 144 GLU A O   1 
ATOM   1133 C CB  . GLU A 1 163 ? 0.829   8.651   6.386   1.00 25.72 ? 144 GLU A CB  1 
ATOM   1134 C CG  . GLU A 1 163 ? 0.008   7.453   6.862   1.00 27.00 ? 144 GLU A CG  1 
ATOM   1135 C CD  . GLU A 1 163 ? 0.613   6.127   6.464   1.00 24.16 ? 144 GLU A CD  1 
ATOM   1136 O OE1 . GLU A 1 163 ? 0.511   5.755   5.276   1.00 27.12 ? 144 GLU A OE1 1 
ATOM   1137 O OE2 . GLU A 1 163 ? 1.203   5.458   7.336   1.00 23.38 ? 144 GLU A OE2 1 
ATOM   1138 N N   . ARG A 1 164 ? 2.237   11.366  6.598   1.00 20.82 ? 145 ARG A N   1 
ATOM   1139 C CA  . ARG A 1 164 ? 3.033   12.386  5.961   1.00 28.47 ? 145 ARG A CA  1 
ATOM   1140 C C   . ARG A 1 164 ? 3.367   11.903  4.555   1.00 24.70 ? 145 ARG A C   1 
ATOM   1141 O O   . ARG A 1 164 ? 3.533   10.704  4.328   1.00 23.40 ? 145 ARG A O   1 
ATOM   1142 C CB  . ARG A 1 164 ? 4.294   12.663  6.767   1.00 24.37 ? 145 ARG A CB  1 
ATOM   1143 C CG  . ARG A 1 164 ? 5.350   11.578  6.705   1.00 27.76 ? 145 ARG A CG  1 
ATOM   1144 C CD  . ARG A 1 164 ? 6.533   11.952  7.598   1.00 31.95 ? 145 ARG A CD  1 
ATOM   1145 N NE  . ARG A 1 164 ? 6.223   11.806  9.021   1.00 32.06 ? 145 ARG A NE  1 
ATOM   1146 C CZ  . ARG A 1 164 ? 7.100   12.035  9.999   1.00 33.52 ? 145 ARG A CZ  1 
ATOM   1147 N NH1 . ARG A 1 164 ? 8.331   12.434  9.703   1.00 29.46 ? 145 ARG A NH1 1 
ATOM   1148 N NH2 . ARG A 1 164 ? 6.752   11.865  11.270  1.00 32.86 ? 145 ARG A NH2 1 
ATOM   1149 N N   . PRO A 1 165 ? 3.441   12.832  3.603   1.00 25.97 ? 146 PRO A N   1 
ATOM   1150 C CA  . PRO A 1 165 ? 3.674   12.425  2.215   1.00 29.54 ? 146 PRO A CA  1 
ATOM   1151 C C   . PRO A 1 165 ? 5.119   11.995  1.977   1.00 29.74 ? 146 PRO A C   1 
ATOM   1152 O O   . PRO A 1 165 ? 6.031   12.370  2.724   1.00 28.76 ? 146 PRO A O   1 
ATOM   1153 C CB  . PRO A 1 165 ? 3.351   13.689  1.423   1.00 28.65 ? 146 PRO A CB  1 
ATOM   1154 C CG  . PRO A 1 165 ? 3.638   14.802  2.370   1.00 31.57 ? 146 PRO A CG  1 
ATOM   1155 C CD  . PRO A 1 165 ? 3.263   14.289  3.736   1.00 27.74 ? 146 PRO A CD  1 
ATOM   1156 N N   . GLN A 1 166 ? 5.307   11.177  0.950   1.00 26.63 ? 147 GLN A N   1 
ATOM   1157 C CA  A GLN A 1 166 ? 6.635   10.706  0.589   0.54 26.31 ? 147 GLN A CA  1 
ATOM   1158 C CA  B GLN A 1 166 ? 6.621   10.674  0.570   0.46 26.29 ? 147 GLN A CA  1 
ATOM   1159 C C   . GLN A 1 166 ? 7.053   11.349  -0.724  1.00 25.34 ? 147 GLN A C   1 
ATOM   1160 O O   . GLN A 1 166 ? 6.336   11.289  -1.720  1.00 24.41 ? 147 GLN A O   1 
ATOM   1161 C CB  A GLN A 1 166 ? 6.652   9.187   0.470   0.54 29.99 ? 147 GLN A CB  1 
ATOM   1162 C CB  B GLN A 1 166 ? 6.548   9.169   0.343   0.46 29.98 ? 147 GLN A CB  1 
ATOM   1163 C CG  A GLN A 1 166 ? 6.317   8.467   1.761   0.54 31.44 ? 147 GLN A CG  1 
ATOM   1164 C CG  B GLN A 1 166 ? 6.018   8.386   1.525   0.46 31.42 ? 147 GLN A CG  1 
ATOM   1165 C CD  A GLN A 1 166 ? 5.910   7.034   1.516   0.54 31.63 ? 147 GLN A CD  1 
ATOM   1166 C CD  B GLN A 1 166 ? 7.097   7.563   2.186   0.46 32.56 ? 147 GLN A CD  1 
ATOM   1167 O OE1 A GLN A 1 166 ? 6.709   6.111   1.685   0.54 36.64 ? 147 GLN A OE1 1 
ATOM   1168 O OE1 B GLN A 1 166 ? 7.165   6.347   2.001   0.46 36.85 ? 147 GLN A OE1 1 
ATOM   1169 N NE2 A GLN A 1 166 ? 4.663   6.836   1.100   0.54 28.06 ? 147 GLN A NE2 1 
ATOM   1170 N NE2 B GLN A 1 166 ? 7.963   8.223   2.949   0.46 32.90 ? 147 GLN A NE2 1 
ATOM   1171 N N   . TYR A 1 167 ? 8.214   11.985  -0.712  1.00 22.55 ? 148 TYR A N   1 
ATOM   1172 C CA  . TYR A 1 167 ? 8.659   12.748  -1.868  1.00 25.62 ? 148 TYR A CA  1 
ATOM   1173 C C   . TYR A 1 167 ? 9.549   11.906  -2.790  1.00 25.15 ? 148 TYR A C   1 
ATOM   1174 O O   . TYR A 1 167 ? 10.265  11.023  -2.340  1.00 25.77 ? 148 TYR A O   1 
ATOM   1175 C CB  . TYR A 1 167 ? 9.386   14.022  -1.409  1.00 26.12 ? 148 TYR A CB  1 
ATOM   1176 C CG  . TYR A 1 167 ? 8.464   15.058  -0.783  1.00 25.88 ? 148 TYR A CG  1 
ATOM   1177 C CD1 . TYR A 1 167 ? 7.858   16.034  -1.562  1.00 27.97 ? 148 TYR A CD1 1 
ATOM   1178 C CD2 . TYR A 1 167 ? 8.198   15.052  0.577   1.00 25.57 ? 148 TYR A CD2 1 
ATOM   1179 C CE1 . TYR A 1 167 ? 7.003   16.982  -0.998  1.00 31.11 ? 148 TYR A CE1 1 
ATOM   1180 C CE2 . TYR A 1 167 ? 7.349   15.992  1.150   1.00 28.24 ? 148 TYR A CE2 1 
ATOM   1181 C CZ  . TYR A 1 167 ? 6.755   16.953  0.359   1.00 29.59 ? 148 TYR A CZ  1 
ATOM   1182 O OH  . TYR A 1 167 ? 5.906   17.889  0.921   1.00 35.21 ? 148 TYR A OH  1 
ATOM   1183 N N   . PHE A 1 168 ? 9.505   12.188  -4.086  1.00 23.48 ? 149 PHE A N   1 
ATOM   1184 C CA  . PHE A 1 168 ? 10.379  11.483  -5.019  1.00 28.96 ? 149 PHE A CA  1 
ATOM   1185 C C   . PHE A 1 168 ? 11.853  11.862  -4.838  1.00 32.30 ? 149 PHE A C   1 
ATOM   1186 O O   . PHE A 1 168 ? 12.731  11.016  -4.979  1.00 31.06 ? 149 PHE A O   1 
ATOM   1187 C CB  . PHE A 1 168 ? 9.917   11.705  -6.464  1.00 21.81 ? 149 PHE A CB  1 
ATOM   1188 C CG  . PHE A 1 168 ? 8.524   11.216  -6.718  1.00 20.23 ? 149 PHE A CG  1 
ATOM   1189 C CD1 . PHE A 1 168 ? 8.219   9.865   -6.591  1.00 23.02 ? 149 PHE A CD1 1 
ATOM   1190 C CD2 . PHE A 1 168 ? 7.515   12.102  -7.053  1.00 21.60 ? 149 PHE A CD2 1 
ATOM   1191 C CE1 . PHE A 1 168 ? 6.920   9.402   -6.809  1.00 21.66 ? 149 PHE A CE1 1 
ATOM   1192 C CE2 . PHE A 1 168 ? 6.223   11.652  -7.277  1.00 19.33 ? 149 PHE A CE2 1 
ATOM   1193 C CZ  . PHE A 1 168 ? 5.925   10.299  -7.152  1.00 15.49 ? 149 PHE A CZ  1 
ATOM   1194 N N   . SER A 1 169 ? 12.125  13.126  -4.523  1.00 32.19 ? 150 SER A N   1 
ATOM   1195 C CA  . SER A 1 169 ? 13.500  13.545  -4.248  1.00 31.75 ? 150 SER A CA  1 
ATOM   1196 C C   . SER A 1 169 ? 13.576  14.665  -3.211  1.00 37.37 ? 150 SER A C   1 
ATOM   1197 O O   . SER A 1 169 ? 12.555  15.081  -2.656  1.00 26.73 ? 150 SER A O   1 
ATOM   1198 C CB  . SER A 1 169 ? 14.197  13.998  -5.528  1.00 28.38 ? 150 SER A CB  1 
ATOM   1199 O OG  . SER A 1 169 ? 13.696  15.254  -5.955  1.00 27.58 ? 150 SER A OG  1 
ATOM   1200 N N   . GLY A 1 170 ? 14.796  15.151  -2.962  1.00 32.97 ? 151 GLY A N   1 
ATOM   1201 C CA  . GLY A 1 170 ? 15.017  16.223  -2.010  1.00 33.48 ? 151 GLY A CA  1 
ATOM   1202 C C   . GLY A 1 170 ? 14.833  17.589  -2.640  1.00 39.47 ? 151 GLY A C   1 
ATOM   1203 O O   . GLY A 1 170 ? 14.916  18.616  -1.964  1.00 35.50 ? 151 GLY A O   1 
ATOM   1204 N N   . ASP A 1 171 ? 14.580  17.610  -3.943  1.00 31.14 ? 152 ASP A N   1 
ATOM   1205 C CA  . ASP A 1 171 ? 14.411  18.875  -4.642  1.00 36.58 ? 152 ASP A CA  1 
ATOM   1206 C C   . ASP A 1 171 ? 13.219  19.636  -4.063  1.00 40.36 ? 152 ASP A C   1 
ATOM   1207 O O   . ASP A 1 171 ? 12.189  19.040  -3.739  1.00 32.80 ? 152 ASP A O   1 
ATOM   1208 C CB  . ASP A 1 171 ? 14.238  18.645  -6.147  1.00 37.23 ? 152 ASP A CB  1 
ATOM   1209 C CG  . ASP A 1 171 ? 13.983  19.934  -6.911  1.00 49.09 ? 152 ASP A CG  1 
ATOM   1210 O OD1 . ASP A 1 171 ? 14.924  20.440  -7.561  1.00 56.78 ? 152 ASP A OD1 1 
ATOM   1211 O OD2 . ASP A 1 171 ? 12.841  20.447  -6.855  1.00 48.98 ? 152 ASP A OD2 1 
ATOM   1212 N N   . GLY A 1 172 ? 13.368  20.950  -3.922  1.00 36.38 ? 153 GLY A N   1 
ATOM   1213 C CA  . GLY A 1 172 ? 12.303  21.781  -3.386  1.00 39.78 ? 153 GLY A CA  1 
ATOM   1214 C C   . GLY A 1 172 ? 10.985  21.611  -4.123  1.00 40.66 ? 153 GLY A C   1 
ATOM   1215 O O   . GLY A 1 172 ? 9.910   21.726  -3.530  1.00 44.90 ? 153 GLY A O   1 
ATOM   1216 N N   . LYS A 1 173 ? 11.062  21.332  -5.419  1.00 39.41 ? 154 LYS A N   1 
ATOM   1217 C CA  . LYS A 1 173 ? 9.861   21.241  -6.250  1.00 42.96 ? 154 LYS A CA  1 
ATOM   1218 C C   . LYS A 1 173 ? 9.375   19.802  -6.448  1.00 36.66 ? 154 LYS A C   1 
ATOM   1219 O O   . LYS A 1 173 ? 8.517   19.544  -7.290  1.00 33.16 ? 154 LYS A O   1 
ATOM   1220 C CB  . LYS A 1 173 ? 10.108  21.896  -7.613  1.00 46.99 ? 154 LYS A CB  1 
ATOM   1221 C CG  . LYS A 1 173 ? 10.159  23.424  -7.585  1.00 57.56 ? 154 LYS A CG  1 
ATOM   1222 C CD  . LYS A 1 173 ? 8.997   24.020  -8.375  1.00 60.48 ? 154 LYS A CD  1 
ATOM   1223 C CE  . LYS A 1 173 ? 9.476   24.819  -9.583  1.00 69.45 ? 154 LYS A CE  1 
ATOM   1224 N NZ  . LYS A 1 173 ? 9.711   26.257  -9.262  1.00 63.79 ? 154 LYS A NZ  1 
ATOM   1225 N N   . SER A 1 174 ? 9.917   18.874  -5.669  1.00 31.11 ? 155 SER A N   1 
ATOM   1226 C CA  . SER A 1 174 ? 9.619   17.463  -5.877  1.00 32.87 ? 155 SER A CA  1 
ATOM   1227 C C   . SER A 1 174 ? 8.150   17.154  -5.653  1.00 31.05 ? 155 SER A C   1 
ATOM   1228 O O   . SER A 1 174 ? 7.521   17.674  -4.729  1.00 29.87 ? 155 SER A O   1 
ATOM   1229 C CB  . SER A 1 174 ? 10.463  16.575  -4.967  1.00 30.32 ? 155 SER A CB  1 
ATOM   1230 O OG  . SER A 1 174 ? 10.035  15.225  -5.072  1.00 23.62 ? 155 SER A OG  1 
ATOM   1231 N N   . GLY A 1 175 ? 7.601   16.299  -6.500  1.00 22.83 ? 156 GLY A N   1 
ATOM   1232 C CA  . GLY A 1 175 ? 6.264   15.791  -6.263  1.00 24.77 ? 156 GLY A CA  1 
ATOM   1233 C C   . GLY A 1 175 ? 6.311   14.787  -5.127  1.00 24.61 ? 156 GLY A C   1 
ATOM   1234 O O   . GLY A 1 175 ? 7.382   14.503  -4.578  1.00 23.07 ? 156 GLY A O   1 
ATOM   1235 N N   . LYS A 1 176 ? 5.155   14.225  -4.792  1.00 23.49 ? 157 LYS A N   1 
ATOM   1236 C CA  . LYS A 1 176 ? 5.053   13.303  -3.672  1.00 21.45 ? 157 LYS A CA  1 
ATOM   1237 C C   . LYS A 1 176 ? 3.883   12.366  -3.857  1.00 21.53 ? 157 LYS A C   1 
ATOM   1238 O O   . LYS A 1 176 ? 3.010   12.594  -4.701  1.00 22.74 ? 157 LYS A O   1 
ATOM   1239 C CB  . LYS A 1 176 ? 4.855   14.084  -2.368  1.00 23.02 ? 157 LYS A CB  1 
ATOM   1240 C CG  . LYS A 1 176 ? 3.708   15.096  -2.430  1.00 26.85 ? 157 LYS A CG  1 
ATOM   1241 C CD  . LYS A 1 176 ? 3.733   16.036  -1.231  1.00 30.73 ? 157 LYS A CD  1 
ATOM   1242 C CE  . LYS A 1 176 ? 3.017   17.338  -1.540  1.00 36.30 ? 157 LYS A CE  1 
ATOM   1243 N NZ  . LYS A 1 176 ? 1.555   17.126  -1.699  1.00 42.72 ? 157 LYS A NZ  1 
ATOM   1244 N N   . ILE A 1 177 ? 3.878   11.307  -3.057  1.00 17.01 ? 158 ILE A N   1 
ATOM   1245 C CA  . ILE A 1 177 ? 2.740   10.396  -2.959  1.00 21.05 ? 158 ILE A CA  1 
ATOM   1246 C C   . ILE A 1 177 ? 2.114   10.591  -1.581  1.00 24.29 ? 158 ILE A C   1 
ATOM   1247 O O   . ILE A 1 177 ? 2.808   10.533  -0.557  1.00 24.08 ? 158 ILE A O   1 
ATOM   1248 C CB  . ILE A 1 177 ? 3.190   8.932   -3.109  1.00 21.79 ? 158 ILE A CB  1 
ATOM   1249 C CG1 . ILE A 1 177 ? 3.723   8.706   -4.525  1.00 28.87 ? 158 ILE A CG1 1 
ATOM   1250 C CG2 . ILE A 1 177 ? 2.034   7.974   -2.872  1.00 26.54 ? 158 ILE A CG2 1 
ATOM   1251 C CD1 . ILE A 1 177 ? 4.370   7.368   -4.721  1.00 35.80 ? 158 ILE A CD1 1 
ATOM   1252 N N   A GLN A 1 178 ? 0.809   10.831  -1.547  0.50 20.47 ? 159 GLN A N   1 
ATOM   1253 N N   B GLN A 1 178 ? 0.813   10.849  -1.566  0.50 20.24 ? 159 GLN A N   1 
ATOM   1254 C CA  A GLN A 1 178 ? 0.121   11.061  -0.280  0.50 21.79 ? 159 GLN A CA  1 
ATOM   1255 C CA  B GLN A 1 178 ? 0.085   11.041  -0.321  0.50 21.67 ? 159 GLN A CA  1 
ATOM   1256 C C   A GLN A 1 178 ? -0.727  9.844   0.068   0.50 20.29 ? 159 GLN A C   1 
ATOM   1257 C C   B GLN A 1 178 ? -0.635  9.744   0.005   0.50 20.34 ? 159 GLN A C   1 
ATOM   1258 O O   A GLN A 1 178 ? -1.594  9.440   -0.701  0.50 19.51 ? 159 GLN A O   1 
ATOM   1259 O O   B GLN A 1 178 ? -1.326  9.185   -0.844  0.50 19.13 ? 159 GLN A O   1 
ATOM   1260 C CB  A GLN A 1 178 ? -0.733  12.329  -0.357  0.50 23.17 ? 159 GLN A CB  1 
ATOM   1261 C CB  B GLN A 1 178 ? -0.927  12.179  -0.468  0.50 22.97 ? 159 GLN A CB  1 
ATOM   1262 C CG  A GLN A 1 178 ? 0.070   13.563  -0.763  0.50 25.32 ? 159 GLN A CG  1 
ATOM   1263 C CG  B GLN A 1 178 ? -1.696  12.496  0.799   0.50 23.49 ? 159 GLN A CG  1 
ATOM   1264 C CD  A GLN A 1 178 ? -0.779  14.816  -0.886  0.50 28.18 ? 159 GLN A CD  1 
ATOM   1265 C CD  B GLN A 1 178 ? -0.788  12.862  1.961   0.50 25.59 ? 159 GLN A CD  1 
ATOM   1266 O OE1 A GLN A 1 178 ? -0.788  15.469  -1.930  0.50 27.77 ? 159 GLN A OE1 1 
ATOM   1267 O OE1 B GLN A 1 178 ? -0.345  14.004  2.078   0.50 25.04 ? 159 GLN A OE1 1 
ATOM   1268 N NE2 A GLN A 1 178 ? -1.482  15.166  0.183   0.50 27.28 ? 159 GLN A NE2 1 
ATOM   1269 N NE2 B GLN A 1 178 ? -0.505  11.889  2.825   0.50 22.35 ? 159 GLN A NE2 1 
ATOM   1270 N N   . THR A 1 179 ? -0.453  9.246   1.221   1.00 20.33 ? 160 THR A N   1 
ATOM   1271 C CA  . THR A 1 179 ? -1.111  8.002   1.603   1.00 21.28 ? 160 THR A CA  1 
ATOM   1272 C C   . THR A 1 179 ? -1.955  8.139   2.857   1.00 21.08 ? 160 THR A C   1 
ATOM   1273 O O   . THR A 1 179 ? -1.762  9.057   3.661   1.00 17.72 ? 160 THR A O   1 
ATOM   1274 C CB  . THR A 1 179 ? -0.107  6.872   1.817   1.00 21.39 ? 160 THR A CB  1 
ATOM   1275 O OG1 . THR A 1 179 ? 0.748   7.203   2.914   1.00 22.16 ? 160 THR A OG1 1 
ATOM   1276 C CG2 . THR A 1 179 ? 0.735   6.648   0.551   1.00 22.04 ? 160 THR A CG2 1 
ATOM   1277 N N   . VAL A 1 180 ? -2.892  7.209   3.004   1.00 15.96 ? 161 VAL A N   1 
ATOM   1278 C CA  . VAL A 1 180 ? -3.710  7.093   4.204   1.00 14.18 ? 161 VAL A CA  1 
ATOM   1279 C C   . VAL A 1 180 ? -3.528  5.673   4.698   1.00 17.61 ? 161 VAL A C   1 
ATOM   1280 O O   . VAL A 1 180 ? -3.562  4.736   3.902   1.00 15.98 ? 161 VAL A O   1 
ATOM   1281 C CB  . VAL A 1 180 ? -5.185  7.282   3.864   1.00 21.33 ? 161 VAL A CB  1 
ATOM   1282 C CG1 . VAL A 1 180 ? -6.032  7.205   5.117   1.00 21.41 ? 161 VAL A CG1 1 
ATOM   1283 C CG2 . VAL A 1 180 ? -5.399  8.619   3.150   1.00 28.89 ? 161 VAL A CG2 1 
ATOM   1284 N N   . CYS A 1 181 ? -3.327  5.486   5.993   1.00 16.61 ? 162 CYS A N   1 
ATOM   1285 C CA  . CYS A 1 181 ? -3.241  4.123   6.484   1.00 18.78 ? 162 CYS A CA  1 
ATOM   1286 C C   . CYS A 1 181 ? -4.559  3.791   7.166   1.00 20.78 ? 162 CYS A C   1 
ATOM   1287 O O   . CYS A 1 181 ? -4.898  4.378   8.182   1.00 22.70 ? 162 CYS A O   1 
ATOM   1288 C CB  . CYS A 1 181 ? -2.047  3.935   7.427   1.00 24.82 ? 162 CYS A CB  1 
ATOM   1289 S SG  . CYS A 1 181 ? -1.710  2.174   7.871   1.00 30.18 ? 162 CYS A SG  1 
ATOM   1290 N N   . PHE A 1 182 ? -5.319  2.880   6.570   1.00 17.95 ? 163 PHE A N   1 
ATOM   1291 C CA  . PHE A 1 182 ? -6.602  2.468   7.121   1.00 15.81 ? 163 PHE A CA  1 
ATOM   1292 C C   . PHE A 1 182 ? -6.350  1.331   8.097   1.00 20.58 ? 163 PHE A C   1 
ATOM   1293 O O   . PHE A 1 182 ? -5.723  0.336   7.732   1.00 18.82 ? 163 PHE A O   1 
ATOM   1294 C CB  . PHE A 1 182 ? -7.500  1.917   6.018   1.00 17.11 ? 163 PHE A CB  1 
ATOM   1295 C CG  . PHE A 1 182 ? -7.920  2.937   4.993   1.00 16.22 ? 163 PHE A CG  1 
ATOM   1296 C CD1 . PHE A 1 182 ? -7.284  3.005   3.765   1.00 16.02 ? 163 PHE A CD1 1 
ATOM   1297 C CD2 . PHE A 1 182 ? -8.961  3.815   5.253   1.00 19.58 ? 163 PHE A CD2 1 
ATOM   1298 C CE1 . PHE A 1 182 ? -7.681  3.932   2.815   1.00 17.31 ? 163 PHE A CE1 1 
ATOM   1299 C CE2 . PHE A 1 182 ? -9.356  4.741   4.316   1.00 20.39 ? 163 PHE A CE2 1 
ATOM   1300 C CZ  . PHE A 1 182 ? -8.719  4.791   3.086   1.00 17.59 ? 163 PHE A CZ  1 
ATOM   1301 N N   . GLU A 1 183 ? -6.834  1.462   9.326   1.00 14.59 ? 164 GLU A N   1 
ATOM   1302 C CA  . GLU A 1 183 ? -6.761  0.354   10.282  1.00 17.95 ? 164 GLU A CA  1 
ATOM   1303 C C   . GLU A 1 183 ? -8.118  0.152   10.955  1.00 18.03 ? 164 GLU A C   1 
ATOM   1304 O O   . GLU A 1 183 ? -8.821  1.114   11.262  1.00 17.93 ? 164 GLU A O   1 
ATOM   1305 C CB  . GLU A 1 183 ? -5.680  0.610   11.333  1.00 21.44 ? 164 GLU A CB  1 
ATOM   1306 C CG  . GLU A 1 183 ? -4.281  0.328   10.822  1.00 28.63 ? 164 GLU A CG  1 
ATOM   1307 C CD  . GLU A 1 183 ? -3.180  0.912   11.700  1.00 41.40 ? 164 GLU A CD  1 
ATOM   1308 O OE1 . GLU A 1 183 ? -3.488  1.413   12.809  1.00 43.76 ? 164 GLU A OE1 1 
ATOM   1309 O OE2 . GLU A 1 183 ? -2.004  0.873   11.264  1.00 46.26 ? 164 GLU A OE2 1 
ATOM   1310 N N   . GLY A 1 184 ? -8.496  -1.098  11.166  1.00 15.90 ? 165 GLY A N   1 
ATOM   1311 C CA  . GLY A 1 184 ? -9.718  -1.371  11.899  1.00 15.57 ? 165 GLY A CA  1 
ATOM   1312 C C   . GLY A 1 184 ? -10.103 -2.824  11.845  1.00 16.17 ? 165 GLY A C   1 
ATOM   1313 O O   . GLY A 1 184 ? -9.241  -3.711  11.864  1.00 14.55 ? 165 GLY A O   1 
ATOM   1314 N N   . VAL A 1 185 ? -11.406 -3.064  11.770  1.00 14.36 ? 166 VAL A N   1 
ATOM   1315 C CA  . VAL A 1 185 ? -11.947 -4.411  11.803  1.00 15.97 ? 166 VAL A CA  1 
ATOM   1316 C C   . VAL A 1 185 ? -12.922 -4.541  10.664  1.00 16.33 ? 166 VAL A C   1 
ATOM   1317 O O   . VAL A 1 185 ? -13.697 -3.627  10.401  1.00 16.28 ? 166 VAL A O   1 
ATOM   1318 C CB  . VAL A 1 185 ? -12.719 -4.675  13.117  1.00 18.34 ? 166 VAL A CB  1 
ATOM   1319 C CG1 . VAL A 1 185 ? -13.354 -6.072  13.104  1.00 16.76 ? 166 VAL A CG1 1 
ATOM   1320 C CG2 . VAL A 1 185 ? -11.799 -4.514  14.300  1.00 17.53 ? 166 VAL A CG2 1 
ATOM   1321 N N   . LEU A 1 186 ? -12.884 -5.673  9.976   1.00 12.51 ? 167 LEU A N   1 
ATOM   1322 C CA  . LEU A 1 186 ? -13.883 -5.953  8.956   1.00 14.91 ? 167 LEU A CA  1 
ATOM   1323 C C   . LEU A 1 186 ? -14.497 -7.313  9.217   1.00 17.57 ? 167 LEU A C   1 
ATOM   1324 O O   . LEU A 1 186 ? -13.961 -8.096  10.011  1.00 16.03 ? 167 LEU A O   1 
ATOM   1325 C CB  . LEU A 1 186 ? -13.259 -5.902  7.546   1.00 16.80 ? 167 LEU A CB  1 
ATOM   1326 C CG  . LEU A 1 186 ? -12.085 -6.831  7.223   1.00 18.69 ? 167 LEU A CG  1 
ATOM   1327 C CD1 . LEU A 1 186 ? -12.555 -8.255  7.014   1.00 15.32 ? 167 LEU A CD1 1 
ATOM   1328 C CD2 . LEU A 1 186 ? -11.321 -6.338  5.974   1.00 18.23 ? 167 LEU A CD2 1 
ATOM   1329 N N   . THR A 1 187 ? -15.614 -7.593  8.546   1.00 13.81 ? 168 THR A N   1 
ATOM   1330 C CA  . THR A 1 187 ? -16.235 -8.903  8.616   1.00 16.24 ? 168 THR A CA  1 
ATOM   1331 C C   . THR A 1 187 ? -16.289 -9.466  7.216   1.00 18.78 ? 168 THR A C   1 
ATOM   1332 O O   . THR A 1 187 ? -16.706 -8.775  6.285   1.00 17.92 ? 168 THR A O   1 
ATOM   1333 C CB  . THR A 1 187 ? -17.667 -8.838  9.206   1.00 17.78 ? 168 THR A CB  1 
ATOM   1334 O OG1 . THR A 1 187 ? -17.603 -8.482  10.601  1.00 18.66 ? 168 THR A OG1 1 
ATOM   1335 C CG2 . THR A 1 187 ? -18.354 -10.184 9.080   1.00 20.83 ? 168 THR A CG2 1 
ATOM   1336 N N   . ILE A 1 188 ? -15.855 -10.713 7.062   1.00 15.76 ? 169 ILE A N   1 
ATOM   1337 C CA  . ILE A 1 188 ? -15.830 -11.348 5.756   1.00 20.48 ? 169 ILE A CA  1 
ATOM   1338 C C   . ILE A 1 188 ? -17.246 -11.591 5.214   1.00 20.56 ? 169 ILE A C   1 
ATOM   1339 O O   . ILE A 1 188 ? -18.112 -12.097 5.923   1.00 20.78 ? 169 ILE A O   1 
ATOM   1340 C CB  . ILE A 1 188 ? -15.087 -12.690 5.812   1.00 18.12 ? 169 ILE A CB  1 
ATOM   1341 C CG1 . ILE A 1 188 ? -13.648 -12.500 6.297   1.00 16.71 ? 169 ILE A CG1 1 
ATOM   1342 C CG2 . ILE A 1 188 ? -15.092 -13.366 4.442   1.00 19.03 ? 169 ILE A CG2 1 
ATOM   1343 C CD1 . ILE A 1 188 ? -12.875 -13.819 6.386   1.00 20.21 ? 169 ILE A CD1 1 
ATOM   1344 N N   . ASN A 1 189 ? -17.477 -11.245 3.953   1.00 17.22 ? 170 ASN A N   1 
ATOM   1345 C CA  A ASN A 1 189 ? -18.771 -11.484 3.313   0.44 21.24 ? 170 ASN A CA  1 
ATOM   1346 C CA  B ASN A 1 189 ? -18.771 -11.499 3.317   0.56 21.27 ? 170 ASN A CA  1 
ATOM   1347 C C   . ASN A 1 189 ? -18.663 -12.496 2.171   1.00 25.62 ? 170 ASN A C   1 
ATOM   1348 O O   . ASN A 1 189 ? -19.611 -13.218 1.877   1.00 25.04 ? 170 ASN A O   1 
ATOM   1349 C CB  A ASN A 1 189 ? -19.363 -10.163 2.810   0.44 22.52 ? 170 ASN A CB  1 
ATOM   1350 C CB  B ASN A 1 189 ? -19.394 -10.202 2.800   0.56 22.57 ? 170 ASN A CB  1 
ATOM   1351 C CG  A ASN A 1 189 ? -20.725 -10.336 2.158   0.44 25.13 ? 170 ASN A CG  1 
ATOM   1352 C CG  B ASN A 1 189 ? -19.940 -9.326  3.907   0.56 23.49 ? 170 ASN A CG  1 
ATOM   1353 O OD1 A ASN A 1 189 ? -21.740 -10.461 2.843   0.44 25.32 ? 170 ASN A OD1 1 
ATOM   1354 O OD1 B ASN A 1 189 ? -20.246 -9.798  5.006   0.56 24.79 ? 170 ASN A OD1 1 
ATOM   1355 N ND2 A ASN A 1 189 ? -20.755 -10.324 0.824   0.44 25.70 ? 170 ASN A ND2 1 
ATOM   1356 N ND2 B ASN A 1 189 ? -20.084 -8.036  3.615   0.56 20.84 ? 170 ASN A ND2 1 
ATOM   1357 N N   . ASP A 1 190 ? -17.496 -12.539 1.529   1.00 20.67 ? 171 ASP A N   1 
ATOM   1358 C CA  . ASP A 1 190 ? -17.240 -13.461 0.419   1.00 21.85 ? 171 ASP A CA  1 
ATOM   1359 C C   . ASP A 1 190 ? -15.769 -13.848 0.449   1.00 21.83 ? 171 ASP A C   1 
ATOM   1360 O O   . ASP A 1 190 ? -14.910 -13.016 0.146   1.00 21.43 ? 171 ASP A O   1 
ATOM   1361 C CB  . ASP A 1 190 ? -17.546 -12.761 -0.910  1.00 22.15 ? 171 ASP A CB  1 
ATOM   1362 C CG  . ASP A 1 190 ? -17.492 -13.698 -2.093  1.00 30.34 ? 171 ASP A CG  1 
ATOM   1363 O OD1 . ASP A 1 190 ? -16.381 -14.137 -2.460  1.00 27.70 ? 171 ASP A OD1 1 
ATOM   1364 O OD2 . ASP A 1 190 ? -18.566 -13.987 -2.664  1.00 30.16 ? 171 ASP A OD2 1 
ATOM   1365 N N   . ALA A 1 191 ? -15.460 -15.088 0.816   1.00 17.36 ? 172 ALA A N   1 
ATOM   1366 C CA  . ALA A 1 191 ? -14.060 -15.459 1.051   1.00 18.98 ? 172 ALA A CA  1 
ATOM   1367 C C   . ALA A 1 191 ? -13.183 -15.365 -0.199  1.00 25.32 ? 172 ALA A C   1 
ATOM   1368 O O   . ALA A 1 191 ? -12.107 -14.770 -0.151  1.00 21.44 ? 172 ALA A O   1 
ATOM   1369 C CB  . ALA A 1 191 ? -13.951 -16.842 1.692   1.00 24.23 ? 172 ALA A CB  1 
ATOM   1370 N N   . PRO A 1 192 ? -13.632 -15.956 -1.320  1.00 23.15 ? 173 PRO A N   1 
ATOM   1371 C CA  . PRO A 1 192 ? -12.866 -15.863 -2.572  1.00 24.93 ? 173 PRO A CA  1 
ATOM   1372 C C   . PRO A 1 192 ? -12.616 -14.422 -3.024  1.00 21.46 ? 173 PRO A C   1 
ATOM   1373 O O   . PRO A 1 192 ? -11.524 -14.113 -3.515  1.00 17.68 ? 173 PRO A O   1 
ATOM   1374 C CB  . PRO A 1 192 ? -13.761 -16.587 -3.578  1.00 28.79 ? 173 PRO A CB  1 
ATOM   1375 C CG  . PRO A 1 192 ? -14.499 -17.598 -2.737  1.00 29.53 ? 173 PRO A CG  1 
ATOM   1376 C CD  . PRO A 1 192 ? -14.752 -16.911 -1.426  1.00 27.16 ? 173 PRO A CD  1 
ATOM   1377 N N   . ALA A 1 193 ? -13.610 -13.552 -2.871  1.00 19.03 ? 174 ALA A N   1 
ATOM   1378 C CA  . ALA A 1 193 ? -13.439 -12.156 -3.257  1.00 20.99 ? 174 ALA A CA  1 
ATOM   1379 C C   . ALA A 1 193 ? -12.408 -11.458 -2.376  1.00 20.06 ? 174 ALA A C   1 
ATOM   1380 O O   . ALA A 1 193 ? -11.606 -10.666 -2.868  1.00 15.45 ? 174 ALA A O   1 
ATOM   1381 C CB  . ALA A 1 193 ? -14.767 -11.411 -3.230  1.00 18.75 ? 174 ALA A CB  1 
ATOM   1382 N N   . LEU A 1 194 ? -12.428 -11.740 -1.077  1.00 15.54 ? 175 LEU A N   1 
ATOM   1383 C CA  . LEU A 1 194 ? -11.435 -11.141 -0.173  1.00 14.67 ? 175 LEU A CA  1 
ATOM   1384 C C   . LEU A 1 194 ? -10.023 -11.655 -0.464  1.00 16.61 ? 175 LEU A C   1 
ATOM   1385 O O   . LEU A 1 194 ? -9.046  -10.894 -0.414  1.00 14.67 ? 175 LEU A O   1 
ATOM   1386 C CB  . LEU A 1 194 ? -11.799 -11.381 1.298   1.00 16.58 ? 175 LEU A CB  1 
ATOM   1387 C CG  . LEU A 1 194 ? -10.901 -10.690 2.353   1.00 15.48 ? 175 LEU A CG  1 
ATOM   1388 C CD1 . LEU A 1 194 ? -10.778 -9.200  2.103   1.00 13.93 ? 175 LEU A CD1 1 
ATOM   1389 C CD2 . LEU A 1 194 ? -11.453 -10.914 3.749   1.00 17.26 ? 175 LEU A CD2 1 
ATOM   1390 N N   . ILE A 1 195 ? -9.909  -12.944 -0.758  1.00 15.61 ? 176 ILE A N   1 
ATOM   1391 C CA  . ILE A 1 195 ? -8.605  -13.512 -1.092  1.00 15.81 ? 176 ILE A CA  1 
ATOM   1392 C C   . ILE A 1 195 ? -8.040  -12.820 -2.323  1.00 20.99 ? 176 ILE A C   1 
ATOM   1393 O O   . ILE A 1 195 ? -6.854  -12.497 -2.386  1.00 18.38 ? 176 ILE A O   1 
ATOM   1394 C CB  . ILE A 1 195 ? -8.697  -15.016 -1.358  1.00 18.43 ? 176 ILE A CB  1 
ATOM   1395 C CG1 . ILE A 1 195 ? -8.929  -15.767 -0.040  1.00 22.12 ? 176 ILE A CG1 1 
ATOM   1396 C CG2 . ILE A 1 195 ? -7.418  -15.517 -2.020  1.00 18.15 ? 176 ILE A CG2 1 
ATOM   1397 C CD1 . ILE A 1 195 ? -9.282  -17.232 -0.207  1.00 31.27 ? 176 ILE A CD1 1 
ATOM   1398 N N   . ASP A 1 196 ? -8.899  -12.587 -3.308  1.00 19.67 ? 177 ASP A N   1 
ATOM   1399 C CA  . ASP A 1 196 ? -8.468  -11.910 -4.526  1.00 22.79 ? 177 ASP A CA  1 
ATOM   1400 C C   . ASP A 1 196 ? -7.941  -10.506 -4.259  1.00 20.47 ? 177 ASP A C   1 
ATOM   1401 O O   . ASP A 1 196 ? -6.972  -10.066 -4.895  1.00 18.01 ? 177 ASP A O   1 
ATOM   1402 C CB  . ASP A 1 196 ? -9.604  -11.828 -5.536  1.00 22.77 ? 177 ASP A CB  1 
ATOM   1403 C CG  . ASP A 1 196 ? -9.264  -10.921 -6.708  1.00 37.41 ? 177 ASP A CG  1 
ATOM   1404 O OD1 . ASP A 1 196 ? -9.750  -9.768  -6.728  1.00 40.53 ? 177 ASP A OD1 1 
ATOM   1405 O OD2 . ASP A 1 196 ? -8.489  -11.352 -7.598  1.00 35.45 ? 177 ASP A OD2 1 
ATOM   1406 N N   . LEU A 1 197 ? -8.591  -9.794  -3.341  1.00 16.13 ? 178 LEU A N   1 
ATOM   1407 C CA  . LEU A 1 197 ? -8.157  -8.446  -2.966  1.00 19.04 ? 178 LEU A CA  1 
ATOM   1408 C C   . LEU A 1 197 ? -6.793  -8.487  -2.302  1.00 17.78 ? 178 LEU A C   1 
ATOM   1409 O O   . LEU A 1 197 ? -5.946  -7.646  -2.563  1.00 17.90 ? 178 LEU A O   1 
ATOM   1410 C CB  . LEU A 1 197 ? -9.171  -7.779  -2.027  1.00 17.17 ? 178 LEU A CB  1 
ATOM   1411 C CG  . LEU A 1 197 ? -10.500 -7.350  -2.655  1.00 19.37 ? 178 LEU A CG  1 
ATOM   1412 C CD1 . LEU A 1 197 ? -11.466 -6.873  -1.578  1.00 19.92 ? 178 LEU A CD1 1 
ATOM   1413 C CD2 . LEU A 1 197 ? -10.278 -6.258  -3.696  1.00 22.50 ? 178 LEU A CD2 1 
ATOM   1414 N N   . VAL A 1 198 ? -6.587  -9.454  -1.416  1.00 13.50 ? 179 VAL A N   1 
ATOM   1415 C CA  . VAL A 1 198 ? -5.293  -9.602  -0.760  1.00 15.76 ? 179 VAL A CA  1 
ATOM   1416 C C   . VAL A 1 198 ? -4.206  -9.931  -1.785  1.00 13.95 ? 179 VAL A C   1 
ATOM   1417 O O   . VAL A 1 198 ? -3.122  -9.338  -1.778  1.00 16.88 ? 179 VAL A O   1 
ATOM   1418 C CB  . VAL A 1 198 ? -5.348  -10.696 0.336   1.00 14.94 ? 179 VAL A CB  1 
ATOM   1419 C CG1 . VAL A 1 198 ? -3.958  -11.067 0.817   1.00 18.91 ? 179 VAL A CG1 1 
ATOM   1420 C CG2 . VAL A 1 198 ? -6.207  -10.229 1.510   1.00 14.89 ? 179 VAL A CG2 1 
ATOM   1421 N N   . GLN A 1 199 ? -4.483  -10.888 -2.661  1.00 14.64 ? 180 GLN A N   1 
ATOM   1422 C CA  . GLN A 1 199 ? -3.507  -11.257 -3.692  1.00 17.20 ? 180 GLN A CA  1 
ATOM   1423 C C   . GLN A 1 199 ? -3.152  -10.098 -4.636  1.00 19.23 ? 180 GLN A C   1 
ATOM   1424 O O   . GLN A 1 199 ? -1.990  -9.899  -4.972  1.00 19.73 ? 180 GLN A O   1 
ATOM   1425 C CB  . GLN A 1 199 ? -4.019  -12.437 -4.520  1.00 19.87 ? 180 GLN A CB  1 
ATOM   1426 C CG  . GLN A 1 199 ? -4.092  -13.745 -3.752  1.00 23.46 ? 180 GLN A CG  1 
ATOM   1427 C CD  . GLN A 1 199 ? -4.713  -14.859 -4.579  1.00 32.19 ? 180 GLN A CD  1 
ATOM   1428 O OE1 . GLN A 1 199 ? -5.636  -14.626 -5.366  1.00 30.10 ? 180 GLN A OE1 1 
ATOM   1429 N NE2 . GLN A 1 199 ? -4.205  -16.077 -4.410  1.00 34.05 ? 180 GLN A NE2 1 
ATOM   1430 N N   . GLN A 1 200 ? -4.158  -9.344  -5.070  1.00 19.89 ? 181 GLN A N   1 
ATOM   1431 C CA  . GLN A 1 200 ? -3.951  -8.312  -6.079  1.00 18.63 ? 181 GLN A CA  1 
ATOM   1432 C C   . GLN A 1 200 ? -3.479  -7.004  -5.471  1.00 20.88 ? 181 GLN A C   1 
ATOM   1433 O O   . GLN A 1 200 ? -2.757  -6.261  -6.107  1.00 17.18 ? 181 GLN A O   1 
ATOM   1434 C CB  . GLN A 1 200 ? -5.233  -8.078  -6.882  1.00 19.77 ? 181 GLN A CB  1 
ATOM   1435 C CG  . GLN A 1 200 ? -5.626  -9.274  -7.715  1.00 25.52 ? 181 GLN A CG  1 
ATOM   1436 C CD  . GLN A 1 200 ? -4.537  -9.637  -8.708  1.00 34.62 ? 181 GLN A CD  1 
ATOM   1437 O OE1 . GLN A 1 200 ? -4.039  -8.772  -9.431  1.00 38.22 ? 181 GLN A OE1 1 
ATOM   1438 N NE2 . GLN A 1 200 ? -4.146  -10.911 -8.736  1.00 38.88 ? 181 GLN A NE2 1 
ATOM   1439 N N   . GLY A 1 201 ? -3.883  -6.720  -4.238  1.00 18.68 ? 182 GLY A N   1 
ATOM   1440 C CA  . GLY A 1 201 ? -3.558  -5.439  -3.639  1.00 16.79 ? 182 GLY A CA  1 
ATOM   1441 C C   . GLY A 1 201 ? -4.632  -4.449  -4.041  1.00 17.45 ? 182 GLY A C   1 
ATOM   1442 O O   . GLY A 1 201 ? -5.361  -4.693  -4.997  1.00 16.86 ? 182 GLY A O   1 
ATOM   1443 N N   . ILE A 1 202 ? -4.736  -3.349  -3.301  1.00 12.38 ? 183 ILE A N   1 
ATOM   1444 C CA  . ILE A 1 202 ? -5.836  -2.397  -3.457  1.00 14.40 ? 183 ILE A CA  1 
ATOM   1445 C C   . ILE A 1 202 ? -5.361  -0.979  -3.745  1.00 17.88 ? 183 ILE A C   1 
ATOM   1446 O O   . ILE A 1 202 ? -4.628  -0.385  -2.951  1.00 14.68 ? 183 ILE A O   1 
ATOM   1447 C CB  . ILE A 1 202 ? -6.694  -2.338  -2.161  1.00 14.21 ? 183 ILE A CB  1 
ATOM   1448 C CG1 . ILE A 1 202 ? -7.260  -3.728  -1.841  1.00 15.55 ? 183 ILE A CG1 1 
ATOM   1449 C CG2 . ILE A 1 202 ? -7.843  -1.328  -2.316  1.00 14.66 ? 183 ILE A CG2 1 
ATOM   1450 C CD1 . ILE A 1 202 ? -7.938  -3.787  -0.494  1.00 18.57 ? 183 ILE A CD1 1 
ATOM   1451 N N   . GLY A 1 203 ? -5.805  -0.420  -4.863  1.00 18.43 ? 184 GLY A N   1 
ATOM   1452 C CA  . GLY A 1 203 ? -5.599  0.993   -5.128  1.00 13.96 ? 184 GLY A CA  1 
ATOM   1453 C C   . GLY A 1 203 ? -4.310  1.256   -5.895  1.00 19.43 ? 184 GLY A C   1 
ATOM   1454 O O   . GLY A 1 203 ? -3.594  0.330   -6.269  1.00 18.94 ? 184 GLY A O   1 
ATOM   1455 N N   . PRO A 1 204 ? -3.996  2.535   -6.112  1.00 17.98 ? 185 PRO A N   1 
ATOM   1456 C CA  . PRO A 1 204 ? -2.819  2.929   -6.892  1.00 15.71 ? 185 PRO A CA  1 
ATOM   1457 C C   . PRO A 1 204 ? -1.513  2.786   -6.115  1.00 15.87 ? 185 PRO A C   1 
ATOM   1458 O O   . PRO A 1 204 ? -1.505  2.544   -4.893  1.00 12.16 ? 185 PRO A O   1 
ATOM   1459 C CB  . PRO A 1 204 ? -3.069  4.422   -7.182  1.00 18.63 ? 185 PRO A CB  1 
ATOM   1460 C CG  . PRO A 1 204 ? -4.525  4.674   -6.834  1.00 18.24 ? 185 PRO A CG  1 
ATOM   1461 C CD  . PRO A 1 204 ? -4.821  3.689   -5.726  1.00 16.17 ? 185 PRO A CD  1 
ATOM   1462 N N   . ALA A 1 205 ? -0.416  2.921   -6.855  1.00 14.90 ? 186 ALA A N   1 
ATOM   1463 C CA  . ALA A 1 205 ? 0.927   3.057   -6.300  1.00 15.77 ? 186 ALA A CA  1 
ATOM   1464 C C   . ALA A 1 205 ? 1.410   1.800   -5.595  1.00 14.08 ? 186 ALA A C   1 
ATOM   1465 O O   . ALA A 1 205 ? 2.116   1.877   -4.597  1.00 13.63 ? 186 ALA A O   1 
ATOM   1466 C CB  . ALA A 1 205 ? 1.006   4.259   -5.377  1.00 14.91 ? 186 ALA A CB  1 
ATOM   1467 N N   . LYS A 1 206 ? 1.043   0.641   -6.130  1.00 16.39 ? 187 LYS A N   1 
ATOM   1468 C CA  . LYS A 1 206 ? 1.453   -0.624  -5.531  1.00 14.03 ? 187 LYS A CA  1 
ATOM   1469 C C   . LYS A 1 206 ? 2.972   -0.803  -5.541  1.00 22.89 ? 187 LYS A C   1 
ATOM   1470 O O   . LYS A 1 206 ? 3.527   -1.487  -4.681  1.00 19.55 ? 187 LYS A O   1 
ATOM   1471 C CB  . LYS A 1 206 ? 0.762   -1.791  -6.234  1.00 17.68 ? 187 LYS A CB  1 
ATOM   1472 C CG  . LYS A 1 206 ? -0.762  -1.785  -6.058  1.00 17.30 ? 187 LYS A CG  1 
ATOM   1473 C CD  . LYS A 1 206 ? -1.391  -2.904  -6.847  1.00 23.95 ? 187 LYS A CD  1 
ATOM   1474 C CE  . LYS A 1 206 ? -2.901  -2.792  -6.888  1.00 23.53 ? 187 LYS A CE  1 
ATOM   1475 N NZ  . LYS A 1 206 ? -3.480  -3.946  -7.658  1.00 29.17 ? 187 LYS A NZ  1 
ATOM   1476 N N   . SER A 1 207 ? 3.646   -0.193  -6.518  1.00 17.53 ? 188 SER A N   1 
ATOM   1477 C CA  . SER A 1 207 ? 5.106   -0.270  -6.589  1.00 18.22 ? 188 SER A CA  1 
ATOM   1478 C C   . SER A 1 207 ? 5.792   0.684   -5.599  1.00 20.94 ? 188 SER A C   1 
ATOM   1479 O O   . SER A 1 207 ? 7.008   0.603   -5.404  1.00 21.65 ? 188 SER A O   1 
ATOM   1480 C CB  . SER A 1 207 ? 5.596   0.007   -8.019  1.00 20.86 ? 188 SER A CB  1 
ATOM   1481 O OG  . SER A 1 207 ? 5.544   1.397   -8.315  1.00 17.94 ? 188 SER A OG  1 
ATOM   1482 N N   . MET A 1 208 ? 5.024   1.590   -4.984  1.00 19.65 ? 189 MET A N   1 
ATOM   1483 C CA  . MET A 1 208 ? 5.568   2.541   -4.004  1.00 17.26 ? 189 MET A CA  1 
ATOM   1484 C C   . MET A 1 208 ? 5.153   2.229   -2.559  1.00 18.78 ? 189 MET A C   1 
ATOM   1485 O O   . MET A 1 208 ? 5.120   3.120   -1.722  1.00 17.96 ? 189 MET A O   1 
ATOM   1486 C CB  . MET A 1 208 ? 5.101   3.976   -4.293  1.00 20.93 ? 189 MET A CB  1 
ATOM   1487 C CG  . MET A 1 208 ? 5.444   4.540   -5.670  1.00 28.80 ? 189 MET A CG  1 
ATOM   1488 S SD  . MET A 1 208 ? 7.155   5.106   -5.797  1.00 38.41 ? 189 MET A SD  1 
ATOM   1489 C CE  . MET A 1 208 ? 7.964   3.528   -6.043  1.00 31.03 ? 189 MET A CE  1 
ATOM   1490 N N   . GLY A 1 209 ? 4.817   0.989   -2.264  1.00 14.54 ? 190 GLY A N   1 
ATOM   1491 C CA  . GLY A 1 209 ? 4.509   0.621   -0.888  1.00 18.85 ? 190 GLY A CA  1 
ATOM   1492 C C   . GLY A 1 209 ? 3.072   0.858   -0.448  1.00 14.70 ? 190 GLY A C   1 
ATOM   1493 O O   . GLY A 1 209 ? 2.795   0.960   0.754   1.00 14.64 ? 190 GLY A O   1 
ATOM   1494 N N   . CYS A 1 210 ? 2.155   0.945   -1.407  1.00 12.56 ? 191 CYS A N   1 
ATOM   1495 C CA  . CYS A 1 210 ? 0.720   0.971   -1.098  1.00 10.91 ? 191 CYS A CA  1 
ATOM   1496 C C   . CYS A 1 210 ? 0.039   -0.305  -1.557  1.00 13.63 ? 191 CYS A C   1 
ATOM   1497 O O   . CYS A 1 210 ? 0.548   -1.030  -2.421  1.00 14.78 ? 191 CYS A O   1 
ATOM   1498 C CB  . CYS A 1 210 ? 0.034   2.143   -1.819  1.00 12.58 ? 191 CYS A CB  1 
ATOM   1499 S SG  . CYS A 1 210 ? 0.578   3.749   -1.299  1.00 20.14 ? 191 CYS A SG  1 
ATOM   1500 N N   . GLY A 1 211 ? -1.142  -0.567  -1.005  1.00 14.82 ? 192 GLY A N   1 
ATOM   1501 C CA  . GLY A 1 211 ? -1.998  -1.592  -1.557  1.00 11.28 ? 192 GLY A CA  1 
ATOM   1502 C C   . GLY A 1 211 ? -2.001  -2.910  -0.812  1.00 15.77 ? 192 GLY A C   1 
ATOM   1503 O O   . GLY A 1 211 ? -2.891  -3.723  -1.037  1.00 12.83 ? 192 GLY A O   1 
ATOM   1504 N N   . LEU A 1 212 ? -1.014  -3.138  0.054   1.00 12.31 ? 193 LEU A N   1 
ATOM   1505 C CA  . LEU A 1 212 ? -0.914  -4.430  0.742   1.00 14.42 ? 193 LEU A CA  1 
ATOM   1506 C C   . LEU A 1 212 ? -1.942  -4.484  1.856   1.00 14.18 ? 193 LEU A C   1 
ATOM   1507 O O   . LEU A 1 212 ? -1.850  -3.729  2.821   1.00 13.80 ? 193 LEU A O   1 
ATOM   1508 C CB  . LEU A 1 212 ? 0.485   -4.654  1.327   1.00 13.44 ? 193 LEU A CB  1 
ATOM   1509 C CG  . LEU A 1 212 ? 0.816   -6.072  1.828   1.00 15.93 ? 193 LEU A CG  1 
ATOM   1510 C CD1 . LEU A 1 212 ? 2.315   -6.199  2.047   1.00 17.69 ? 193 LEU A CD1 1 
ATOM   1511 C CD2 . LEU A 1 212 ? 0.092   -6.404  3.104   1.00 20.70 ? 193 LEU A CD2 1 
ATOM   1512 N N   . LEU A 1 213 ? -2.926  -5.366  1.707   1.00 15.27 ? 194 LEU A N   1 
ATOM   1513 C CA  . LEU A 1 213 ? -3.976  -5.518  2.702   1.00 14.68 ? 194 LEU A CA  1 
ATOM   1514 C C   . LEU A 1 213 ? -3.590  -6.624  3.671   1.00 14.32 ? 194 LEU A C   1 
ATOM   1515 O O   . LEU A 1 213 ? -3.567  -7.800  3.294   1.00 15.54 ? 194 LEU A O   1 
ATOM   1516 C CB  . LEU A 1 213 ? -5.304  -5.844  2.028   1.00 12.10 ? 194 LEU A CB  1 
ATOM   1517 C CG  . LEU A 1 213 ? -6.481  -6.170  2.968   1.00 14.63 ? 194 LEU A CG  1 
ATOM   1518 C CD1 . LEU A 1 213 ? -6.850  -4.983  3.846   1.00 16.34 ? 194 LEU A CD1 1 
ATOM   1519 C CD2 . LEU A 1 213 ? -7.682  -6.643  2.147   1.00 16.25 ? 194 LEU A CD2 1 
ATOM   1520 N N   . SER A 1 214 ? -3.243  -6.239  4.898   1.00 13.20 ? 195 SER A N   1 
ATOM   1521 C CA  . SER A 1 214 ? -2.828  -7.199  5.928   1.00 15.24 ? 195 SER A CA  1 
ATOM   1522 C C   . SER A 1 214 ? -4.029  -7.564  6.796   1.00 15.46 ? 195 SER A C   1 
ATOM   1523 O O   . SER A 1 214 ? -4.747  -6.683  7.262   1.00 17.87 ? 195 SER A O   1 
ATOM   1524 C CB  . SER A 1 214 ? -1.738  -6.587  6.809   1.00 17.78 ? 195 SER A CB  1 
ATOM   1525 O OG  . SER A 1 214 ? -0.571  -6.285  6.051   1.00 22.39 ? 195 SER A OG  1 
ATOM   1526 N N   . LEU A 1 215 ? -4.235  -8.856  7.010   1.00 15.31 ? 196 LEU A N   1 
ATOM   1527 C CA  . LEU A 1 215 ? -5.366  -9.343  7.797   1.00 20.01 ? 196 LEU A CA  1 
ATOM   1528 C C   . LEU A 1 215 ? -4.891  -10.163 8.989   1.00 20.09 ? 196 LEU A C   1 
ATOM   1529 O O   . LEU A 1 215 ? -3.856  -10.827 8.911   1.00 17.61 ? 196 LEU A O   1 
ATOM   1530 C CB  . LEU A 1 215 ? -6.275  -10.207 6.925   1.00 14.50 ? 196 LEU A CB  1 
ATOM   1531 C CG  . LEU A 1 215 ? -6.901  -9.540  5.692   1.00 14.07 ? 196 LEU A CG  1 
ATOM   1532 C CD1 . LEU A 1 215 ? -7.708  -10.559 4.901   1.00 14.31 ? 196 LEU A CD1 1 
ATOM   1533 C CD2 . LEU A 1 215 ? -7.768  -8.348  6.075   1.00 15.57 ? 196 LEU A CD2 1 
ATOM   1534 N N   . ALA A 1 216 ? -5.658  -10.139 10.078  1.00 16.38 ? 197 ALA A N   1 
ATOM   1535 C CA  . ALA A 1 216 ? -5.335  -10.921 11.273  1.00 18.35 ? 197 ALA A CA  1 
ATOM   1536 C C   . ALA A 1 216 ? -6.581  -11.257 12.111  1.00 16.76 ? 197 ALA A C   1 
ATOM   1537 O O   . ALA A 1 216 ? -7.486  -10.426 12.265  1.00 14.58 ? 197 ALA A O   1 
ATOM   1538 C CB  . ALA A 1 216 ? -4.301  -10.190 12.125  1.00 15.41 ? 197 ALA A CB  1 
ATOM   1539 N N   . PRO A 1 217 ? -6.632  -12.481 12.661  1.00 16.21 ? 198 PRO A N   1 
ATOM   1540 C CA  . PRO A 1 217 ? -7.770  -12.841 13.518  1.00 14.98 ? 198 PRO A CA  1 
ATOM   1541 C C   . PRO A 1 217 ? -7.846  -11.971 14.769  1.00 18.49 ? 198 PRO A C   1 
ATOM   1542 O O   . PRO A 1 217 ? -6.822  -11.452 15.222  1.00 18.24 ? 198 PRO A O   1 
ATOM   1543 C CB  . PRO A 1 217 ? -7.475  -14.307 13.900  1.00 24.86 ? 198 PRO A CB  1 
ATOM   1544 C CG  . PRO A 1 217 ? -6.025  -14.518 13.591  1.00 28.32 ? 198 PRO A CG  1 
ATOM   1545 C CD  . PRO A 1 217 ? -5.731  -13.624 12.426  1.00 19.36 ? 198 PRO A CD  1 
ATOM   1546 N N   . LEU A 1 218 ? -9.049  -11.787 15.312  1.00 17.93 ? 199 LEU A N   1 
ATOM   1547 C CA  . LEU A 1 218 ? -9.182  -11.074 16.576  1.00 18.93 ? 199 LEU A CA  1 
ATOM   1548 C C   . LEU A 1 218 ? -8.547  -11.870 17.725  1.00 25.73 ? 199 LEU A C   1 
ATOM   1549 O O   . LEU A 1 218 ? -8.363  -11.336 18.827  1.00 19.90 ? 199 LEU A O   1 
ATOM   1550 C CB  . LEU A 1 218 ? -10.650 -10.787 16.902  1.00 22.70 ? 199 LEU A CB  1 
ATOM   1551 C CG  . LEU A 1 218 ? -11.498 -9.979  15.917  1.00 23.15 ? 199 LEU A CG  1 
ATOM   1552 C CD1 . LEU A 1 218 ? -12.838 -9.703  16.580  1.00 26.09 ? 199 LEU A CD1 1 
ATOM   1553 C CD2 . LEU A 1 218 ? -10.823 -8.688  15.532  1.00 21.06 ? 199 LEU A CD2 1 
ATOM   1554 O OXT . LEU A 1 218 ? -8.225  -13.063 17.591  1.00 22.58 ? 199 LEU A OXT 1 
HETATM 1555 C C1  . GOL B 2 .   ? 3.679   -4.665  -8.686  1.00 44.96 ? 201 GOL A C1  1 
HETATM 1556 O O1  . GOL B 2 .   ? 4.725   -5.447  -8.135  1.00 48.58 ? 201 GOL A O1  1 
HETATM 1557 C C2  . GOL B 2 .   ? 2.368   -4.828  -7.906  1.00 38.39 ? 201 GOL A C2  1 
HETATM 1558 O O2  . GOL B 2 .   ? 2.287   -6.081  -7.262  1.00 38.44 ? 201 GOL A O2  1 
HETATM 1559 C C3  . GOL B 2 .   ? 1.192   -4.715  -8.868  1.00 34.45 ? 201 GOL A C3  1 
HETATM 1560 O O3  . GOL B 2 .   ? 1.514   -3.785  -9.884  1.00 50.47 ? 201 GOL A O3  1 
HETATM 1561 H H11 . GOL B 2 .   ? 3.973   -3.616  -8.681  1.00 54.03 ? 201 GOL A H11 1 
HETATM 1562 H H12 . GOL B 2 .   ? 3.519   -4.960  -9.724  1.00 54.03 ? 201 GOL A H12 1 
HETATM 1563 H HO1 . GOL B 2 .   ? 5.524   -5.368  -8.698  1.00 58.36 ? 201 GOL A HO1 1 
HETATM 1564 H H2  . GOL B 2 .   ? 2.297   -4.027  -7.170  1.00 46.14 ? 201 GOL A H2  1 
HETATM 1565 H HO2 . GOL B 2 .   ? 1.436   -6.147  -6.781  1.00 46.19 ? 201 GOL A HO2 1 
HETATM 1566 H H31 . GOL B 2 .   ? 0.981   -5.688  -9.310  1.00 41.41 ? 201 GOL A H31 1 
HETATM 1567 H H32 . GOL B 2 .   ? 0.304   -4.384  -8.330  1.00 41.41 ? 201 GOL A H32 1 
HETATM 1568 H HO3 . GOL B 2 .   ? 0.856   -3.852  -10.608 1.00 60.64 ? 201 GOL A HO3 1 
HETATM 1569 O O   . HOH C 3 .   ? 1.175   -1.316  1.113   1.00 16.79 ? 301 HOH A O   1 
HETATM 1570 O O   . HOH C 3 .   ? -1.551  -9.779  3.337   1.00 14.99 ? 302 HOH A O   1 
HETATM 1571 O O   . HOH C 3 .   ? -0.191  0.205   -8.927  1.00 19.17 ? 303 HOH A O   1 
HETATM 1572 O O   . HOH C 3 .   ? -0.856  11.257  -4.111  1.00 17.58 ? 304 HOH A O   1 
HETATM 1573 O O   . HOH C 3 .   ? 2.889   -2.437  -2.435  1.00 12.72 ? 305 HOH A O   1 
HETATM 1574 O O   . HOH C 3 .   ? 5.858   -11.578 9.060   1.00 49.73 ? 306 HOH A O   1 
HETATM 1575 O O   . HOH C 3 .   ? -3.258  2.288   -2.906  1.00 12.75 ? 307 HOH A O   1 
HETATM 1576 O O   . HOH C 3 .   ? -11.837 -3.289  -5.490  1.00 20.59 ? 308 HOH A O   1 
HETATM 1577 O O   . HOH C 3 .   ? -17.398 -2.741  2.058   1.00 29.23 ? 309 HOH A O   1 
HETATM 1578 O O   . HOH C 3 .   ? -14.994 14.118  6.425   1.00 26.38 ? 310 HOH A O   1 
HETATM 1579 O O   . HOH C 3 .   ? 4.680   1.544   2.583   1.00 16.44 ? 311 HOH A O   1 
HETATM 1580 O O   . HOH C 3 .   ? -14.315 8.239   -1.971  1.00 22.02 ? 312 HOH A O   1 
HETATM 1581 O O   . HOH C 3 .   ? -4.822  11.456  1.260   1.00 25.40 ? 313 HOH A O   1 
HETATM 1582 O O   . HOH C 3 .   ? -0.421  -4.014  5.581   1.00 20.50 ? 314 HOH A O   1 
HETATM 1583 O O   . HOH C 3 .   ? 23.686  -8.971  -3.833  1.00 28.44 ? 315 HOH A O   1 
HETATM 1584 O O   . HOH C 3 .   ? -18.280 -10.574 12.361  1.00 24.53 ? 316 HOH A O   1 
HETATM 1585 O O   . HOH C 3 .   ? 7.570   -12.427 0.969   1.00 20.91 ? 317 HOH A O   1 
HETATM 1586 O O   . HOH C 3 .   ? -11.323 14.571  -0.129  1.00 25.04 ? 318 HOH A O   1 
HETATM 1587 O O   . HOH C 3 .   ? 17.586  -15.625 1.339   1.00 34.95 ? 319 HOH A O   1 
HETATM 1588 O O   . HOH C 3 .   ? -17.384 -17.378 0.643   1.00 23.01 ? 320 HOH A O   1 
HETATM 1589 O O   . HOH C 3 .   ? -7.730  -5.309  -6.140  1.00 23.72 ? 321 HOH A O   1 
HETATM 1590 O O   . HOH C 3 .   ? -7.986  -1.316  -6.736  1.00 27.05 ? 322 HOH A O   1 
HETATM 1591 O O   . HOH C 3 .   ? -4.143  9.884   -0.970  1.00 25.78 ? 323 HOH A O   1 
HETATM 1592 O O   . HOH C 3 .   ? -17.983 -5.821  -4.989  1.00 40.95 ? 324 HOH A O   1 
HETATM 1593 O O   . HOH C 3 .   ? -21.397 -7.788  9.967   1.00 28.64 ? 325 HOH A O   1 
HETATM 1594 O O   . HOH C 3 .   ? 5.335   -3.582  -5.292  1.00 24.17 ? 326 HOH A O   1 
HETATM 1595 O O   . HOH C 3 .   ? -2.311  -7.470  0.030   1.00 21.00 ? 327 HOH A O   1 
HETATM 1596 O O   . HOH C 3 .   ? -12.035 15.065  7.450   1.00 35.00 ? 328 HOH A O   1 
HETATM 1597 O O   . HOH C 3 .   ? 2.425   9.331   2.200   1.00 31.27 ? 329 HOH A O   1 
HETATM 1598 O O   . HOH C 3 .   ? -5.335  -11.008 18.001  1.00 36.55 ? 330 HOH A O   1 
HETATM 1599 O O   . HOH C 3 .   ? -7.748  2.724   -7.584  1.00 32.84 ? 331 HOH A O   1 
HETATM 1600 O O   . HOH C 3 .   ? -7.975  6.068   -6.006  1.00 28.97 ? 332 HOH A O   1 
HETATM 1601 O O   . HOH C 3 .   ? -21.153 -8.443  7.238   1.00 33.83 ? 333 HOH A O   1 
HETATM 1602 O O   . HOH C 3 .   ? 11.806  15.409  -7.553  1.00 26.22 ? 334 HOH A O   1 
HETATM 1603 O O   . HOH C 3 .   ? 18.319  -5.969  -3.416  1.00 26.19 ? 335 HOH A O   1 
HETATM 1604 O O   . HOH C 3 .   ? 22.584  -11.396 -4.350  1.00 27.20 ? 336 HOH A O   1 
HETATM 1605 O O   . HOH C 3 .   ? -1.057  8.640   -7.606  1.00 27.06 ? 337 HOH A O   1 
HETATM 1606 O O   . HOH C 3 .   ? -1.179  -19.296 8.013   1.00 44.10 ? 338 HOH A O   1 
HETATM 1607 O O   . HOH C 3 .   ? 20.270  -5.299  4.526   1.00 29.55 ? 339 HOH A O   1 
HETATM 1608 O O   . HOH C 3 .   ? -12.141 -9.372  -5.103  1.00 28.58 ? 340 HOH A O   1 
HETATM 1609 O O   . HOH C 3 .   ? 17.211  13.752  -3.573  1.00 35.55 ? 341 HOH A O   1 
HETATM 1610 O O   . HOH C 3 .   ? -11.359 19.922  -19.249 1.00 32.19 ? 342 HOH A O   1 
HETATM 1611 O O   . HOH C 3 .   ? -6.123  22.570  -8.800  1.00 47.97 ? 343 HOH A O   1 
HETATM 1612 O O   . HOH C 3 .   ? -2.938  -10.812 5.516   1.00 23.96 ? 344 HOH A O   1 
HETATM 1613 O O   . HOH C 3 .   ? -12.106 10.650  -9.961  1.00 33.15 ? 345 HOH A O   1 
HETATM 1614 O O   . HOH C 3 .   ? 12.360  8.399   -6.145  1.00 33.89 ? 346 HOH A O   1 
HETATM 1615 O O   . HOH C 3 .   ? -6.488  -12.844 -7.419  1.00 31.20 ? 347 HOH A O   1 
HETATM 1616 O O   . HOH C 3 .   ? -7.418  18.941  -20.007 1.00 32.96 ? 348 HOH A O   1 
HETATM 1617 O O   . HOH C 3 .   ? 3.241   15.221  -6.468  1.00 33.63 ? 349 HOH A O   1 
HETATM 1618 O O   . HOH C 3 .   ? 18.210  -12.260 -5.098  1.00 24.71 ? 350 HOH A O   1 
HETATM 1619 O O   . HOH C 3 .   ? 0.322   23.088  -20.090 1.00 36.01 ? 351 HOH A O   1 
HETATM 1620 O O   . HOH C 3 .   ? -12.223 22.927  -20.929 1.00 37.45 ? 352 HOH A O   1 
HETATM 1621 O O   . HOH C 3 .   ? 20.609  -3.987  6.774   1.00 38.00 ? 353 HOH A O   1 
HETATM 1622 O O   . HOH C 3 .   ? 16.368  4.138   4.596   1.00 39.00 ? 354 HOH A O   1 
HETATM 1623 O O   . HOH C 3 .   ? 3.880   4.448   0.146   1.00 30.21 ? 355 HOH A O   1 
HETATM 1624 O O   . HOH C 3 .   ? -13.928 10.339  -3.926  1.00 31.07 ? 356 HOH A O   1 
HETATM 1625 O O   . HOH C 3 .   ? -14.654 -7.666  -4.653  1.00 39.72 ? 357 HOH A O   1 
HETATM 1626 O O   . HOH C 3 .   ? -6.168  10.780  -11.549 1.00 42.25 ? 358 HOH A O   1 
HETATM 1627 O O   . HOH C 3 .   ? 22.163  0.539   6.338   1.00 42.78 ? 359 HOH A O   1 
HETATM 1628 O O   . HOH C 3 .   ? 23.499  1.679   4.313   1.00 42.24 ? 360 HOH A O   1 
HETATM 1629 O O   . HOH C 3 .   ? -19.137 0.145   7.197   1.00 34.97 ? 361 HOH A O   1 
HETATM 1630 O O   . HOH C 3 .   ? 16.570  -2.175  -11.077 1.00 49.52 ? 362 HOH A O   1 
HETATM 1631 O O   . HOH C 3 .   ? -1.812  17.775  -2.933  1.00 44.52 ? 363 HOH A O   1 
HETATM 1632 O O   . HOH C 3 .   ? 0.013   -20.354 -0.733  1.00 51.40 ? 364 HOH A O   1 
HETATM 1633 O O   . HOH C 3 .   ? 12.202  -17.806 -5.213  1.00 41.40 ? 365 HOH A O   1 
HETATM 1634 O O   . HOH C 3 .   ? -7.819  10.876  7.538   1.00 32.72 ? 366 HOH A O   1 
HETATM 1635 O O   . HOH C 3 .   ? -6.757  18.211  -23.371 1.00 34.02 ? 367 HOH A O   1 
HETATM 1636 O O   . HOH C 3 .   ? 4.781   2.632   8.762   1.00 40.91 ? 368 HOH A O   1 
HETATM 1637 O O   . HOH C 3 .   ? -3.610  26.811  -24.055 1.00 41.68 ? 369 HOH A O   1 
HETATM 1638 O O   . HOH C 3 .   ? -20.217 -1.492  0.829   1.00 36.78 ? 370 HOH A O   1 
HETATM 1639 O O   . HOH C 3 .   ? 10.066  11.638  1.688   1.00 33.03 ? 371 HOH A O   1 
HETATM 1640 O O   . HOH C 3 .   ? -6.112  -3.052  -7.864  1.00 38.52 ? 372 HOH A O   1 
HETATM 1641 O O   . HOH C 3 .   ? 22.806  -5.376  3.648   1.00 39.91 ? 373 HOH A O   1 
HETATM 1642 O O   . HOH C 3 .   ? 9.712   1.855   -4.939  1.00 33.00 ? 374 HOH A O   1 
HETATM 1643 O O   . HOH C 3 .   ? -13.925 19.088  -10.579 1.00 34.70 ? 375 HOH A O   1 
HETATM 1644 O O   . HOH C 3 .   ? 17.817  6.950   4.380   1.00 52.40 ? 376 HOH A O   1 
HETATM 1645 O O   . HOH C 3 .   ? 4.872   8.339   5.496   1.00 38.21 ? 377 HOH A O   1 
HETATM 1646 O O   . HOH C 3 .   ? 17.622  -0.328  -3.490  1.00 38.82 ? 378 HOH A O   1 
HETATM 1647 O O   . HOH C 3 .   ? -12.961 -1.887  -7.150  1.00 37.53 ? 379 HOH A O   1 
HETATM 1648 O O   . HOH C 3 .   ? -3.226  -3.001  -9.939  1.00 38.83 ? 380 HOH A O   1 
HETATM 1649 O O   . HOH C 3 .   ? -6.770  14.388  5.695   1.00 42.66 ? 381 HOH A O   1 
HETATM 1650 O O   . HOH C 3 .   ? 5.441   4.049   2.763   1.00 37.78 ? 382 HOH A O   1 
HETATM 1651 O O   . HOH C 3 .   ? 2.516   -10.928 9.249   1.00 52.93 ? 383 HOH A O   1 
HETATM 1652 O O   . HOH C 3 .   ? -16.784 -8.836  -4.735  1.00 43.80 ? 384 HOH A O   1 
HETATM 1653 O O   . HOH C 3 .   ? -3.402  22.188  -12.270 1.00 53.21 ? 385 HOH A O   1 
HETATM 1654 O O   . HOH C 3 .   ? 17.256  -3.874  13.075  1.00 53.57 ? 386 HOH A O   1 
HETATM 1655 O O   . HOH C 3 .   ? -1.879  -19.057 -1.561  1.00 46.67 ? 387 HOH A O   1 
HETATM 1656 O O   . HOH C 3 .   ? -8.970  -7.336  -7.266  1.00 32.78 ? 388 HOH A O   1 
HETATM 1657 O O   . HOH C 3 .   ? 23.199  -2.217  6.695   1.00 40.58 ? 389 HOH A O   1 
HETATM 1658 O O   . HOH C 3 .   ? -9.366  29.326  -18.309 1.00 49.35 ? 390 HOH A O   1 
HETATM 1659 O O   . HOH C 3 .   ? -5.642  1.263   -9.265  1.00 43.99 ? 391 HOH A O   1 
HETATM 1660 O O   . HOH C 3 .   ? -11.983 8.461   -5.686  1.00 35.71 ? 392 HOH A O   1 
HETATM 1661 O O   . HOH C 3 .   ? 15.535  10.830  -6.037  1.00 34.37 ? 393 HOH A O   1 
HETATM 1662 O O   . HOH C 3 .   ? -24.245 -6.505  8.974   1.00 44.58 ? 394 HOH A O   1 
HETATM 1663 O O   . HOH C 3 .   ? -14.859 17.593  -1.183  1.00 52.49 ? 395 HOH A O   1 
HETATM 1664 O O   . HOH C 3 .   ? -12.207 -9.238  -9.307  1.00 44.44 ? 396 HOH A O   1 
HETATM 1665 O O   . HOH C 3 .   ? -13.573 -11.125 -6.726  1.00 37.96 ? 397 HOH A O   1 
HETATM 1666 O O   . HOH C 3 .   ? 16.386  2.416   -12.914 1.00 36.75 ? 398 HOH A O   1 
HETATM 1667 O O   . HOH C 3 .   ? 23.437  3.721   -3.593  1.00 52.80 ? 399 HOH A O   1 
HETATM 1668 O O   . HOH C 3 .   ? 12.708  0.090   -10.988 1.00 51.56 ? 400 HOH A O   1 
HETATM 1669 O O   . HOH C 3 .   ? -20.925 -11.818 6.740   1.00 36.30 ? 401 HOH A O   1 
HETATM 1670 O O   . HOH C 3 .   ? 0.186   13.824  -4.042  1.00 35.47 ? 402 HOH A O   1 
HETATM 1671 O O   . HOH C 3 .   ? 5.612   -21.047 6.591   1.00 47.00 ? 403 HOH A O   1 
HETATM 1672 O O   . HOH C 3 .   ? 8.498   11.612  4.022   1.00 36.95 ? 404 HOH A O   1 
HETATM 1673 O O   . HOH C 3 .   ? 8.778   5.191   9.743   1.00 49.57 ? 405 HOH A O   1 
HETATM 1674 O O   . HOH C 3 .   ? -0.287  -8.685  -6.934  1.00 37.78 ? 406 HOH A O   1 
HETATM 1675 O O   . HOH C 3 .   ? -7.204  17.112  -2.306  1.00 32.99 ? 407 HOH A O   1 
HETATM 1676 O O   . HOH C 3 .   ? -0.158  -10.364 8.188   1.00 39.71 ? 408 HOH A O   1 
HETATM 1677 O O   . HOH C 3 .   ? 0.100   10.739  -6.832  1.00 19.72 ? 409 HOH A O   1 
HETATM 1678 O O   . HOH C 3 .   ? -17.496 -19.475 2.479   1.00 25.44 ? 410 HOH A O   1 
HETATM 1679 O O   . HOH C 3 .   ? -14.991 -20.230 3.452   1.00 30.57 ? 411 HOH A O   1 
HETATM 1680 O O   . HOH C 3 .   ? 6.770   5.068   5.289   1.00 42.85 ? 412 HOH A O   1 
HETATM 1681 O O   . HOH C 3 .   ? 16.218  6.914   -6.952  1.00 36.58 ? 413 HOH A O   1 
HETATM 1682 O O   . HOH C 3 .   ? -2.519  -21.239 -3.434  1.00 50.92 ? 414 HOH A O   1 
HETATM 1683 O O   . HOH C 3 .   ? -0.032  -9.150  5.487   1.00 27.52 ? 415 HOH A O   1 
HETATM 1684 O O   . HOH C 3 .   ? -0.344  -1.658  3.366   1.00 16.16 ? 416 HOH A O   1 
HETATM 1685 O O   . HOH C 3 .   ? -11.155 -13.442 14.050  1.00 17.05 ? 417 HOH A O   1 
HETATM 1686 O O   . HOH C 3 .   ? -18.002 7.904   4.625   1.00 22.62 ? 418 HOH A O   1 
HETATM 1687 O O   . HOH C 3 .   ? -10.198 -15.006 17.090  1.00 17.80 ? 419 HOH A O   1 
HETATM 1688 O O   . HOH C 3 .   ? 21.929  -9.497  2.878   1.00 26.70 ? 420 HOH A O   1 
HETATM 1689 O O   . HOH C 3 .   ? -19.280 6.027   3.479   1.00 27.42 ? 421 HOH A O   1 
HETATM 1690 O O   . HOH C 3 .   ? -2.655  0.071   -9.194  1.00 29.15 ? 422 HOH A O   1 
HETATM 1691 O O   . HOH C 3 .   ? -10.158 -15.981 -4.822  1.00 32.34 ? 423 HOH A O   1 
HETATM 1692 O O   . HOH C 3 .   ? -5.263  -3.309  12.372  1.00 27.17 ? 424 HOH A O   1 
HETATM 1693 O O   . HOH C 3 .   ? -17.929 -11.101 15.031  1.00 24.08 ? 425 HOH A O   1 
HETATM 1694 O O   . HOH C 3 .   ? -18.207 -1.802  4.039   1.00 29.77 ? 426 HOH A O   1 
HETATM 1695 O O   . HOH C 3 .   ? 11.938  2.300   -13.587 1.00 30.29 ? 427 HOH A O   1 
HETATM 1696 O O   . HOH C 3 .   ? -19.982 5.606   0.832   1.00 29.42 ? 428 HOH A O   1 
HETATM 1697 O O   . HOH C 3 .   ? -12.536 -13.997 16.215  1.00 22.23 ? 429 HOH A O   1 
HETATM 1698 O O   . HOH C 3 .   ? -3.591  -6.715  10.427  1.00 26.23 ? 430 HOH A O   1 
HETATM 1699 O O   . HOH C 3 .   ? -9.522  -17.274 15.615  1.00 31.46 ? 431 HOH A O   1 
HETATM 1700 O O   . HOH C 3 .   ? -10.734 -15.884 13.387  1.00 24.21 ? 432 HOH A O   1 
HETATM 1701 O O   . HOH C 3 .   ? -9.276  -3.096  -5.329  1.00 25.42 ? 433 HOH A O   1 
HETATM 1702 O O   . HOH C 3 .   ? -15.870 3.285   12.011  1.00 35.27 ? 434 HOH A O   1 
HETATM 1703 O O   . HOH C 3 .   ? -16.476 15.238  5.028   1.00 38.65 ? 435 HOH A O   1 
HETATM 1704 O O   . HOH C 3 .   ? -12.346 21.892  -9.651  1.00 44.77 ? 436 HOH A O   1 
HETATM 1705 O O   . HOH C 3 .   ? 13.806  11.430  -1.647  1.00 44.51 ? 437 HOH A O   1 
HETATM 1706 O O   . HOH C 3 .   ? 13.989  13.503  0.160   1.00 41.77 ? 438 HOH A O   1 
HETATM 1707 O O   . HOH C 3 .   ? 17.276  6.807   7.166   1.00 53.88 ? 439 HOH A O   1 
HETATM 1708 O O   . HOH C 3 .   ? 1.260   -18.953 8.358   1.00 45.21 ? 440 HOH A O   1 
HETATM 1709 O O   . HOH C 3 .   ? -0.044  19.807  -27.495 1.00 40.95 ? 441 HOH A O   1 
HETATM 1710 O O   . HOH C 3 .   ? -13.428 11.096  -12.202 1.00 51.79 ? 442 HOH A O   1 
HETATM 1711 O O   . HOH C 3 .   ? -18.580 1.673   10.009  1.00 46.51 ? 443 HOH A O   1 
# 
loop_
_pdbx_poly_seq_scheme.asym_id 
_pdbx_poly_seq_scheme.entity_id 
_pdbx_poly_seq_scheme.seq_id 
_pdbx_poly_seq_scheme.mon_id 
_pdbx_poly_seq_scheme.ndb_seq_num 
_pdbx_poly_seq_scheme.pdb_seq_num 
_pdbx_poly_seq_scheme.auth_seq_num 
_pdbx_poly_seq_scheme.pdb_mon_id 
_pdbx_poly_seq_scheme.auth_mon_id 
_pdbx_poly_seq_scheme.pdb_strand_id 
_pdbx_poly_seq_scheme.pdb_ins_code 
_pdbx_poly_seq_scheme.hetero 
A 1 1   MET 1   -18 ?   ?   ?   A . n 
A 1 2   GLY 2   -17 ?   ?   ?   A . n 
A 1 3   SER 3   -16 ?   ?   ?   A . n 
A 1 4   SER 4   -15 ?   ?   ?   A . n 
A 1 5   HIS 5   -14 ?   ?   ?   A . n 
A 1 6   HIS 6   -13 ?   ?   ?   A . n 
A 1 7   HIS 7   -12 ?   ?   ?   A . n 
A 1 8   HIS 8   -11 ?   ?   ?   A . n 
A 1 9   HIS 9   -10 ?   ?   ?   A . n 
A 1 10  HIS 10  -9  ?   ?   ?   A . n 
A 1 11  SER 11  -8  ?   ?   ?   A . n 
A 1 12  SER 12  -7  ?   ?   ?   A . n 
A 1 13  GLY 13  -6  ?   ?   ?   A . n 
A 1 14  LEU 14  -5  ?   ?   ?   A . n 
A 1 15  VAL 15  -4  ?   ?   ?   A . n 
A 1 16  PRO 16  -3  ?   ?   ?   A . n 
A 1 17  ARG 17  -2  ?   ?   ?   A . n 
A 1 18  GLY 18  -1  ?   ?   ?   A . n 
A 1 19  SER 19  0   ?   ?   ?   A . n 
A 1 20  MET 20  1   1   MET MET A . n 
A 1 21  TYR 21  2   2   TYR TYR A . n 
A 1 22  LEU 22  3   3   LEU LEU A . n 
A 1 23  SER 23  4   4   SER SER A . n 
A 1 24  LYS 24  5   5   LYS LYS A . n 
A 1 25  VAL 25  6   6   VAL VAL A . n 
A 1 26  ILE 26  7   7   ILE ILE A . n 
A 1 27  ILE 27  8   8   ILE ILE A . n 
A 1 28  ALA 28  9   9   ALA ALA A . n 
A 1 29  ARG 29  10  10  ARG ARG A . n 
A 1 30  ALA 30  11  11  ALA ALA A . n 
A 1 31  TRP 31  12  12  TRP TRP A . n 
A 1 32  SER 32  13  13  SER SER A . n 
A 1 33  ARG 33  14  14  ARG ARG A . n 
A 1 34  ASP 34  15  15  ASP ASP A . n 
A 1 35  LEU 35  16  16  LEU LEU A . n 
A 1 36  TYR 36  17  17  TYR TYR A . n 
A 1 37  GLN 37  18  18  GLN GLN A . n 
A 1 38  LEU 38  19  19  LEU LEU A . n 
A 1 39  HIS 39  20  20  HIS HIS A . n 
A 1 40  GLN 40  21  21  GLN GLN A . n 
A 1 41  GLY 41  22  22  GLY GLY A . n 
A 1 42  LEU 42  23  23  LEU LEU A . n 
A 1 43  TRP 43  24  24  TRP TRP A . n 
A 1 44  HIS 44  25  25  HIS HIS A . n 
A 1 45  LEU 45  26  26  LEU LEU A . n 
A 1 46  PHE 46  27  27  PHE PHE A . n 
A 1 47  PRO 47  28  28  PRO PRO A . n 
A 1 48  ASN 48  29  29  ASN ASN A . n 
A 1 49  ARG 49  30  ?   ?   ?   A . n 
A 1 50  PRO 50  31  ?   ?   ?   A . n 
A 1 51  ASP 51  32  ?   ?   ?   A . n 
A 1 52  ALA 52  33  ?   ?   ?   A . n 
A 1 53  ALA 53  34  ?   ?   ?   A . n 
A 1 54  ARG 54  35  ?   ?   ?   A . n 
A 1 55  ASP 55  36  36  ASP ASP A . n 
A 1 56  PHE 56  37  37  PHE PHE A . n 
A 1 57  LEU 57  38  38  LEU LEU A . n 
A 1 58  PHE 58  39  39  PHE PHE A . n 
A 1 59  HIS 59  40  40  HIS HIS A . n 
A 1 60  VAL 60  41  41  VAL VAL A . n 
A 1 61  GLU 61  42  42  GLU GLU A . n 
A 1 62  LYS 62  43  43  LYS LYS A . n 
A 1 63  ARG 63  44  44  ARG ARG A . n 
A 1 64  ASN 64  45  45  ASN ASN A . n 
A 1 65  THR 65  46  46  THR THR A . n 
A 1 66  PRO 66  47  47  PRO PRO A . n 
A 1 67  GLU 67  48  48  GLU GLU A . n 
A 1 68  GLY 68  49  49  GLY GLY A . n 
A 1 69  CYS 69  50  50  CYS CYS A . n 
A 1 70  HIS 70  51  51  HIS HIS A . n 
A 1 71  VAL 71  52  52  VAL VAL A . n 
A 1 72  LEU 72  53  53  LEU LEU A . n 
A 1 73  LEU 73  54  54  LEU LEU A . n 
A 1 74  GLN 74  55  55  GLN GLN A . n 
A 1 75  SER 75  56  56  SER SER A . n 
A 1 76  ALA 76  57  57  ALA ALA A . n 
A 1 77  GLN 77  58  58  GLN GLN A . n 
A 1 78  MET 78  59  59  MET MET A . n 
A 1 79  PRO 79  60  60  PRO PRO A . n 
A 1 80  VAL 80  61  61  VAL VAL A . n 
A 1 81  SER 81  62  62  SER SER A . n 
A 1 82  THR 82  63  63  THR THR A . n 
A 1 83  ALA 83  64  64  ALA ALA A . n 
A 1 84  VAL 84  65  65  VAL VAL A . n 
A 1 85  ALA 85  66  66  ALA ALA A . n 
A 1 86  THR 86  67  67  THR THR A . n 
A 1 87  VAL 87  68  68  VAL VAL A . n 
A 1 88  ILE 88  69  69  ILE ILE A . n 
A 1 89  LYS 89  70  70  LYS LYS A . n 
A 1 90  THR 90  71  71  THR THR A . n 
A 1 91  LYS 91  72  72  LYS LYS A . n 
A 1 92  GLN 92  73  73  GLN GLN A . n 
A 1 93  VAL 93  74  74  VAL VAL A . n 
A 1 94  GLU 94  75  75  GLU GLU A . n 
A 1 95  PHE 95  76  76  PHE PHE A . n 
A 1 96  GLN 96  77  77  GLN GLN A . n 
A 1 97  LEU 97  78  78  LEU LEU A . n 
A 1 98  GLN 98  79  79  GLN GLN A . n 
A 1 99  VAL 99  80  80  VAL VAL A . n 
A 1 100 GLY 100 81  81  GLY GLY A . n 
A 1 101 VAL 101 82  82  VAL VAL A . n 
A 1 102 PRO 102 83  83  PRO PRO A . n 
A 1 103 LEU 103 84  84  LEU LEU A . n 
A 1 104 TYR 104 85  85  TYR TYR A . n 
A 1 105 PHE 105 86  86  PHE PHE A . n 
A 1 106 ARG 106 87  87  ARG ARG A . n 
A 1 107 LEU 107 88  88  LEU LEU A . n 
A 1 108 ARG 108 89  89  ARG ARG A . n 
A 1 109 ALA 109 90  90  ALA ALA A . n 
A 1 110 ASN 110 91  91  ASN ASN A . n 
A 1 111 PRO 111 92  92  PRO PRO A . n 
A 1 112 ILE 112 93  93  ILE ILE A . n 
A 1 113 LYS 113 94  94  LYS LYS A . n 
A 1 114 THR 114 95  95  THR THR A . n 
A 1 115 ILE 115 96  96  ILE ILE A . n 
A 1 116 LEU 116 97  97  LEU LEU A . n 
A 1 117 ASP 117 98  98  ASP ASP A . n 
A 1 118 ASN 118 99  99  ASN ASN A . n 
A 1 119 GLN 119 100 100 GLN GLN A . n 
A 1 120 LYS 120 101 101 LYS LYS A . n 
A 1 121 ARG 121 102 102 ARG ARG A . n 
A 1 122 LEU 122 103 103 LEU LEU A . n 
A 1 123 ASP 123 104 104 ASP ASP A . n 
A 1 124 SER 124 105 105 SER SER A . n 
A 1 125 LYS 125 106 106 LYS LYS A . n 
A 1 126 GLY 126 107 107 GLY GLY A . n 
A 1 127 ASN 127 108 108 ASN ASN A . n 
A 1 128 ILE 128 109 109 ILE ILE A . n 
A 1 129 LYS 129 110 110 LYS LYS A . n 
A 1 130 ARG 130 111 111 ARG ARG A . n 
A 1 131 CYS 131 112 112 CYS CYS A . n 
A 1 132 ARG 132 113 113 ARG ARG A . n 
A 1 133 VAL 133 114 114 VAL VAL A . n 
A 1 134 PRO 134 115 115 PRO PRO A . n 
A 1 135 LEU 135 116 116 LEU LEU A . n 
A 1 136 ILE 136 117 117 ILE ILE A . n 
A 1 137 LYS 137 118 118 LYS LYS A . n 
A 1 138 GLU 138 119 119 GLU GLU A . n 
A 1 139 ALA 139 120 120 ALA ALA A . n 
A 1 140 GLU 140 121 121 GLU GLU A . n 
A 1 141 GLN 141 122 122 GLN GLN A . n 
A 1 142 ILE 142 123 123 ILE ILE A . n 
A 1 143 ALA 143 124 124 ALA ALA A . n 
A 1 144 TRP 144 125 125 TRP TRP A . n 
A 1 145 LEU 145 126 126 LEU LEU A . n 
A 1 146 GLN 146 127 127 GLN GLN A . n 
A 1 147 ARG 147 128 128 ARG ARG A . n 
A 1 148 LYS 148 129 129 LYS LYS A . n 
A 1 149 LEU 149 130 130 LEU LEU A . n 
A 1 150 GLY 150 131 131 GLY GLY A . n 
A 1 151 ASN 151 132 132 ASN ASN A . n 
A 1 152 ALA 152 133 133 ALA ALA A . n 
A 1 153 ALA 153 134 134 ALA ALA A . n 
A 1 154 ARG 154 135 135 ARG ARG A . n 
A 1 155 VAL 155 136 136 VAL VAL A . n 
A 1 156 GLU 156 137 137 GLU GLU A . n 
A 1 157 ASP 157 138 138 ASP ASP A . n 
A 1 158 VAL 158 139 139 VAL VAL A . n 
A 1 159 HIS 159 140 140 HIS HIS A . n 
A 1 160 PRO 160 141 141 PRO PRO A . n 
A 1 161 ILE 161 142 142 ILE ILE A . n 
A 1 162 SER 162 143 143 SER SER A . n 
A 1 163 GLU 163 144 144 GLU GLU A . n 
A 1 164 ARG 164 145 145 ARG ARG A . n 
A 1 165 PRO 165 146 146 PRO PRO A . n 
A 1 166 GLN 166 147 147 GLN GLN A . n 
A 1 167 TYR 167 148 148 TYR TYR A . n 
A 1 168 PHE 168 149 149 PHE PHE A . n 
A 1 169 SER 169 150 150 SER SER A . n 
A 1 170 GLY 170 151 151 GLY GLY A . n 
A 1 171 ASP 171 152 152 ASP ASP A . n 
A 1 172 GLY 172 153 153 GLY GLY A . n 
A 1 173 LYS 173 154 154 LYS LYS A . n 
A 1 174 SER 174 155 155 SER SER A . n 
A 1 175 GLY 175 156 156 GLY GLY A . n 
A 1 176 LYS 176 157 157 LYS LYS A . n 
A 1 177 ILE 177 158 158 ILE ILE A . n 
A 1 178 GLN 178 159 159 GLN GLN A . n 
A 1 179 THR 179 160 160 THR THR A . n 
A 1 180 VAL 180 161 161 VAL VAL A . n 
A 1 181 CYS 181 162 162 CYS CYS A . n 
A 1 182 PHE 182 163 163 PHE PHE A . n 
A 1 183 GLU 183 164 164 GLU GLU A . n 
A 1 184 GLY 184 165 165 GLY GLY A . n 
A 1 185 VAL 185 166 166 VAL VAL A . n 
A 1 186 LEU 186 167 167 LEU LEU A . n 
A 1 187 THR 187 168 168 THR THR A . n 
A 1 188 ILE 188 169 169 ILE ILE A . n 
A 1 189 ASN 189 170 170 ASN ASN A . n 
A 1 190 ASP 190 171 171 ASP ASP A . n 
A 1 191 ALA 191 172 172 ALA ALA A . n 
A 1 192 PRO 192 173 173 PRO PRO A . n 
A 1 193 ALA 193 174 174 ALA ALA A . n 
A 1 194 LEU 194 175 175 LEU LEU A . n 
A 1 195 ILE 195 176 176 ILE ILE A . n 
A 1 196 ASP 196 177 177 ASP ASP A . n 
A 1 197 LEU 197 178 178 LEU LEU A . n 
A 1 198 VAL 198 179 179 VAL VAL A . n 
A 1 199 GLN 199 180 180 GLN GLN A . n 
A 1 200 GLN 200 181 181 GLN GLN A . n 
A 1 201 GLY 201 182 182 GLY GLY A . n 
A 1 202 ILE 202 183 183 ILE ILE A . n 
A 1 203 GLY 203 184 184 GLY GLY A . n 
A 1 204 PRO 204 185 185 PRO PRO A . n 
A 1 205 ALA 205 186 186 ALA ALA A . n 
A 1 206 LYS 206 187 187 LYS LYS A . n 
A 1 207 SER 207 188 188 SER SER A . n 
A 1 208 MET 208 189 189 MET MET A . n 
A 1 209 GLY 209 190 190 GLY GLY A . n 
A 1 210 CYS 210 191 191 CYS CYS A . n 
A 1 211 GLY 211 192 192 GLY GLY A . n 
A 1 212 LEU 212 193 193 LEU LEU A . n 
A 1 213 LEU 213 194 194 LEU LEU A . n 
A 1 214 SER 214 195 195 SER SER A . n 
A 1 215 LEU 215 196 196 LEU LEU A . n 
A 1 216 ALA 216 197 197 ALA ALA A . n 
A 1 217 PRO 217 198 198 PRO PRO A . n 
A 1 218 LEU 218 199 199 LEU LEU A . n 
# 
loop_
_pdbx_nonpoly_scheme.asym_id 
_pdbx_nonpoly_scheme.entity_id 
_pdbx_nonpoly_scheme.mon_id 
_pdbx_nonpoly_scheme.ndb_seq_num 
_pdbx_nonpoly_scheme.pdb_seq_num 
_pdbx_nonpoly_scheme.auth_seq_num 
_pdbx_nonpoly_scheme.pdb_mon_id 
_pdbx_nonpoly_scheme.auth_mon_id 
_pdbx_nonpoly_scheme.pdb_strand_id 
_pdbx_nonpoly_scheme.pdb_ins_code 
B 2 GOL 1   201 1   GOL GOL A . 
C 3 HOH 1   301 1   HOH HOH A . 
C 3 HOH 2   302 2   HOH HOH A . 
C 3 HOH 3   303 3   HOH HOH A . 
C 3 HOH 4   304 4   HOH HOH A . 
C 3 HOH 5   305 5   HOH HOH A . 
C 3 HOH 6   306 6   HOH HOH A . 
C 3 HOH 7   307 7   HOH HOH A . 
C 3 HOH 8   308 8   HOH HOH A . 
C 3 HOH 9   309 9   HOH HOH A . 
C 3 HOH 10  310 10  HOH HOH A . 
C 3 HOH 11  311 11  HOH HOH A . 
C 3 HOH 12  312 12  HOH HOH A . 
C 3 HOH 13  313 13  HOH HOH A . 
C 3 HOH 14  314 14  HOH HOH A . 
C 3 HOH 15  315 15  HOH HOH A . 
C 3 HOH 16  316 16  HOH HOH A . 
C 3 HOH 17  317 17  HOH HOH A . 
C 3 HOH 18  318 18  HOH HOH A . 
C 3 HOH 19  319 19  HOH HOH A . 
C 3 HOH 20  320 20  HOH HOH A . 
C 3 HOH 21  321 21  HOH HOH A . 
C 3 HOH 22  322 22  HOH HOH A . 
C 3 HOH 23  323 23  HOH HOH A . 
C 3 HOH 24  324 24  HOH HOH A . 
C 3 HOH 25  325 25  HOH HOH A . 
C 3 HOH 26  326 26  HOH HOH A . 
C 3 HOH 27  327 27  HOH HOH A . 
C 3 HOH 28  328 28  HOH HOH A . 
C 3 HOH 29  329 29  HOH HOH A . 
C 3 HOH 30  330 30  HOH HOH A . 
C 3 HOH 31  331 31  HOH HOH A . 
C 3 HOH 32  332 32  HOH HOH A . 
C 3 HOH 33  333 33  HOH HOH A . 
C 3 HOH 34  334 34  HOH HOH A . 
C 3 HOH 35  335 35  HOH HOH A . 
C 3 HOH 36  336 36  HOH HOH A . 
C 3 HOH 37  337 37  HOH HOH A . 
C 3 HOH 38  338 38  HOH HOH A . 
C 3 HOH 39  339 39  HOH HOH A . 
C 3 HOH 40  340 40  HOH HOH A . 
C 3 HOH 41  341 41  HOH HOH A . 
C 3 HOH 42  342 42  HOH HOH A . 
C 3 HOH 43  343 43  HOH HOH A . 
C 3 HOH 44  344 44  HOH HOH A . 
C 3 HOH 45  345 45  HOH HOH A . 
C 3 HOH 46  346 46  HOH HOH A . 
C 3 HOH 47  347 47  HOH HOH A . 
C 3 HOH 48  348 48  HOH HOH A . 
C 3 HOH 49  349 49  HOH HOH A . 
C 3 HOH 50  350 50  HOH HOH A . 
C 3 HOH 51  351 51  HOH HOH A . 
C 3 HOH 52  352 52  HOH HOH A . 
C 3 HOH 53  353 53  HOH HOH A . 
C 3 HOH 54  354 54  HOH HOH A . 
C 3 HOH 55  355 55  HOH HOH A . 
C 3 HOH 56  356 56  HOH HOH A . 
C 3 HOH 57  357 57  HOH HOH A . 
C 3 HOH 58  358 58  HOH HOH A . 
C 3 HOH 59  359 59  HOH HOH A . 
C 3 HOH 60  360 60  HOH HOH A . 
C 3 HOH 61  361 61  HOH HOH A . 
C 3 HOH 62  362 62  HOH HOH A . 
C 3 HOH 63  363 63  HOH HOH A . 
C 3 HOH 64  364 64  HOH HOH A . 
C 3 HOH 65  365 65  HOH HOH A . 
C 3 HOH 66  366 66  HOH HOH A . 
C 3 HOH 67  367 67  HOH HOH A . 
C 3 HOH 68  368 68  HOH HOH A . 
C 3 HOH 69  369 69  HOH HOH A . 
C 3 HOH 70  370 70  HOH HOH A . 
C 3 HOH 71  371 71  HOH HOH A . 
C 3 HOH 72  372 72  HOH HOH A . 
C 3 HOH 73  373 73  HOH HOH A . 
C 3 HOH 74  374 74  HOH HOH A . 
C 3 HOH 75  375 75  HOH HOH A . 
C 3 HOH 76  376 76  HOH HOH A . 
C 3 HOH 77  377 77  HOH HOH A . 
C 3 HOH 78  378 78  HOH HOH A . 
C 3 HOH 79  379 79  HOH HOH A . 
C 3 HOH 80  380 80  HOH HOH A . 
C 3 HOH 81  381 81  HOH HOH A . 
C 3 HOH 82  382 82  HOH HOH A . 
C 3 HOH 83  383 83  HOH HOH A . 
C 3 HOH 84  384 84  HOH HOH A . 
C 3 HOH 85  385 85  HOH HOH A . 
C 3 HOH 86  386 86  HOH HOH A . 
C 3 HOH 87  387 87  HOH HOH A . 
C 3 HOH 88  388 88  HOH HOH A . 
C 3 HOH 89  389 89  HOH HOH A . 
C 3 HOH 90  390 90  HOH HOH A . 
C 3 HOH 91  391 91  HOH HOH A . 
C 3 HOH 92  392 92  HOH HOH A . 
C 3 HOH 93  393 93  HOH HOH A . 
C 3 HOH 94  394 94  HOH HOH A . 
C 3 HOH 95  395 95  HOH HOH A . 
C 3 HOH 96  396 96  HOH HOH A . 
C 3 HOH 97  397 97  HOH HOH A . 
C 3 HOH 98  398 98  HOH HOH A . 
C 3 HOH 99  399 99  HOH HOH A . 
C 3 HOH 100 400 100 HOH HOH A . 
C 3 HOH 101 401 101 HOH HOH A . 
C 3 HOH 102 402 102 HOH HOH A . 
C 3 HOH 103 403 103 HOH HOH A . 
C 3 HOH 104 404 104 HOH HOH A . 
C 3 HOH 105 405 105 HOH HOH A . 
C 3 HOH 106 406 106 HOH HOH A . 
C 3 HOH 107 407 107 HOH HOH A . 
C 3 HOH 108 408 108 HOH HOH A . 
C 3 HOH 109 409 109 HOH HOH A . 
C 3 HOH 110 410 110 HOH HOH A . 
C 3 HOH 111 411 111 HOH HOH A . 
C 3 HOH 112 412 112 HOH HOH A . 
C 3 HOH 113 413 113 HOH HOH A . 
C 3 HOH 114 414 114 HOH HOH A . 
C 3 HOH 115 415 115 HOH HOH A . 
C 3 HOH 116 416 116 HOH HOH A . 
C 3 HOH 117 417 117 HOH HOH A . 
C 3 HOH 118 418 118 HOH HOH A . 
C 3 HOH 119 419 119 HOH HOH A . 
C 3 HOH 120 420 120 HOH HOH A . 
C 3 HOH 121 421 121 HOH HOH A . 
C 3 HOH 122 422 122 HOH HOH A . 
C 3 HOH 123 423 123 HOH HOH A . 
C 3 HOH 124 424 124 HOH HOH A . 
C 3 HOH 125 425 125 HOH HOH A . 
C 3 HOH 126 426 126 HOH HOH A . 
C 3 HOH 127 427 127 HOH HOH A . 
C 3 HOH 128 428 128 HOH HOH A . 
C 3 HOH 129 429 129 HOH HOH A . 
C 3 HOH 130 430 130 HOH HOH A . 
C 3 HOH 131 431 131 HOH HOH A . 
C 3 HOH 132 432 132 HOH HOH A . 
C 3 HOH 133 433 133 HOH HOH A . 
C 3 HOH 134 434 134 HOH HOH A . 
C 3 HOH 135 435 135 HOH HOH A . 
C 3 HOH 136 436 136 HOH HOH A . 
C 3 HOH 137 437 137 HOH HOH A . 
C 3 HOH 138 438 138 HOH HOH A . 
C 3 HOH 139 439 139 HOH HOH A . 
C 3 HOH 140 440 140 HOH HOH A . 
C 3 HOH 141 441 141 HOH HOH A . 
C 3 HOH 142 442 142 HOH HOH A . 
C 3 HOH 143 443 143 HOH HOH A . 
# 
_pdbx_struct_assembly.id                   1 
_pdbx_struct_assembly.details              author_and_software_defined_assembly 
_pdbx_struct_assembly.method_details       PISA 
_pdbx_struct_assembly.oligomeric_details   monomeric 
_pdbx_struct_assembly.oligomeric_count     1 
# 
_pdbx_struct_assembly_gen.assembly_id       1 
_pdbx_struct_assembly_gen.oper_expression   1 
_pdbx_struct_assembly_gen.asym_id_list      A,B,C 
# 
_pdbx_struct_oper_list.id                   1 
_pdbx_struct_oper_list.type                 'identity operation' 
_pdbx_struct_oper_list.name                 1_555 
_pdbx_struct_oper_list.symmetry_operation   x,y,z 
_pdbx_struct_oper_list.matrix[1][1]         1.0000000000 
_pdbx_struct_oper_list.matrix[1][2]         0.0000000000 
_pdbx_struct_oper_list.matrix[1][3]         0.0000000000 
_pdbx_struct_oper_list.vector[1]            0.0000000000 
_pdbx_struct_oper_list.matrix[2][1]         0.0000000000 
_pdbx_struct_oper_list.matrix[2][2]         1.0000000000 
_pdbx_struct_oper_list.matrix[2][3]         0.0000000000 
_pdbx_struct_oper_list.vector[2]            0.0000000000 
_pdbx_struct_oper_list.matrix[3][1]         0.0000000000 
_pdbx_struct_oper_list.matrix[3][2]         0.0000000000 
_pdbx_struct_oper_list.matrix[3][3]         1.0000000000 
_pdbx_struct_oper_list.vector[3]            0.0000000000 
# 
loop_
_pdbx_audit_revision_history.ordinal 
_pdbx_audit_revision_history.data_content_type 
_pdbx_audit_revision_history.major_revision 
_pdbx_audit_revision_history.minor_revision 
_pdbx_audit_revision_history.revision_date 
1 'Structure model' 1 0 2013-03-06 
2 'Structure model' 1 1 2023-11-08 
# 
_pdbx_audit_revision_details.ordinal             1 
_pdbx_audit_revision_details.revision_ordinal    1 
_pdbx_audit_revision_details.data_content_type   'Structure model' 
_pdbx_audit_revision_details.provider            repository 
_pdbx_audit_revision_details.type                'Initial release' 
_pdbx_audit_revision_details.description         ? 
_pdbx_audit_revision_details.details             ? 
# 
loop_
_pdbx_audit_revision_group.ordinal 
_pdbx_audit_revision_group.revision_ordinal 
_pdbx_audit_revision_group.data_content_type 
_pdbx_audit_revision_group.group 
1 2 'Structure model' 'Data collection'        
2 2 'Structure model' 'Database references'    
3 2 'Structure model' 'Derived calculations'   
4 2 'Structure model' 'Refinement description' 
# 
loop_
_pdbx_audit_revision_category.ordinal 
_pdbx_audit_revision_category.revision_ordinal 
_pdbx_audit_revision_category.data_content_type 
_pdbx_audit_revision_category.category 
1 2 'Structure model' chem_comp_atom                
2 2 'Structure model' chem_comp_bond                
3 2 'Structure model' database_2                    
4 2 'Structure model' pdbx_initial_refinement_model 
5 2 'Structure model' struct_ref_seq_dif            
6 2 'Structure model' struct_site                   
# 
loop_
_pdbx_audit_revision_item.ordinal 
_pdbx_audit_revision_item.revision_ordinal 
_pdbx_audit_revision_item.data_content_type 
_pdbx_audit_revision_item.item 
1 2 'Structure model' '_database_2.pdbx_DOI'                
2 2 'Structure model' '_database_2.pdbx_database_accession' 
3 2 'Structure model' '_struct_ref_seq_dif.details'         
4 2 'Structure model' '_struct_site.pdbx_auth_asym_id'      
5 2 'Structure model' '_struct_site.pdbx_auth_comp_id'      
6 2 'Structure model' '_struct_site.pdbx_auth_seq_id'       
# 
loop_
_software.name 
_software.classification 
_software.version 
_software.citation_id 
_software.pdbx_ordinal 
ADSC     'data collection' Quantum                      ? 1 
CNS      refinement        .                            ? 2 
PHENIX   refinement        '(phenix.refine: 1.7.1_743)' ? 3 
HKL-2000 'data reduction'  .                            ? 4 
HKL-2000 'data scaling'    .                            ? 5 
CNS      phasing           .                            ? 6 
# 
loop_
_pdbx_unobs_or_zero_occ_residues.id 
_pdbx_unobs_or_zero_occ_residues.PDB_model_num 
_pdbx_unobs_or_zero_occ_residues.polymer_flag 
_pdbx_unobs_or_zero_occ_residues.occupancy_flag 
_pdbx_unobs_or_zero_occ_residues.auth_asym_id 
_pdbx_unobs_or_zero_occ_residues.auth_comp_id 
_pdbx_unobs_or_zero_occ_residues.auth_seq_id 
_pdbx_unobs_or_zero_occ_residues.PDB_ins_code 
_pdbx_unobs_or_zero_occ_residues.label_asym_id 
_pdbx_unobs_or_zero_occ_residues.label_comp_id 
_pdbx_unobs_or_zero_occ_residues.label_seq_id 
1  1 Y 1 A MET -18 ? A MET 1  
2  1 Y 1 A GLY -17 ? A GLY 2  
3  1 Y 1 A SER -16 ? A SER 3  
4  1 Y 1 A SER -15 ? A SER 4  
5  1 Y 1 A HIS -14 ? A HIS 5  
6  1 Y 1 A HIS -13 ? A HIS 6  
7  1 Y 1 A HIS -12 ? A HIS 7  
8  1 Y 1 A HIS -11 ? A HIS 8  
9  1 Y 1 A HIS -10 ? A HIS 9  
10 1 Y 1 A HIS -9  ? A HIS 10 
11 1 Y 1 A SER -8  ? A SER 11 
12 1 Y 1 A SER -7  ? A SER 12 
13 1 Y 1 A GLY -6  ? A GLY 13 
14 1 Y 1 A LEU -5  ? A LEU 14 
15 1 Y 1 A VAL -4  ? A VAL 15 
16 1 Y 1 A PRO -3  ? A PRO 16 
17 1 Y 1 A ARG -2  ? A ARG 17 
18 1 Y 1 A GLY -1  ? A GLY 18 
19 1 Y 1 A SER 0   ? A SER 19 
20 1 Y 1 A ARG 30  ? A ARG 49 
21 1 Y 1 A PRO 31  ? A PRO 50 
22 1 Y 1 A ASP 32  ? A ASP 51 
23 1 Y 1 A ALA 33  ? A ALA 52 
24 1 Y 1 A ALA 34  ? A ALA 53 
25 1 Y 1 A ARG 35  ? A ARG 54 
# 
loop_
_chem_comp_atom.comp_id 
_chem_comp_atom.atom_id 
_chem_comp_atom.type_symbol 
_chem_comp_atom.pdbx_aromatic_flag 
_chem_comp_atom.pdbx_stereo_config 
_chem_comp_atom.pdbx_ordinal 
ALA N    N N N 1   
ALA CA   C N S 2   
ALA C    C N N 3   
ALA O    O N N 4   
ALA CB   C N N 5   
ALA OXT  O N N 6   
ALA H    H N N 7   
ALA H2   H N N 8   
ALA HA   H N N 9   
ALA HB1  H N N 10  
ALA HB2  H N N 11  
ALA HB3  H N N 12  
ALA HXT  H N N 13  
ARG N    N N N 14  
ARG CA   C N S 15  
ARG C    C N N 16  
ARG O    O N N 17  
ARG CB   C N N 18  
ARG CG   C N N 19  
ARG CD   C N N 20  
ARG NE   N N N 21  
ARG CZ   C N N 22  
ARG NH1  N N N 23  
ARG NH2  N N N 24  
ARG OXT  O N N 25  
ARG H    H N N 26  
ARG H2   H N N 27  
ARG HA   H N N 28  
ARG HB2  H N N 29  
ARG HB3  H N N 30  
ARG HG2  H N N 31  
ARG HG3  H N N 32  
ARG HD2  H N N 33  
ARG HD3  H N N 34  
ARG HE   H N N 35  
ARG HH11 H N N 36  
ARG HH12 H N N 37  
ARG HH21 H N N 38  
ARG HH22 H N N 39  
ARG HXT  H N N 40  
ASN N    N N N 41  
ASN CA   C N S 42  
ASN C    C N N 43  
ASN O    O N N 44  
ASN CB   C N N 45  
ASN CG   C N N 46  
ASN OD1  O N N 47  
ASN ND2  N N N 48  
ASN OXT  O N N 49  
ASN H    H N N 50  
ASN H2   H N N 51  
ASN HA   H N N 52  
ASN HB2  H N N 53  
ASN HB3  H N N 54  
ASN HD21 H N N 55  
ASN HD22 H N N 56  
ASN HXT  H N N 57  
ASP N    N N N 58  
ASP CA   C N S 59  
ASP C    C N N 60  
ASP O    O N N 61  
ASP CB   C N N 62  
ASP CG   C N N 63  
ASP OD1  O N N 64  
ASP OD2  O N N 65  
ASP OXT  O N N 66  
ASP H    H N N 67  
ASP H2   H N N 68  
ASP HA   H N N 69  
ASP HB2  H N N 70  
ASP HB3  H N N 71  
ASP HD2  H N N 72  
ASP HXT  H N N 73  
CYS N    N N N 74  
CYS CA   C N R 75  
CYS C    C N N 76  
CYS O    O N N 77  
CYS CB   C N N 78  
CYS SG   S N N 79  
CYS OXT  O N N 80  
CYS H    H N N 81  
CYS H2   H N N 82  
CYS HA   H N N 83  
CYS HB2  H N N 84  
CYS HB3  H N N 85  
CYS HG   H N N 86  
CYS HXT  H N N 87  
GLN N    N N N 88  
GLN CA   C N S 89  
GLN C    C N N 90  
GLN O    O N N 91  
GLN CB   C N N 92  
GLN CG   C N N 93  
GLN CD   C N N 94  
GLN OE1  O N N 95  
GLN NE2  N N N 96  
GLN OXT  O N N 97  
GLN H    H N N 98  
GLN H2   H N N 99  
GLN HA   H N N 100 
GLN HB2  H N N 101 
GLN HB3  H N N 102 
GLN HG2  H N N 103 
GLN HG3  H N N 104 
GLN HE21 H N N 105 
GLN HE22 H N N 106 
GLN HXT  H N N 107 
GLU N    N N N 108 
GLU CA   C N S 109 
GLU C    C N N 110 
GLU O    O N N 111 
GLU CB   C N N 112 
GLU CG   C N N 113 
GLU CD   C N N 114 
GLU OE1  O N N 115 
GLU OE2  O N N 116 
GLU OXT  O N N 117 
GLU H    H N N 118 
GLU H2   H N N 119 
GLU HA   H N N 120 
GLU HB2  H N N 121 
GLU HB3  H N N 122 
GLU HG2  H N N 123 
GLU HG3  H N N 124 
GLU HE2  H N N 125 
GLU HXT  H N N 126 
GLY N    N N N 127 
GLY CA   C N N 128 
GLY C    C N N 129 
GLY O    O N N 130 
GLY OXT  O N N 131 
GLY H    H N N 132 
GLY H2   H N N 133 
GLY HA2  H N N 134 
GLY HA3  H N N 135 
GLY HXT  H N N 136 
GOL C1   C N N 137 
GOL O1   O N N 138 
GOL C2   C N N 139 
GOL O2   O N N 140 
GOL C3   C N N 141 
GOL O3   O N N 142 
GOL H11  H N N 143 
GOL H12  H N N 144 
GOL HO1  H N N 145 
GOL H2   H N N 146 
GOL HO2  H N N 147 
GOL H31  H N N 148 
GOL H32  H N N 149 
GOL HO3  H N N 150 
HIS N    N N N 151 
HIS CA   C N S 152 
HIS C    C N N 153 
HIS O    O N N 154 
HIS CB   C N N 155 
HIS CG   C Y N 156 
HIS ND1  N Y N 157 
HIS CD2  C Y N 158 
HIS CE1  C Y N 159 
HIS NE2  N Y N 160 
HIS OXT  O N N 161 
HIS H    H N N 162 
HIS H2   H N N 163 
HIS HA   H N N 164 
HIS HB2  H N N 165 
HIS HB3  H N N 166 
HIS HD1  H N N 167 
HIS HD2  H N N 168 
HIS HE1  H N N 169 
HIS HE2  H N N 170 
HIS HXT  H N N 171 
HOH O    O N N 172 
HOH H1   H N N 173 
HOH H2   H N N 174 
ILE N    N N N 175 
ILE CA   C N S 176 
ILE C    C N N 177 
ILE O    O N N 178 
ILE CB   C N S 179 
ILE CG1  C N N 180 
ILE CG2  C N N 181 
ILE CD1  C N N 182 
ILE OXT  O N N 183 
ILE H    H N N 184 
ILE H2   H N N 185 
ILE HA   H N N 186 
ILE HB   H N N 187 
ILE HG12 H N N 188 
ILE HG13 H N N 189 
ILE HG21 H N N 190 
ILE HG22 H N N 191 
ILE HG23 H N N 192 
ILE HD11 H N N 193 
ILE HD12 H N N 194 
ILE HD13 H N N 195 
ILE HXT  H N N 196 
LEU N    N N N 197 
LEU CA   C N S 198 
LEU C    C N N 199 
LEU O    O N N 200 
LEU CB   C N N 201 
LEU CG   C N N 202 
LEU CD1  C N N 203 
LEU CD2  C N N 204 
LEU OXT  O N N 205 
LEU H    H N N 206 
LEU H2   H N N 207 
LEU HA   H N N 208 
LEU HB2  H N N 209 
LEU HB3  H N N 210 
LEU HG   H N N 211 
LEU HD11 H N N 212 
LEU HD12 H N N 213 
LEU HD13 H N N 214 
LEU HD21 H N N 215 
LEU HD22 H N N 216 
LEU HD23 H N N 217 
LEU HXT  H N N 218 
LYS N    N N N 219 
LYS CA   C N S 220 
LYS C    C N N 221 
LYS O    O N N 222 
LYS CB   C N N 223 
LYS CG   C N N 224 
LYS CD   C N N 225 
LYS CE   C N N 226 
LYS NZ   N N N 227 
LYS OXT  O N N 228 
LYS H    H N N 229 
LYS H2   H N N 230 
LYS HA   H N N 231 
LYS HB2  H N N 232 
LYS HB3  H N N 233 
LYS HG2  H N N 234 
LYS HG3  H N N 235 
LYS HD2  H N N 236 
LYS HD3  H N N 237 
LYS HE2  H N N 238 
LYS HE3  H N N 239 
LYS HZ1  H N N 240 
LYS HZ2  H N N 241 
LYS HZ3  H N N 242 
LYS HXT  H N N 243 
MET N    N N N 244 
MET CA   C N S 245 
MET C    C N N 246 
MET O    O N N 247 
MET CB   C N N 248 
MET CG   C N N 249 
MET SD   S N N 250 
MET CE   C N N 251 
MET OXT  O N N 252 
MET H    H N N 253 
MET H2   H N N 254 
MET HA   H N N 255 
MET HB2  H N N 256 
MET HB3  H N N 257 
MET HG2  H N N 258 
MET HG3  H N N 259 
MET HE1  H N N 260 
MET HE2  H N N 261 
MET HE3  H N N 262 
MET HXT  H N N 263 
PHE N    N N N 264 
PHE CA   C N S 265 
PHE C    C N N 266 
PHE O    O N N 267 
PHE CB   C N N 268 
PHE CG   C Y N 269 
PHE CD1  C Y N 270 
PHE CD2  C Y N 271 
PHE CE1  C Y N 272 
PHE CE2  C Y N 273 
PHE CZ   C Y N 274 
PHE OXT  O N N 275 
PHE H    H N N 276 
PHE H2   H N N 277 
PHE HA   H N N 278 
PHE HB2  H N N 279 
PHE HB3  H N N 280 
PHE HD1  H N N 281 
PHE HD2  H N N 282 
PHE HE1  H N N 283 
PHE HE2  H N N 284 
PHE HZ   H N N 285 
PHE HXT  H N N 286 
PRO N    N N N 287 
PRO CA   C N S 288 
PRO C    C N N 289 
PRO O    O N N 290 
PRO CB   C N N 291 
PRO CG   C N N 292 
PRO CD   C N N 293 
PRO OXT  O N N 294 
PRO H    H N N 295 
PRO HA   H N N 296 
PRO HB2  H N N 297 
PRO HB3  H N N 298 
PRO HG2  H N N 299 
PRO HG3  H N N 300 
PRO HD2  H N N 301 
PRO HD3  H N N 302 
PRO HXT  H N N 303 
SER N    N N N 304 
SER CA   C N S 305 
SER C    C N N 306 
SER O    O N N 307 
SER CB   C N N 308 
SER OG   O N N 309 
SER OXT  O N N 310 
SER H    H N N 311 
SER H2   H N N 312 
SER HA   H N N 313 
SER HB2  H N N 314 
SER HB3  H N N 315 
SER HG   H N N 316 
SER HXT  H N N 317 
THR N    N N N 318 
THR CA   C N S 319 
THR C    C N N 320 
THR O    O N N 321 
THR CB   C N R 322 
THR OG1  O N N 323 
THR CG2  C N N 324 
THR OXT  O N N 325 
THR H    H N N 326 
THR H2   H N N 327 
THR HA   H N N 328 
THR HB   H N N 329 
THR HG1  H N N 330 
THR HG21 H N N 331 
THR HG22 H N N 332 
THR HG23 H N N 333 
THR HXT  H N N 334 
TRP N    N N N 335 
TRP CA   C N S 336 
TRP C    C N N 337 
TRP O    O N N 338 
TRP CB   C N N 339 
TRP CG   C Y N 340 
TRP CD1  C Y N 341 
TRP CD2  C Y N 342 
TRP NE1  N Y N 343 
TRP CE2  C Y N 344 
TRP CE3  C Y N 345 
TRP CZ2  C Y N 346 
TRP CZ3  C Y N 347 
TRP CH2  C Y N 348 
TRP OXT  O N N 349 
TRP H    H N N 350 
TRP H2   H N N 351 
TRP HA   H N N 352 
TRP HB2  H N N 353 
TRP HB3  H N N 354 
TRP HD1  H N N 355 
TRP HE1  H N N 356 
TRP HE3  H N N 357 
TRP HZ2  H N N 358 
TRP HZ3  H N N 359 
TRP HH2  H N N 360 
TRP HXT  H N N 361 
TYR N    N N N 362 
TYR CA   C N S 363 
TYR C    C N N 364 
TYR O    O N N 365 
TYR CB   C N N 366 
TYR CG   C Y N 367 
TYR CD1  C Y N 368 
TYR CD2  C Y N 369 
TYR CE1  C Y N 370 
TYR CE2  C Y N 371 
TYR CZ   C Y N 372 
TYR OH   O N N 373 
TYR OXT  O N N 374 
TYR H    H N N 375 
TYR H2   H N N 376 
TYR HA   H N N 377 
TYR HB2  H N N 378 
TYR HB3  H N N 379 
TYR HD1  H N N 380 
TYR HD2  H N N 381 
TYR HE1  H N N 382 
TYR HE2  H N N 383 
TYR HH   H N N 384 
TYR HXT  H N N 385 
VAL N    N N N 386 
VAL CA   C N S 387 
VAL C    C N N 388 
VAL O    O N N 389 
VAL CB   C N N 390 
VAL CG1  C N N 391 
VAL CG2  C N N 392 
VAL OXT  O N N 393 
VAL H    H N N 394 
VAL H2   H N N 395 
VAL HA   H N N 396 
VAL HB   H N N 397 
VAL HG11 H N N 398 
VAL HG12 H N N 399 
VAL HG13 H N N 400 
VAL HG21 H N N 401 
VAL HG22 H N N 402 
VAL HG23 H N N 403 
VAL HXT  H N N 404 
# 
loop_
_chem_comp_bond.comp_id 
_chem_comp_bond.atom_id_1 
_chem_comp_bond.atom_id_2 
_chem_comp_bond.value_order 
_chem_comp_bond.pdbx_aromatic_flag 
_chem_comp_bond.pdbx_stereo_config 
_chem_comp_bond.pdbx_ordinal 
ALA N   CA   sing N N 1   
ALA N   H    sing N N 2   
ALA N   H2   sing N N 3   
ALA CA  C    sing N N 4   
ALA CA  CB   sing N N 5   
ALA CA  HA   sing N N 6   
ALA C   O    doub N N 7   
ALA C   OXT  sing N N 8   
ALA CB  HB1  sing N N 9   
ALA CB  HB2  sing N N 10  
ALA CB  HB3  sing N N 11  
ALA OXT HXT  sing N N 12  
ARG N   CA   sing N N 13  
ARG N   H    sing N N 14  
ARG N   H2   sing N N 15  
ARG CA  C    sing N N 16  
ARG CA  CB   sing N N 17  
ARG CA  HA   sing N N 18  
ARG C   O    doub N N 19  
ARG C   OXT  sing N N 20  
ARG CB  CG   sing N N 21  
ARG CB  HB2  sing N N 22  
ARG CB  HB3  sing N N 23  
ARG CG  CD   sing N N 24  
ARG CG  HG2  sing N N 25  
ARG CG  HG3  sing N N 26  
ARG CD  NE   sing N N 27  
ARG CD  HD2  sing N N 28  
ARG CD  HD3  sing N N 29  
ARG NE  CZ   sing N N 30  
ARG NE  HE   sing N N 31  
ARG CZ  NH1  sing N N 32  
ARG CZ  NH2  doub N N 33  
ARG NH1 HH11 sing N N 34  
ARG NH1 HH12 sing N N 35  
ARG NH2 HH21 sing N N 36  
ARG NH2 HH22 sing N N 37  
ARG OXT HXT  sing N N 38  
ASN N   CA   sing N N 39  
ASN N   H    sing N N 40  
ASN N   H2   sing N N 41  
ASN CA  C    sing N N 42  
ASN CA  CB   sing N N 43  
ASN CA  HA   sing N N 44  
ASN C   O    doub N N 45  
ASN C   OXT  sing N N 46  
ASN CB  CG   sing N N 47  
ASN CB  HB2  sing N N 48  
ASN CB  HB3  sing N N 49  
ASN CG  OD1  doub N N 50  
ASN CG  ND2  sing N N 51  
ASN ND2 HD21 sing N N 52  
ASN ND2 HD22 sing N N 53  
ASN OXT HXT  sing N N 54  
ASP N   CA   sing N N 55  
ASP N   H    sing N N 56  
ASP N   H2   sing N N 57  
ASP CA  C    sing N N 58  
ASP CA  CB   sing N N 59  
ASP CA  HA   sing N N 60  
ASP C   O    doub N N 61  
ASP C   OXT  sing N N 62  
ASP CB  CG   sing N N 63  
ASP CB  HB2  sing N N 64  
ASP CB  HB3  sing N N 65  
ASP CG  OD1  doub N N 66  
ASP CG  OD2  sing N N 67  
ASP OD2 HD2  sing N N 68  
ASP OXT HXT  sing N N 69  
CYS N   CA   sing N N 70  
CYS N   H    sing N N 71  
CYS N   H2   sing N N 72  
CYS CA  C    sing N N 73  
CYS CA  CB   sing N N 74  
CYS CA  HA   sing N N 75  
CYS C   O    doub N N 76  
CYS C   OXT  sing N N 77  
CYS CB  SG   sing N N 78  
CYS CB  HB2  sing N N 79  
CYS CB  HB3  sing N N 80  
CYS SG  HG   sing N N 81  
CYS OXT HXT  sing N N 82  
GLN N   CA   sing N N 83  
GLN N   H    sing N N 84  
GLN N   H2   sing N N 85  
GLN CA  C    sing N N 86  
GLN CA  CB   sing N N 87  
GLN CA  HA   sing N N 88  
GLN C   O    doub N N 89  
GLN C   OXT  sing N N 90  
GLN CB  CG   sing N N 91  
GLN CB  HB2  sing N N 92  
GLN CB  HB3  sing N N 93  
GLN CG  CD   sing N N 94  
GLN CG  HG2  sing N N 95  
GLN CG  HG3  sing N N 96  
GLN CD  OE1  doub N N 97  
GLN CD  NE2  sing N N 98  
GLN NE2 HE21 sing N N 99  
GLN NE2 HE22 sing N N 100 
GLN OXT HXT  sing N N 101 
GLU N   CA   sing N N 102 
GLU N   H    sing N N 103 
GLU N   H2   sing N N 104 
GLU CA  C    sing N N 105 
GLU CA  CB   sing N N 106 
GLU CA  HA   sing N N 107 
GLU C   O    doub N N 108 
GLU C   OXT  sing N N 109 
GLU CB  CG   sing N N 110 
GLU CB  HB2  sing N N 111 
GLU CB  HB3  sing N N 112 
GLU CG  CD   sing N N 113 
GLU CG  HG2  sing N N 114 
GLU CG  HG3  sing N N 115 
GLU CD  OE1  doub N N 116 
GLU CD  OE2  sing N N 117 
GLU OE2 HE2  sing N N 118 
GLU OXT HXT  sing N N 119 
GLY N   CA   sing N N 120 
GLY N   H    sing N N 121 
GLY N   H2   sing N N 122 
GLY CA  C    sing N N 123 
GLY CA  HA2  sing N N 124 
GLY CA  HA3  sing N N 125 
GLY C   O    doub N N 126 
GLY C   OXT  sing N N 127 
GLY OXT HXT  sing N N 128 
GOL C1  O1   sing N N 129 
GOL C1  C2   sing N N 130 
GOL C1  H11  sing N N 131 
GOL C1  H12  sing N N 132 
GOL O1  HO1  sing N N 133 
GOL C2  O2   sing N N 134 
GOL C2  C3   sing N N 135 
GOL C2  H2   sing N N 136 
GOL O2  HO2  sing N N 137 
GOL C3  O3   sing N N 138 
GOL C3  H31  sing N N 139 
GOL C3  H32  sing N N 140 
GOL O3  HO3  sing N N 141 
HIS N   CA   sing N N 142 
HIS N   H    sing N N 143 
HIS N   H2   sing N N 144 
HIS CA  C    sing N N 145 
HIS CA  CB   sing N N 146 
HIS CA  HA   sing N N 147 
HIS C   O    doub N N 148 
HIS C   OXT  sing N N 149 
HIS CB  CG   sing N N 150 
HIS CB  HB2  sing N N 151 
HIS CB  HB3  sing N N 152 
HIS CG  ND1  sing Y N 153 
HIS CG  CD2  doub Y N 154 
HIS ND1 CE1  doub Y N 155 
HIS ND1 HD1  sing N N 156 
HIS CD2 NE2  sing Y N 157 
HIS CD2 HD2  sing N N 158 
HIS CE1 NE2  sing Y N 159 
HIS CE1 HE1  sing N N 160 
HIS NE2 HE2  sing N N 161 
HIS OXT HXT  sing N N 162 
HOH O   H1   sing N N 163 
HOH O   H2   sing N N 164 
ILE N   CA   sing N N 165 
ILE N   H    sing N N 166 
ILE N   H2   sing N N 167 
ILE CA  C    sing N N 168 
ILE CA  CB   sing N N 169 
ILE CA  HA   sing N N 170 
ILE C   O    doub N N 171 
ILE C   OXT  sing N N 172 
ILE CB  CG1  sing N N 173 
ILE CB  CG2  sing N N 174 
ILE CB  HB   sing N N 175 
ILE CG1 CD1  sing N N 176 
ILE CG1 HG12 sing N N 177 
ILE CG1 HG13 sing N N 178 
ILE CG2 HG21 sing N N 179 
ILE CG2 HG22 sing N N 180 
ILE CG2 HG23 sing N N 181 
ILE CD1 HD11 sing N N 182 
ILE CD1 HD12 sing N N 183 
ILE CD1 HD13 sing N N 184 
ILE OXT HXT  sing N N 185 
LEU N   CA   sing N N 186 
LEU N   H    sing N N 187 
LEU N   H2   sing N N 188 
LEU CA  C    sing N N 189 
LEU CA  CB   sing N N 190 
LEU CA  HA   sing N N 191 
LEU C   O    doub N N 192 
LEU C   OXT  sing N N 193 
LEU CB  CG   sing N N 194 
LEU CB  HB2  sing N N 195 
LEU CB  HB3  sing N N 196 
LEU CG  CD1  sing N N 197 
LEU CG  CD2  sing N N 198 
LEU CG  HG   sing N N 199 
LEU CD1 HD11 sing N N 200 
LEU CD1 HD12 sing N N 201 
LEU CD1 HD13 sing N N 202 
LEU CD2 HD21 sing N N 203 
LEU CD2 HD22 sing N N 204 
LEU CD2 HD23 sing N N 205 
LEU OXT HXT  sing N N 206 
LYS N   CA   sing N N 207 
LYS N   H    sing N N 208 
LYS N   H2   sing N N 209 
LYS CA  C    sing N N 210 
LYS CA  CB   sing N N 211 
LYS CA  HA   sing N N 212 
LYS C   O    doub N N 213 
LYS C   OXT  sing N N 214 
LYS CB  CG   sing N N 215 
LYS CB  HB2  sing N N 216 
LYS CB  HB3  sing N N 217 
LYS CG  CD   sing N N 218 
LYS CG  HG2  sing N N 219 
LYS CG  HG3  sing N N 220 
LYS CD  CE   sing N N 221 
LYS CD  HD2  sing N N 222 
LYS CD  HD3  sing N N 223 
LYS CE  NZ   sing N N 224 
LYS CE  HE2  sing N N 225 
LYS CE  HE3  sing N N 226 
LYS NZ  HZ1  sing N N 227 
LYS NZ  HZ2  sing N N 228 
LYS NZ  HZ3  sing N N 229 
LYS OXT HXT  sing N N 230 
MET N   CA   sing N N 231 
MET N   H    sing N N 232 
MET N   H2   sing N N 233 
MET CA  C    sing N N 234 
MET CA  CB   sing N N 235 
MET CA  HA   sing N N 236 
MET C   O    doub N N 237 
MET C   OXT  sing N N 238 
MET CB  CG   sing N N 239 
MET CB  HB2  sing N N 240 
MET CB  HB3  sing N N 241 
MET CG  SD   sing N N 242 
MET CG  HG2  sing N N 243 
MET CG  HG3  sing N N 244 
MET SD  CE   sing N N 245 
MET CE  HE1  sing N N 246 
MET CE  HE2  sing N N 247 
MET CE  HE3  sing N N 248 
MET OXT HXT  sing N N 249 
PHE N   CA   sing N N 250 
PHE N   H    sing N N 251 
PHE N   H2   sing N N 252 
PHE CA  C    sing N N 253 
PHE CA  CB   sing N N 254 
PHE CA  HA   sing N N 255 
PHE C   O    doub N N 256 
PHE C   OXT  sing N N 257 
PHE CB  CG   sing N N 258 
PHE CB  HB2  sing N N 259 
PHE CB  HB3  sing N N 260 
PHE CG  CD1  doub Y N 261 
PHE CG  CD2  sing Y N 262 
PHE CD1 CE1  sing Y N 263 
PHE CD1 HD1  sing N N 264 
PHE CD2 CE2  doub Y N 265 
PHE CD2 HD2  sing N N 266 
PHE CE1 CZ   doub Y N 267 
PHE CE1 HE1  sing N N 268 
PHE CE2 CZ   sing Y N 269 
PHE CE2 HE2  sing N N 270 
PHE CZ  HZ   sing N N 271 
PHE OXT HXT  sing N N 272 
PRO N   CA   sing N N 273 
PRO N   CD   sing N N 274 
PRO N   H    sing N N 275 
PRO CA  C    sing N N 276 
PRO CA  CB   sing N N 277 
PRO CA  HA   sing N N 278 
PRO C   O    doub N N 279 
PRO C   OXT  sing N N 280 
PRO CB  CG   sing N N 281 
PRO CB  HB2  sing N N 282 
PRO CB  HB3  sing N N 283 
PRO CG  CD   sing N N 284 
PRO CG  HG2  sing N N 285 
PRO CG  HG3  sing N N 286 
PRO CD  HD2  sing N N 287 
PRO CD  HD3  sing N N 288 
PRO OXT HXT  sing N N 289 
SER N   CA   sing N N 290 
SER N   H    sing N N 291 
SER N   H2   sing N N 292 
SER CA  C    sing N N 293 
SER CA  CB   sing N N 294 
SER CA  HA   sing N N 295 
SER C   O    doub N N 296 
SER C   OXT  sing N N 297 
SER CB  OG   sing N N 298 
SER CB  HB2  sing N N 299 
SER CB  HB3  sing N N 300 
SER OG  HG   sing N N 301 
SER OXT HXT  sing N N 302 
THR N   CA   sing N N 303 
THR N   H    sing N N 304 
THR N   H2   sing N N 305 
THR CA  C    sing N N 306 
THR CA  CB   sing N N 307 
THR CA  HA   sing N N 308 
THR C   O    doub N N 309 
THR C   OXT  sing N N 310 
THR CB  OG1  sing N N 311 
THR CB  CG2  sing N N 312 
THR CB  HB   sing N N 313 
THR OG1 HG1  sing N N 314 
THR CG2 HG21 sing N N 315 
THR CG2 HG22 sing N N 316 
THR CG2 HG23 sing N N 317 
THR OXT HXT  sing N N 318 
TRP N   CA   sing N N 319 
TRP N   H    sing N N 320 
TRP N   H2   sing N N 321 
TRP CA  C    sing N N 322 
TRP CA  CB   sing N N 323 
TRP CA  HA   sing N N 324 
TRP C   O    doub N N 325 
TRP C   OXT  sing N N 326 
TRP CB  CG   sing N N 327 
TRP CB  HB2  sing N N 328 
TRP CB  HB3  sing N N 329 
TRP CG  CD1  doub Y N 330 
TRP CG  CD2  sing Y N 331 
TRP CD1 NE1  sing Y N 332 
TRP CD1 HD1  sing N N 333 
TRP CD2 CE2  doub Y N 334 
TRP CD2 CE3  sing Y N 335 
TRP NE1 CE2  sing Y N 336 
TRP NE1 HE1  sing N N 337 
TRP CE2 CZ2  sing Y N 338 
TRP CE3 CZ3  doub Y N 339 
TRP CE3 HE3  sing N N 340 
TRP CZ2 CH2  doub Y N 341 
TRP CZ2 HZ2  sing N N 342 
TRP CZ3 CH2  sing Y N 343 
TRP CZ3 HZ3  sing N N 344 
TRP CH2 HH2  sing N N 345 
TRP OXT HXT  sing N N 346 
TYR N   CA   sing N N 347 
TYR N   H    sing N N 348 
TYR N   H2   sing N N 349 
TYR CA  C    sing N N 350 
TYR CA  CB   sing N N 351 
TYR CA  HA   sing N N 352 
TYR C   O    doub N N 353 
TYR C   OXT  sing N N 354 
TYR CB  CG   sing N N 355 
TYR CB  HB2  sing N N 356 
TYR CB  HB3  sing N N 357 
TYR CG  CD1  doub Y N 358 
TYR CG  CD2  sing Y N 359 
TYR CD1 CE1  sing Y N 360 
TYR CD1 HD1  sing N N 361 
TYR CD2 CE2  doub Y N 362 
TYR CD2 HD2  sing N N 363 
TYR CE1 CZ   doub Y N 364 
TYR CE1 HE1  sing N N 365 
TYR CE2 CZ   sing Y N 366 
TYR CE2 HE2  sing N N 367 
TYR CZ  OH   sing N N 368 
TYR OH  HH   sing N N 369 
TYR OXT HXT  sing N N 370 
VAL N   CA   sing N N 371 
VAL N   H    sing N N 372 
VAL N   H2   sing N N 373 
VAL CA  C    sing N N 374 
VAL CA  CB   sing N N 375 
VAL CA  HA   sing N N 376 
VAL C   O    doub N N 377 
VAL C   OXT  sing N N 378 
VAL CB  CG1  sing N N 379 
VAL CB  CG2  sing N N 380 
VAL CB  HB   sing N N 381 
VAL CG1 HG11 sing N N 382 
VAL CG1 HG12 sing N N 383 
VAL CG1 HG13 sing N N 384 
VAL CG2 HG21 sing N N 385 
VAL CG2 HG22 sing N N 386 
VAL CG2 HG23 sing N N 387 
VAL OXT HXT  sing N N 388 
# 
loop_
_pdbx_entity_nonpoly.entity_id 
_pdbx_entity_nonpoly.name 
_pdbx_entity_nonpoly.comp_id 
2 GLYCEROL GOL 
3 water    HOH 
# 
_pdbx_initial_refinement_model.id               1 
_pdbx_initial_refinement_model.entity_id_list   ? 
_pdbx_initial_refinement_model.type             'experimental model' 
_pdbx_initial_refinement_model.source_name      PDB 
_pdbx_initial_refinement_model.accession_code   1WJ9 
_pdbx_initial_refinement_model.details          ? 
# 
